data_5QPA
# 
_entry.id   5QPA 
# 
_audit_conform.dict_name       mmcif_pdbx.dic 
_audit_conform.dict_version    5.387 
_audit_conform.dict_location   http://mmcif.pdb.org/dictionaries/ascii/mmcif_pdbx.dic 
# 
loop_
_database_2.database_id 
_database_2.database_code 
_database_2.pdbx_database_accession 
_database_2.pdbx_DOI 
PDB   5QPA         pdb_00005qpa 10.2210/pdb5qpa/pdb 
WWPDB D_1001402235 ?            ?                   
# 
loop_
_pdbx_audit_revision_history.ordinal 
_pdbx_audit_revision_history.data_content_type 
_pdbx_audit_revision_history.major_revision 
_pdbx_audit_revision_history.minor_revision 
_pdbx_audit_revision_history.revision_date 
1 'Structure model' 1 0 2019-05-08 
2 'Structure model' 1 1 2019-11-20 
3 'Structure model' 1 2 2024-03-06 
# 
_pdbx_audit_revision_details.ordinal             1 
_pdbx_audit_revision_details.revision_ordinal    1 
_pdbx_audit_revision_details.data_content_type   'Structure model' 
_pdbx_audit_revision_details.provider            repository 
_pdbx_audit_revision_details.type                'Initial release' 
_pdbx_audit_revision_details.description         ? 
_pdbx_audit_revision_details.details             ? 
# 
loop_
_pdbx_audit_revision_group.ordinal 
_pdbx_audit_revision_group.revision_ordinal 
_pdbx_audit_revision_group.data_content_type 
_pdbx_audit_revision_group.group 
1 2 'Structure model' 'Data collection'     
2 3 'Structure model' 'Data collection'     
3 3 'Structure model' 'Database references' 
# 
loop_
_pdbx_audit_revision_category.ordinal 
_pdbx_audit_revision_category.revision_ordinal 
_pdbx_audit_revision_category.data_content_type 
_pdbx_audit_revision_category.category 
1 2 'Structure model' diffrn_source  
2 3 'Structure model' chem_comp_atom 
3 3 'Structure model' chem_comp_bond 
4 3 'Structure model' database_2     
# 
loop_
_pdbx_audit_revision_item.ordinal 
_pdbx_audit_revision_item.revision_ordinal 
_pdbx_audit_revision_item.data_content_type 
_pdbx_audit_revision_item.item 
1 2 'Structure model' '_diffrn_source.pdbx_synchrotron_beamline' 
2 2 'Structure model' '_diffrn_source.type'                      
3 3 'Structure model' '_database_2.pdbx_DOI'                     
4 3 'Structure model' '_database_2.pdbx_database_accession'      
# 
_pdbx_database_status.entry_id                        5QPA 
_pdbx_database_status.status_code                     REL 
_pdbx_database_status.status_code_sf                  REL 
_pdbx_database_status.status_code_mr                  ? 
_pdbx_database_status.status_code_cs                  ? 
_pdbx_database_status.recvd_initial_deposition_date   2019-02-22 
_pdbx_database_status.deposit_site                    RCSB 
_pdbx_database_status.process_site                    RCSB 
_pdbx_database_status.SG_entry                        ? 
_pdbx_database_status.pdb_format_compatible           Y 
_pdbx_database_status.methods_development_category    ? 
_pdbx_database_status.status_code_nmr_data            ? 
# 
loop_
_audit_author.name 
_audit_author.pdbx_ordinal 
_audit_author.identifier_ORCID 
'Nelson, E.R.'      1  ? 
'Velupillai, S.'    2  ? 
'Talon, R.'         3  ? 
'Collins, P.M.'     4  ? 
'Krojer, T.'        5  ? 
'Wang, D.'          6  ? 
'Brandao-Neto, J.'  7  ? 
'Douangamath, A.'   8  ? 
'Burgess-Brown, N.' 9  ? 
'Arrowsmith, C.H.'  10 ? 
'Bountra, C.'       11 ? 
'Huber, K.'         12 ? 
'von Delft, F.'     13 ? 
# 
_citation.id                        primary 
_citation.title                     'PanDDA analysis group deposition' 
_citation.journal_abbrev            'To Be Published' 
_citation.journal_volume            ? 
_citation.page_first                ? 
_citation.page_last                 ? 
_citation.year                      ? 
_citation.journal_id_ASTM           ? 
_citation.country                   ? 
_citation.journal_id_ISSN           ? 
_citation.journal_id_CSD            0353 
_citation.book_publisher            ? 
_citation.pdbx_database_id_PubMed   ? 
_citation.pdbx_database_id_DOI      ? 
# 
loop_
_citation_author.citation_id 
_citation_author.name 
_citation_author.identifier_ORCID 
_citation_author.ordinal 
primary 'Nelson, E.R.'      ? 1  
primary 'Velupillai, S.'    ? 2  
primary 'Talon, R.'         ? 3  
primary 'Collins, P.M.'     ? 4  
primary 'Krojer, T.'        ? 5  
primary 'Wang, D.'          ? 6  
primary 'Brandao-Neto, J.'  ? 7  
primary 'Douangamath, A.'   ? 8  
primary 'Burgess-Brown, N.' ? 9  
primary 'Arrowsmith, C.H.'  ? 10 
primary 'Bountra, C.'       ? 11 
primary 'Huber, K.'         ? 12 
primary 'von Delft, F.'     ? 13 
# 
loop_
_entity.id 
_entity.type 
_entity.src_method 
_entity.pdbx_description 
_entity.formula_weight 
_entity.pdbx_number_of_molecules 
_entity.pdbx_ec 
_entity.pdbx_mutation 
_entity.pdbx_fragment 
_entity.details 
1 polymer     man 'DCP2 (NUDT20)'                                                19073.738 1  3.6.1.62 ? 'UNP residues 95-260' ? 
2 non-polymer syn 1,2-ETHANEDIOL                                                 62.068    2  ?        ? ?                     ? 
3 non-polymer syn 'DIMETHYL SULFOXIDE'                                           78.133    1  ?        ? ?                     ? 
4 non-polymer syn 'ACETATE ION'                                                  59.044    2  ?        ? ?                     ? 
5 non-polymer syn '1-ethyl-N-[(4-fluorophenyl)methyl]-1H-pyrazole-4-carboxamide' 247.268   1  ?        ? ?                     ? 
6 water       nat water                                                          18.015    82 ?        ? ?                     ? 
# 
_entity_name_com.entity_id   1 
_entity_name_com.name        
'Nucleoside diphosphate-linked moiety X motif 20, Nudix motif 20, mRNA-decapping enzyme 2, hDpc, m7GpppN-mRNA hydrolase' 
# 
_entity_poly.entity_id                      1 
_entity_poly.type                           'polypeptide(L)' 
_entity_poly.nstd_linkage                   no 
_entity_poly.nstd_monomer                   no 
_entity_poly.pdbx_seq_one_letter_code       
;SMGVPTYGAIILDETLENVLLVQGYLAKSGWGFPKGKVNKEEAPHDCAAREVFEETGFDIKDYICKDDYIELRINDQLAR
LYIIPGIPKDTKFNPKTRREIRNIEWFSIEKLPCHRNDMTPKSKLGLAPNKFFMAIPFIRPLRDWLSRRFGDSSDSDNGF
SSTGSTP
;
_entity_poly.pdbx_seq_one_letter_code_can   
;SMGVPTYGAIILDETLENVLLVQGYLAKSGWGFPKGKVNKEEAPHDCAAREVFEETGFDIKDYICKDDYIELRINDQLAR
LYIIPGIPKDTKFNPKTRREIRNIEWFSIEKLPCHRNDMTPKSKLGLAPNKFFMAIPFIRPLRDWLSRRFGDSSDSDNGF
SSTGSTP
;
_entity_poly.pdbx_strand_id                 A 
_entity_poly.pdbx_target_identifier         ? 
# 
loop_
_pdbx_entity_nonpoly.entity_id 
_pdbx_entity_nonpoly.name 
_pdbx_entity_nonpoly.comp_id 
2 1,2-ETHANEDIOL                                                 EDO 
3 'DIMETHYL SULFOXIDE'                                           DMS 
4 'ACETATE ION'                                                  ACT 
5 '1-ethyl-N-[(4-fluorophenyl)methyl]-1H-pyrazole-4-carboxamide' JH1 
6 water                                                          HOH 
# 
loop_
_entity_poly_seq.entity_id 
_entity_poly_seq.num 
_entity_poly_seq.mon_id 
_entity_poly_seq.hetero 
1 1   SER n 
1 2   MET n 
1 3   GLY n 
1 4   VAL n 
1 5   PRO n 
1 6   THR n 
1 7   TYR n 
1 8   GLY n 
1 9   ALA n 
1 10  ILE n 
1 11  ILE n 
1 12  LEU n 
1 13  ASP n 
1 14  GLU n 
1 15  THR n 
1 16  LEU n 
1 17  GLU n 
1 18  ASN n 
1 19  VAL n 
1 20  LEU n 
1 21  LEU n 
1 22  VAL n 
1 23  GLN n 
1 24  GLY n 
1 25  TYR n 
1 26  LEU n 
1 27  ALA n 
1 28  LYS n 
1 29  SER n 
1 30  GLY n 
1 31  TRP n 
1 32  GLY n 
1 33  PHE n 
1 34  PRO n 
1 35  LYS n 
1 36  GLY n 
1 37  LYS n 
1 38  VAL n 
1 39  ASN n 
1 40  LYS n 
1 41  GLU n 
1 42  GLU n 
1 43  ALA n 
1 44  PRO n 
1 45  HIS n 
1 46  ASP n 
1 47  CYS n 
1 48  ALA n 
1 49  ALA n 
1 50  ARG n 
1 51  GLU n 
1 52  VAL n 
1 53  PHE n 
1 54  GLU n 
1 55  GLU n 
1 56  THR n 
1 57  GLY n 
1 58  PHE n 
1 59  ASP n 
1 60  ILE n 
1 61  LYS n 
1 62  ASP n 
1 63  TYR n 
1 64  ILE n 
1 65  CYS n 
1 66  LYS n 
1 67  ASP n 
1 68  ASP n 
1 69  TYR n 
1 70  ILE n 
1 71  GLU n 
1 72  LEU n 
1 73  ARG n 
1 74  ILE n 
1 75  ASN n 
1 76  ASP n 
1 77  GLN n 
1 78  LEU n 
1 79  ALA n 
1 80  ARG n 
1 81  LEU n 
1 82  TYR n 
1 83  ILE n 
1 84  ILE n 
1 85  PRO n 
1 86  GLY n 
1 87  ILE n 
1 88  PRO n 
1 89  LYS n 
1 90  ASP n 
1 91  THR n 
1 92  LYS n 
1 93  PHE n 
1 94  ASN n 
1 95  PRO n 
1 96  LYS n 
1 97  THR n 
1 98  ARG n 
1 99  ARG n 
1 100 GLU n 
1 101 ILE n 
1 102 ARG n 
1 103 ASN n 
1 104 ILE n 
1 105 GLU n 
1 106 TRP n 
1 107 PHE n 
1 108 SER n 
1 109 ILE n 
1 110 GLU n 
1 111 LYS n 
1 112 LEU n 
1 113 PRO n 
1 114 CYS n 
1 115 HIS n 
1 116 ARG n 
1 117 ASN n 
1 118 ASP n 
1 119 MET n 
1 120 THR n 
1 121 PRO n 
1 122 LYS n 
1 123 SER n 
1 124 LYS n 
1 125 LEU n 
1 126 GLY n 
1 127 LEU n 
1 128 ALA n 
1 129 PRO n 
1 130 ASN n 
1 131 LYS n 
1 132 PHE n 
1 133 PHE n 
1 134 MET n 
1 135 ALA n 
1 136 ILE n 
1 137 PRO n 
1 138 PHE n 
1 139 ILE n 
1 140 ARG n 
1 141 PRO n 
1 142 LEU n 
1 143 ARG n 
1 144 ASP n 
1 145 TRP n 
1 146 LEU n 
1 147 SER n 
1 148 ARG n 
1 149 ARG n 
1 150 PHE n 
1 151 GLY n 
1 152 ASP n 
1 153 SER n 
1 154 SER n 
1 155 ASP n 
1 156 SER n 
1 157 ASP n 
1 158 ASN n 
1 159 GLY n 
1 160 PHE n 
1 161 SER n 
1 162 SER n 
1 163 THR n 
1 164 GLY n 
1 165 SER n 
1 166 THR n 
1 167 PRO n 
# 
_entity_src_gen.entity_id                          1 
_entity_src_gen.pdbx_src_id                        1 
_entity_src_gen.pdbx_alt_source_flag               sample 
_entity_src_gen.pdbx_seq_type                      'Biological sequence' 
_entity_src_gen.pdbx_beg_seq_num                   1 
_entity_src_gen.pdbx_end_seq_num                   167 
_entity_src_gen.gene_src_common_name               Human 
_entity_src_gen.gene_src_genus                     ? 
_entity_src_gen.pdbx_gene_src_gene                 'DCP2, NUDT20' 
_entity_src_gen.gene_src_species                   ? 
_entity_src_gen.gene_src_strain                    ? 
_entity_src_gen.gene_src_tissue                    ? 
_entity_src_gen.gene_src_tissue_fraction           ? 
_entity_src_gen.gene_src_details                   ? 
_entity_src_gen.pdbx_gene_src_fragment             ? 
_entity_src_gen.pdbx_gene_src_scientific_name      'Homo sapiens' 
_entity_src_gen.pdbx_gene_src_ncbi_taxonomy_id     9606 
_entity_src_gen.pdbx_gene_src_variant              ? 
_entity_src_gen.pdbx_gene_src_cell_line            ? 
_entity_src_gen.pdbx_gene_src_atcc                 ? 
_entity_src_gen.pdbx_gene_src_organ                ? 
_entity_src_gen.pdbx_gene_src_organelle            ? 
_entity_src_gen.pdbx_gene_src_cell                 ? 
_entity_src_gen.pdbx_gene_src_cellular_location    ? 
_entity_src_gen.host_org_common_name               ? 
_entity_src_gen.pdbx_host_org_scientific_name      'Escherichia coli' 
_entity_src_gen.pdbx_host_org_ncbi_taxonomy_id     562 
_entity_src_gen.host_org_genus                     ? 
_entity_src_gen.pdbx_host_org_gene                 ? 
_entity_src_gen.pdbx_host_org_organ                ? 
_entity_src_gen.host_org_species                   ? 
_entity_src_gen.pdbx_host_org_tissue               ? 
_entity_src_gen.pdbx_host_org_tissue_fraction      ? 
_entity_src_gen.pdbx_host_org_strain               ? 
_entity_src_gen.pdbx_host_org_variant              ? 
_entity_src_gen.pdbx_host_org_cell_line            ? 
_entity_src_gen.pdbx_host_org_atcc                 ? 
_entity_src_gen.pdbx_host_org_culture_collection   ? 
_entity_src_gen.pdbx_host_org_cell                 ? 
_entity_src_gen.pdbx_host_org_organelle            ? 
_entity_src_gen.pdbx_host_org_cellular_location    ? 
_entity_src_gen.pdbx_host_org_vector_type          ? 
_entity_src_gen.pdbx_host_org_vector               ? 
_entity_src_gen.host_org_details                   ? 
_entity_src_gen.expression_system_id               ? 
_entity_src_gen.plasmid_name                       ? 
_entity_src_gen.plasmid_details                    ? 
_entity_src_gen.pdbx_description                   ? 
# 
loop_
_chem_comp.id 
_chem_comp.type 
_chem_comp.mon_nstd_flag 
_chem_comp.name 
_chem_comp.pdbx_synonyms 
_chem_comp.formula 
_chem_comp.formula_weight 
ACT non-polymer         . 'ACETATE ION'                                                  ?                 'C2 H3 O2 -1'    59.044 
ALA 'L-peptide linking' y ALANINE                                                        ?                 'C3 H7 N O2'     89.093 
ARG 'L-peptide linking' y ARGININE                                                       ?                 'C6 H15 N4 O2 1' 
175.209 
ASN 'L-peptide linking' y ASPARAGINE                                                     ?                 'C4 H8 N2 O3'    
132.118 
ASP 'L-peptide linking' y 'ASPARTIC ACID'                                                ?                 'C4 H7 N O4'     
133.103 
CYS 'L-peptide linking' y CYSTEINE                                                       ?                 'C3 H7 N O2 S'   
121.158 
DMS non-polymer         . 'DIMETHYL SULFOXIDE'                                           ?                 'C2 H6 O S'      78.133 
EDO non-polymer         . 1,2-ETHANEDIOL                                                 'ETHYLENE GLYCOL' 'C2 H6 O2'       62.068 
GLN 'L-peptide linking' y GLUTAMINE                                                      ?                 'C5 H10 N2 O3'   
146.144 
GLU 'L-peptide linking' y 'GLUTAMIC ACID'                                                ?                 'C5 H9 N O4'     
147.129 
GLY 'peptide linking'   y GLYCINE                                                        ?                 'C2 H5 N O2'     75.067 
HIS 'L-peptide linking' y HISTIDINE                                                      ?                 'C6 H10 N3 O2 1' 
156.162 
HOH non-polymer         . WATER                                                          ?                 'H2 O'           18.015 
ILE 'L-peptide linking' y ISOLEUCINE                                                     ?                 'C6 H13 N O2'    
131.173 
JH1 non-polymer         . '1-ethyl-N-[(4-fluorophenyl)methyl]-1H-pyrazole-4-carboxamide' ?                 'C13 H14 F N3 O' 
247.268 
LEU 'L-peptide linking' y LEUCINE                                                        ?                 'C6 H13 N O2'    
131.173 
LYS 'L-peptide linking' y LYSINE                                                         ?                 'C6 H15 N2 O2 1' 
147.195 
MET 'L-peptide linking' y METHIONINE                                                     ?                 'C5 H11 N O2 S'  
149.211 
PHE 'L-peptide linking' y PHENYLALANINE                                                  ?                 'C9 H11 N O2'    
165.189 
PRO 'L-peptide linking' y PROLINE                                                        ?                 'C5 H9 N O2'     
115.130 
SER 'L-peptide linking' y SERINE                                                         ?                 'C3 H7 N O3'     
105.093 
THR 'L-peptide linking' y THREONINE                                                      ?                 'C4 H9 N O3'     
119.119 
TRP 'L-peptide linking' y TRYPTOPHAN                                                     ?                 'C11 H12 N2 O2'  
204.225 
TYR 'L-peptide linking' y TYROSINE                                                       ?                 'C9 H11 N O3'    
181.189 
VAL 'L-peptide linking' y VALINE                                                         ?                 'C5 H11 N O2'    
117.146 
# 
loop_
_pdbx_poly_seq_scheme.asym_id 
_pdbx_poly_seq_scheme.entity_id 
_pdbx_poly_seq_scheme.seq_id 
_pdbx_poly_seq_scheme.mon_id 
_pdbx_poly_seq_scheme.ndb_seq_num 
_pdbx_poly_seq_scheme.pdb_seq_num 
_pdbx_poly_seq_scheme.auth_seq_num 
_pdbx_poly_seq_scheme.pdb_mon_id 
_pdbx_poly_seq_scheme.auth_mon_id 
_pdbx_poly_seq_scheme.pdb_strand_id 
_pdbx_poly_seq_scheme.pdb_ins_code 
_pdbx_poly_seq_scheme.hetero 
A 1 1   SER 1   94  ?   ?   ?   A . n 
A 1 2   MET 2   95  ?   ?   ?   A . n 
A 1 3   GLY 3   96  96  GLY GLY A . n 
A 1 4   VAL 4   97  97  VAL VAL A . n 
A 1 5   PRO 5   98  98  PRO PRO A . n 
A 1 6   THR 6   99  99  THR THR A . n 
A 1 7   TYR 7   100 100 TYR TYR A . n 
A 1 8   GLY 8   101 101 GLY GLY A . n 
A 1 9   ALA 9   102 102 ALA ALA A . n 
A 1 10  ILE 10  103 103 ILE ILE A . n 
A 1 11  ILE 11  104 104 ILE ILE A . n 
A 1 12  LEU 12  105 105 LEU LEU A . n 
A 1 13  ASP 13  106 106 ASP ASP A . n 
A 1 14  GLU 14  107 107 GLU GLU A . n 
A 1 15  THR 15  108 108 THR THR A . n 
A 1 16  LEU 16  109 109 LEU LEU A . n 
A 1 17  GLU 17  110 110 GLU GLU A . n 
A 1 18  ASN 18  111 111 ASN ASN A . n 
A 1 19  VAL 19  112 112 VAL VAL A . n 
A 1 20  LEU 20  113 113 LEU LEU A . n 
A 1 21  LEU 21  114 114 LEU LEU A . n 
A 1 22  VAL 22  115 115 VAL VAL A . n 
A 1 23  GLN 23  116 116 GLN GLN A . n 
A 1 24  GLY 24  117 117 GLY GLY A . n 
A 1 25  TYR 25  118 118 TYR TYR A . n 
A 1 26  LEU 26  119 119 LEU LEU A . n 
A 1 27  ALA 27  120 120 ALA ALA A . n 
A 1 28  LYS 28  121 121 LYS LYS A . n 
A 1 29  SER 29  122 122 SER SER A . n 
A 1 30  GLY 30  123 123 GLY GLY A . n 
A 1 31  TRP 31  124 124 TRP TRP A . n 
A 1 32  GLY 32  125 125 GLY GLY A . n 
A 1 33  PHE 33  126 126 PHE PHE A . n 
A 1 34  PRO 34  127 127 PRO PRO A . n 
A 1 35  LYS 35  128 128 LYS LYS A . n 
A 1 36  GLY 36  129 129 GLY GLY A . n 
A 1 37  LYS 37  130 130 LYS LYS A . n 
A 1 38  VAL 38  131 131 VAL VAL A . n 
A 1 39  ASN 39  132 132 ASN ASN A . n 
A 1 40  LYS 40  133 133 LYS LYS A . n 
A 1 41  GLU 41  134 134 GLU GLU A . n 
A 1 42  GLU 42  135 135 GLU GLU A . n 
A 1 43  ALA 43  136 136 ALA ALA A . n 
A 1 44  PRO 44  137 137 PRO PRO A . n 
A 1 45  HIS 45  138 138 HIS HIS A . n 
A 1 46  ASP 46  139 139 ASP ASP A . n 
A 1 47  CYS 47  140 140 CYS CYS A . n 
A 1 48  ALA 48  141 141 ALA ALA A . n 
A 1 49  ALA 49  142 142 ALA ALA A . n 
A 1 50  ARG 50  143 143 ARG ARG A . n 
A 1 51  GLU 51  144 144 GLU GLU A . n 
A 1 52  VAL 52  145 145 VAL VAL A . n 
A 1 53  PHE 53  146 146 PHE PHE A . n 
A 1 54  GLU 54  147 147 GLU GLU A . n 
A 1 55  GLU 55  148 148 GLU GLU A . n 
A 1 56  THR 56  149 149 THR THR A . n 
A 1 57  GLY 57  150 150 GLY GLY A . n 
A 1 58  PHE 58  151 151 PHE PHE A . n 
A 1 59  ASP 59  152 152 ASP ASP A . n 
A 1 60  ILE 60  153 153 ILE ILE A . n 
A 1 61  LYS 61  154 154 LYS LYS A . n 
A 1 62  ASP 62  155 155 ASP ASP A . n 
A 1 63  TYR 63  156 156 TYR TYR A . n 
A 1 64  ILE 64  157 157 ILE ILE A . n 
A 1 65  CYS 65  158 158 CYS CYS A . n 
A 1 66  LYS 66  159 159 LYS LYS A . n 
A 1 67  ASP 67  160 160 ASP ASP A . n 
A 1 68  ASP 68  161 161 ASP ASP A . n 
A 1 69  TYR 69  162 162 TYR TYR A . n 
A 1 70  ILE 70  163 163 ILE ILE A . n 
A 1 71  GLU 71  164 164 GLU GLU A . n 
A 1 72  LEU 72  165 165 LEU LEU A . n 
A 1 73  ARG 73  166 166 ARG ARG A . n 
A 1 74  ILE 74  167 167 ILE ILE A . n 
A 1 75  ASN 75  168 168 ASN ASN A . n 
A 1 76  ASP 76  169 169 ASP ASP A . n 
A 1 77  GLN 77  170 170 GLN GLN A . n 
A 1 78  LEU 78  171 171 LEU LEU A . n 
A 1 79  ALA 79  172 172 ALA ALA A . n 
A 1 80  ARG 80  173 173 ARG ARG A . n 
A 1 81  LEU 81  174 174 LEU LEU A . n 
A 1 82  TYR 82  175 175 TYR TYR A . n 
A 1 83  ILE 83  176 176 ILE ILE A . n 
A 1 84  ILE 84  177 177 ILE ILE A . n 
A 1 85  PRO 85  178 178 PRO PRO A . n 
A 1 86  GLY 86  179 179 GLY GLY A . n 
A 1 87  ILE 87  180 180 ILE ILE A . n 
A 1 88  PRO 88  181 181 PRO PRO A . n 
A 1 89  LYS 89  182 182 LYS LYS A . n 
A 1 90  ASP 90  183 183 ASP ASP A . n 
A 1 91  THR 91  184 184 THR THR A . n 
A 1 92  LYS 92  185 185 LYS LYS A . n 
A 1 93  PHE 93  186 186 PHE PHE A . n 
A 1 94  ASN 94  187 187 ASN ASN A . n 
A 1 95  PRO 95  188 188 PRO PRO A . n 
A 1 96  LYS 96  189 189 LYS LYS A . n 
A 1 97  THR 97  190 190 THR THR A . n 
A 1 98  ARG 98  191 191 ARG ARG A . n 
A 1 99  ARG 99  192 192 ARG ARG A . n 
A 1 100 GLU 100 193 193 GLU GLU A . n 
A 1 101 ILE 101 194 194 ILE ILE A . n 
A 1 102 ARG 102 195 195 ARG ARG A . n 
A 1 103 ASN 103 196 196 ASN ASN A . n 
A 1 104 ILE 104 197 197 ILE ILE A . n 
A 1 105 GLU 105 198 198 GLU GLU A . n 
A 1 106 TRP 106 199 199 TRP TRP A . n 
A 1 107 PHE 107 200 200 PHE PHE A . n 
A 1 108 SER 108 201 201 SER SER A . n 
A 1 109 ILE 109 202 202 ILE ILE A . n 
A 1 110 GLU 110 203 203 GLU GLU A . n 
A 1 111 LYS 111 204 204 LYS LYS A . n 
A 1 112 LEU 112 205 205 LEU LEU A . n 
A 1 113 PRO 113 206 206 PRO PRO A . n 
A 1 114 CYS 114 207 207 CYS CYS A . n 
A 1 115 HIS 115 208 208 HIS HIS A . n 
A 1 116 ARG 116 209 209 ARG ARG A . n 
A 1 117 ASN 117 210 210 ASN ASN A . n 
A 1 118 ASP 118 211 211 ASP ASP A . n 
A 1 119 MET 119 212 212 MET MET A . n 
A 1 120 THR 120 213 213 THR THR A . n 
A 1 121 PRO 121 214 214 PRO PRO A . n 
A 1 122 LYS 122 215 215 LYS LYS A . n 
A 1 123 SER 123 216 216 SER SER A . n 
A 1 124 LYS 124 217 217 LYS LYS A . n 
A 1 125 LEU 125 218 218 LEU LEU A . n 
A 1 126 GLY 126 219 219 GLY GLY A . n 
A 1 127 LEU 127 220 220 LEU LEU A . n 
A 1 128 ALA 128 221 221 ALA ALA A . n 
A 1 129 PRO 129 222 222 PRO PRO A . n 
A 1 130 ASN 130 223 223 ASN ASN A . n 
A 1 131 LYS 131 224 224 LYS LYS A . n 
A 1 132 PHE 132 225 225 PHE PHE A . n 
A 1 133 PHE 133 226 226 PHE PHE A . n 
A 1 134 MET 134 227 227 MET MET A . n 
A 1 135 ALA 135 228 228 ALA ALA A . n 
A 1 136 ILE 136 229 229 ILE ILE A . n 
A 1 137 PRO 137 230 230 PRO PRO A . n 
A 1 138 PHE 138 231 231 PHE PHE A . n 
A 1 139 ILE 139 232 232 ILE ILE A . n 
A 1 140 ARG 140 233 233 ARG ARG A . n 
A 1 141 PRO 141 234 234 PRO PRO A . n 
A 1 142 LEU 142 235 235 LEU LEU A . n 
A 1 143 ARG 143 236 236 ARG ARG A . n 
A 1 144 ASP 144 237 237 ASP ASP A . n 
A 1 145 TRP 145 238 238 TRP TRP A . n 
A 1 146 LEU 146 239 239 LEU LEU A . n 
A 1 147 SER 147 240 240 SER SER A . n 
A 1 148 ARG 148 241 241 ARG ARG A . n 
A 1 149 ARG 149 242 242 ARG ARG A . n 
A 1 150 PHE 150 243 243 PHE PHE A . n 
A 1 151 GLY 151 244 244 GLY GLY A . n 
A 1 152 ASP 152 245 ?   ?   ?   A . n 
A 1 153 SER 153 246 ?   ?   ?   A . n 
A 1 154 SER 154 247 ?   ?   ?   A . n 
A 1 155 ASP 155 248 ?   ?   ?   A . n 
A 1 156 SER 156 249 ?   ?   ?   A . n 
A 1 157 ASP 157 250 ?   ?   ?   A . n 
A 1 158 ASN 158 251 ?   ?   ?   A . n 
A 1 159 GLY 159 252 ?   ?   ?   A . n 
A 1 160 PHE 160 253 ?   ?   ?   A . n 
A 1 161 SER 161 254 ?   ?   ?   A . n 
A 1 162 SER 162 255 ?   ?   ?   A . n 
A 1 163 THR 163 256 ?   ?   ?   A . n 
A 1 164 GLY 164 257 ?   ?   ?   A . n 
A 1 165 SER 165 258 ?   ?   ?   A . n 
A 1 166 THR 166 259 ?   ?   ?   A . n 
A 1 167 PRO 167 260 ?   ?   ?   A . n 
# 
loop_
_pdbx_nonpoly_scheme.asym_id 
_pdbx_nonpoly_scheme.entity_id 
_pdbx_nonpoly_scheme.mon_id 
_pdbx_nonpoly_scheme.ndb_seq_num 
_pdbx_nonpoly_scheme.pdb_seq_num 
_pdbx_nonpoly_scheme.auth_seq_num 
_pdbx_nonpoly_scheme.pdb_mon_id 
_pdbx_nonpoly_scheme.auth_mon_id 
_pdbx_nonpoly_scheme.pdb_strand_id 
_pdbx_nonpoly_scheme.pdb_ins_code 
B 2 EDO 1  301 2   EDO EDO A . 
C 2 EDO 1  302 3   EDO EDO A . 
D 3 DMS 1  303 1   DMS DMS A . 
E 4 ACT 1  304 1   ACT ACT A . 
F 4 ACT 1  305 2   ACT ACT A . 
G 5 JH1 1  306 1   JH1 LIG A . 
H 6 HOH 1  401 8   HOH HOH A . 
H 6 HOH 2  402 33  HOH HOH A . 
H 6 HOH 3  403 70  HOH HOH A . 
H 6 HOH 4  404 66  HOH HOH A . 
H 6 HOH 5  405 60  HOH HOH A . 
H 6 HOH 6  406 96  HOH HOH A . 
H 6 HOH 7  407 90  HOH HOH A . 
H 6 HOH 8  408 39  HOH HOH A . 
H 6 HOH 9  409 68  HOH HOH A . 
H 6 HOH 10 410 78  HOH HOH A . 
H 6 HOH 11 411 12  HOH HOH A . 
H 6 HOH 12 412 17  HOH HOH A . 
H 6 HOH 13 413 36  HOH HOH A . 
H 6 HOH 14 414 80  HOH HOH A . 
H 6 HOH 15 415 13  HOH HOH A . 
H 6 HOH 16 416 23  HOH HOH A . 
H 6 HOH 17 417 14  HOH HOH A . 
H 6 HOH 18 418 10  HOH HOH A . 
H 6 HOH 19 419 24  HOH HOH A . 
H 6 HOH 20 420 4   HOH HOH A . 
H 6 HOH 21 421 35  HOH HOH A . 
H 6 HOH 22 422 31  HOH HOH A . 
H 6 HOH 23 423 67  HOH HOH A . 
H 6 HOH 24 424 81  HOH HOH A . 
H 6 HOH 25 425 65  HOH HOH A . 
H 6 HOH 26 426 5   HOH HOH A . 
H 6 HOH 27 427 94  HOH HOH A . 
H 6 HOH 28 428 1   HOH HOH A . 
H 6 HOH 29 429 43  HOH HOH A . 
H 6 HOH 30 430 6   HOH HOH A . 
H 6 HOH 31 431 46  HOH HOH A . 
H 6 HOH 32 432 29  HOH HOH A . 
H 6 HOH 33 433 71  HOH HOH A . 
H 6 HOH 34 434 74  HOH HOH A . 
H 6 HOH 35 435 27  HOH HOH A . 
H 6 HOH 36 436 59  HOH HOH A . 
H 6 HOH 37 437 11  HOH HOH A . 
H 6 HOH 38 438 64  HOH HOH A . 
H 6 HOH 39 439 38  HOH HOH A . 
H 6 HOH 40 440 7   HOH HOH A . 
H 6 HOH 41 441 100 HOH HOH A . 
H 6 HOH 42 442 2   HOH HOH A . 
H 6 HOH 43 443 30  HOH HOH A . 
H 6 HOH 44 444 32  HOH HOH A . 
H 6 HOH 45 445 95  HOH HOH A . 
H 6 HOH 46 446 79  HOH HOH A . 
H 6 HOH 47 447 76  HOH HOH A . 
H 6 HOH 48 448 84  HOH HOH A . 
H 6 HOH 49 449 102 HOH HOH A . 
H 6 HOH 50 450 88  HOH HOH A . 
H 6 HOH 51 451 47  HOH HOH A . 
H 6 HOH 52 452 3   HOH HOH A . 
H 6 HOH 53 453 9   HOH HOH A . 
H 6 HOH 54 454 72  HOH HOH A . 
H 6 HOH 55 455 15  HOH HOH A . 
H 6 HOH 56 456 57  HOH HOH A . 
H 6 HOH 57 457 22  HOH HOH A . 
H 6 HOH 58 458 106 HOH HOH A . 
H 6 HOH 59 459 19  HOH HOH A . 
H 6 HOH 60 460 25  HOH HOH A . 
H 6 HOH 61 461 105 HOH HOH A . 
H 6 HOH 62 462 69  HOH HOH A . 
H 6 HOH 63 463 16  HOH HOH A . 
H 6 HOH 64 464 28  HOH HOH A . 
H 6 HOH 65 465 40  HOH HOH A . 
H 6 HOH 66 466 97  HOH HOH A . 
H 6 HOH 67 467 55  HOH HOH A . 
H 6 HOH 68 468 42  HOH HOH A . 
H 6 HOH 69 469 52  HOH HOH A . 
H 6 HOH 70 470 21  HOH HOH A . 
H 6 HOH 71 471 86  HOH HOH A . 
H 6 HOH 72 472 92  HOH HOH A . 
H 6 HOH 73 473 50  HOH HOH A . 
H 6 HOH 74 474 104 HOH HOH A . 
H 6 HOH 75 475 26  HOH HOH A . 
H 6 HOH 76 476 62  HOH HOH A . 
H 6 HOH 77 477 20  HOH HOH A . 
H 6 HOH 78 478 56  HOH HOH A . 
H 6 HOH 79 479 87  HOH HOH A . 
H 6 HOH 80 480 93  HOH HOH A . 
H 6 HOH 81 481 51  HOH HOH A . 
H 6 HOH 82 482 41  HOH HOH A . 
# 
loop_
_pdbx_unobs_or_zero_occ_atoms.id 
_pdbx_unobs_or_zero_occ_atoms.PDB_model_num 
_pdbx_unobs_or_zero_occ_atoms.polymer_flag 
_pdbx_unobs_or_zero_occ_atoms.occupancy_flag 
_pdbx_unobs_or_zero_occ_atoms.auth_asym_id 
_pdbx_unobs_or_zero_occ_atoms.auth_comp_id 
_pdbx_unobs_or_zero_occ_atoms.auth_seq_id 
_pdbx_unobs_or_zero_occ_atoms.PDB_ins_code 
_pdbx_unobs_or_zero_occ_atoms.auth_atom_id 
_pdbx_unobs_or_zero_occ_atoms.label_alt_id 
_pdbx_unobs_or_zero_occ_atoms.label_asym_id 
_pdbx_unobs_or_zero_occ_atoms.label_comp_id 
_pdbx_unobs_or_zero_occ_atoms.label_seq_id 
_pdbx_unobs_or_zero_occ_atoms.label_atom_id 
1  1 Y 1 A LYS 130 ? CE  ? A LYS 37  CE  
2  1 Y 1 A LYS 130 ? NZ  ? A LYS 37  NZ  
3  1 Y 1 A LYS 133 ? CG  ? A LYS 40  CG  
4  1 Y 1 A LYS 133 ? CD  ? A LYS 40  CD  
5  1 Y 1 A LYS 133 ? CE  ? A LYS 40  CE  
6  1 Y 1 A LYS 133 ? NZ  ? A LYS 40  NZ  
7  1 Y 1 A GLU 134 ? CG  ? A GLU 41  CG  
8  1 Y 1 A GLU 134 ? CD  ? A GLU 41  CD  
9  1 Y 1 A GLU 134 ? OE1 ? A GLU 41  OE1 
10 1 Y 1 A GLU 134 ? OE2 ? A GLU 41  OE2 
11 1 Y 1 A LYS 159 ? CD  ? A LYS 66  CD  
12 1 Y 1 A LYS 159 ? CE  ? A LYS 66  CE  
13 1 Y 1 A LYS 159 ? NZ  ? A LYS 66  NZ  
14 1 Y 1 A LYS 185 ? CE  ? A LYS 92  CE  
15 1 Y 1 A LYS 185 ? NZ  ? A LYS 92  NZ  
16 1 Y 1 A LYS 215 ? CD  ? A LYS 122 CD  
17 1 Y 1 A LYS 215 ? CE  ? A LYS 122 CE  
18 1 Y 1 A LYS 215 ? NZ  ? A LYS 122 NZ  
19 1 Y 1 A LYS 217 ? CE  ? A LYS 124 CE  
20 1 Y 1 A LYS 217 ? NZ  ? A LYS 124 NZ  
21 1 Y 1 A ARG 241 ? CD  ? A ARG 148 CD  
22 1 Y 1 A ARG 241 ? NE  ? A ARG 148 NE  
23 1 Y 1 A ARG 241 ? CZ  ? A ARG 148 CZ  
24 1 Y 1 A ARG 241 ? NH1 ? A ARG 148 NH1 
25 1 Y 1 A ARG 241 ? NH2 ? A ARG 148 NH2 
# 
loop_
_software.pdbx_ordinal 
_software.name 
_software.version 
_software.date 
_software.type 
_software.contact_author 
_software.contact_author_email 
_software.classification 
_software.location 
_software.language 
_software.citation_id 
1 REFMAC      5.8.0189 ?               program 'Garib N. Murshudov' garib@ysbl.york.ac.uk    refinement        
http://www.ccp4.ac.uk/dist/html/refmac5.html        Fortran_77 ? 
2 Aimless     0.5.32   29/03/17        program 'Phil Evans'         ?                        'data scaling'    
http://www.mrc-lmb.cam.ac.uk/harry/pre/aimless.html ?          ? 
3 PDB_EXTRACT 3.23     'SEP. 23, 2016' package PDB                  deposit@deposit.rcsb.org 'data extraction' 
http://sw-tools.pdb.org/apps/PDB_EXTRACT/           C++        ? 
4 XDS         .        ?               program ?                    ?                        'data reduction'  ? ?          ? 
5 REFMAC      .        ?               program ?                    ?                        phasing           ? ?          ? 
# 
_cell.entry_id           5QPA 
_cell.length_a           48.640 
_cell.length_b           60.490 
_cell.length_c           65.770 
_cell.angle_alpha        90.000 
_cell.angle_beta         90.000 
_cell.angle_gamma        90.000 
_cell.Z_PDB              4 
_cell.pdbx_unique_axis   ? 
# 
_symmetry.entry_id                         5QPA 
_symmetry.Int_Tables_number                19 
_symmetry.space_group_name_H-M             'P 21 21 21' 
_symmetry.pdbx_full_space_group_name_H-M   ? 
_symmetry.cell_setting                     ? 
# 
_exptl.crystals_number   1 
_exptl.entry_id          5QPA 
_exptl.method            'X-RAY DIFFRACTION' 
# 
_exptl_crystal.id                    1 
_exptl_crystal.pdbx_mosaicity        0.000 
_exptl_crystal.pdbx_mosaicity_esd    ? 
_exptl_crystal.density_Matthews      2.54 
_exptl_crystal.density_diffrn        ? 
_exptl_crystal.density_meas          ? 
_exptl_crystal.density_meas_temp     ? 
_exptl_crystal.density_percent_sol   51.51 
_exptl_crystal.size_max              ? 
_exptl_crystal.size_mid              ? 
_exptl_crystal.size_min              ? 
_exptl_crystal.size_rad              ? 
_exptl_crystal.description           ? 
# 
_exptl_crystal_grow.crystal_id      1 
_exptl_crystal_grow.method          'VAPOR DIFFUSION, SITTING DROP' 
_exptl_crystal_grow.pH              4.5 
_exptl_crystal_grow.temp            277 
_exptl_crystal_grow.pdbx_details    '0.1 M acetate, pH 4.5, 5-25% PEG3350' 
_exptl_crystal_grow.temp_details    ? 
_exptl_crystal_grow.pdbx_pH_range   ? 
# 
_diffrn.id                     1 
_diffrn.ambient_temp           ? 
_diffrn.crystal_id             1 
_diffrn.ambient_temp_details   ? 
# 
_diffrn_detector.detector               PIXEL 
_diffrn_detector.type                   'DECTRIS PILATUS 2M' 
_diffrn_detector.pdbx_collection_date   2017-07-27 
_diffrn_detector.diffrn_id              1 
_diffrn_detector.details                ? 
# 
_diffrn_radiation.diffrn_id                        1 
_diffrn_radiation.wavelength_id                    1 
_diffrn_radiation.pdbx_diffrn_protocol             'SINGLE WAVELENGTH' 
_diffrn_radiation.pdbx_monochromatic_or_laue_m_l   ? 
_diffrn_radiation.monochromator                    ? 
_diffrn_radiation.pdbx_scattering_type             x-ray 
# 
_diffrn_radiation_wavelength.id           1 
_diffrn_radiation_wavelength.wavelength   0.91587 
_diffrn_radiation_wavelength.wt           1.0 
# 
_diffrn_source.diffrn_id                   1 
_diffrn_source.source                      SYNCHROTRON 
_diffrn_source.type                        'DIAMOND BEAMLINE I04-1' 
_diffrn_source.pdbx_wavelength_list        0.91587 
_diffrn_source.pdbx_synchrotron_site       Diamond 
_diffrn_source.pdbx_synchrotron_beamline   I04-1 
_diffrn_source.pdbx_wavelength             ? 
# 
_reflns.entry_id                     5QPA 
_reflns.pdbx_diffrn_id               1 
_reflns.pdbx_ordinal                 1 
_reflns.observed_criterion_sigma_I   ? 
_reflns.observed_criterion_sigma_F   ? 
_reflns.d_resolution_low             24.320 
_reflns.d_resolution_high            1.610 
_reflns.number_obs                   25556 
_reflns.number_all                   ? 
_reflns.percent_possible_obs         99.000 
_reflns.pdbx_Rmerge_I_obs            0.036 
_reflns.pdbx_Rsym_value              ? 
_reflns.pdbx_netI_over_sigmaI        20.200 
_reflns.B_iso_Wilson_estimate        ? 
_reflns.pdbx_redundancy              6.100 
_reflns.pdbx_Rrim_I_all              0.039 
_reflns.pdbx_Rpim_I_all              0.016 
_reflns.pdbx_CC_half                 0.999 
_reflns.pdbx_netI_over_av_sigmaI     ? 
_reflns.pdbx_number_measured_all     155936 
_reflns.pdbx_scaling_rejects         0 
_reflns.pdbx_chi_squared             ? 
_reflns.Rmerge_F_all                 ? 
_reflns.Rmerge_F_obs                 ? 
_reflns.observed_criterion_F_max     ? 
_reflns.observed_criterion_F_min     ? 
_reflns.observed_criterion_I_max     ? 
_reflns.observed_criterion_I_min     ? 
_reflns.pdbx_d_res_high_opt          ? 
_reflns.pdbx_d_res_low_opt           ? 
_reflns.details                      ? 
# 
loop_
_reflns_shell.pdbx_diffrn_id 
_reflns_shell.pdbx_ordinal 
_reflns_shell.d_res_high 
_reflns_shell.d_res_low 
_reflns_shell.number_measured_obs 
_reflns_shell.number_measured_all 
_reflns_shell.number_unique_obs 
_reflns_shell.pdbx_rejects 
_reflns_shell.Rmerge_I_obs 
_reflns_shell.meanI_over_sigI_obs 
_reflns_shell.pdbx_Rsym_value 
_reflns_shell.pdbx_chi_squared 
_reflns_shell.pdbx_redundancy 
_reflns_shell.percent_possible_obs 
_reflns_shell.pdbx_netI_over_sigmaI_obs 
_reflns_shell.number_possible 
_reflns_shell.number_unique_all 
_reflns_shell.Rmerge_F_all 
_reflns_shell.Rmerge_F_obs 
_reflns_shell.Rmerge_I_all 
_reflns_shell.meanI_over_sigI_all 
_reflns_shell.percent_possible_all 
_reflns_shell.pdbx_Rrim_I_all 
_reflns_shell.pdbx_Rpim_I_all 
_reflns_shell.pdbx_CC_half 
1 1 1.610 1.650  ? 9633 ? ? 1.186 ? ? ? 5.200 ? 1.200  ? 1856 ? ? ? ? 99.000 1.322 0.579 0.724 
1 2 7.200 24.320 ? 1830 ? ? 0.034 ? ? ? 5.400 ? 56.500 ? 340  ? ? ? ? 97.600 0.038 0.017 0.998 
# 
_refine.entry_id                                 5QPA 
_refine.pdbx_refine_id                           'X-RAY DIFFRACTION' 
_refine.ls_d_res_high                            1.6100 
_refine.ls_d_res_low                             44.5600 
_refine.pdbx_ls_sigma_F                          0.000 
_refine.pdbx_data_cutoff_high_absF               ? 
_refine.pdbx_data_cutoff_low_absF                ? 
_refine.ls_percent_reflns_obs                    98.8900 
_refine.ls_number_reflns_obs                     24245 
_refine.ls_number_reflns_all                     ? 
_refine.pdbx_ls_cross_valid_method               THROUGHOUT 
_refine.ls_matrix_type                           ? 
_refine.pdbx_R_Free_selection_details            RANDOM 
_refine.details                                  
'HYDROGENS HAVE BEEN ADDED IN THE RIDING POSITIONS U VALUES : REFINED INDIVIDUALLY' 
_refine.ls_R_factor_all                          ? 
_refine.ls_R_factor_obs                          0.2097 
_refine.ls_R_factor_R_work                       0.2075 
_refine.ls_wR_factor_R_work                      ? 
_refine.ls_R_factor_R_free                       0.2560 
_refine.ls_wR_factor_R_free                      ? 
_refine.ls_percent_reflns_R_free                 4.9000 
_refine.ls_number_reflns_R_free                  1254 
_refine.ls_number_reflns_R_work                  ? 
_refine.ls_R_factor_R_free_error                 ? 
_refine.B_iso_mean                               43.5010 
_refine.solvent_model_param_bsol                 ? 
_refine.solvent_model_param_ksol                 ? 
_refine.pdbx_isotropic_thermal_model             ? 
_refine.aniso_B[1][1]                            3.1000 
_refine.aniso_B[2][2]                            -2.6600 
_refine.aniso_B[3][3]                            -0.4500 
_refine.aniso_B[1][2]                            0.0000 
_refine.aniso_B[1][3]                            -0.0000 
_refine.aniso_B[2][3]                            0.0000 
_refine.correlation_coeff_Fo_to_Fc               0.9670 
_refine.correlation_coeff_Fo_to_Fc_free          0.9430 
_refine.overall_SU_R_Cruickshank_DPI             ? 
_refine.pdbx_overall_SU_R_free_Cruickshank_DPI   ? 
_refine.pdbx_overall_SU_R_Blow_DPI               ? 
_refine.pdbx_overall_SU_R_free_Blow_DPI          ? 
_refine.overall_SU_R_free                        ? 
_refine.pdbx_overall_ESU_R                       0.1060 
_refine.pdbx_overall_ESU_R_Free                  0.1110 
_refine.overall_SU_ML                            0.1140 
_refine.overall_SU_B                             3.5180 
_refine.solvent_model_details                    MASK 
_refine.pdbx_solvent_vdw_probe_radii             1.2000 
_refine.pdbx_solvent_ion_probe_radii             0.8000 
_refine.pdbx_solvent_shrinkage_radii             0.8000 
_refine.ls_number_parameters                     ? 
_refine.ls_number_restraints                     ? 
_refine.pdbx_starting_model                      'PDB entry 5MP0' 
_refine.pdbx_method_to_determine_struct          'FOURIER SYNTHESIS' 
_refine.pdbx_stereochemistry_target_values       'MAXIMUM LIKELIHOOD' 
_refine.pdbx_stereochem_target_val_spec_case     ? 
_refine.overall_FOM_work_R_set                   ? 
_refine.B_iso_max                                120.770 
_refine.B_iso_min                                23.300 
_refine.pdbx_overall_phase_error                 ? 
_refine.occupancy_max                            ? 
_refine.occupancy_min                            ? 
_refine.pdbx_diffrn_id                           1 
_refine.pdbx_TLS_residual_ADP_flag               ? 
_refine.pdbx_ls_sigma_I                          ? 
_refine.pdbx_data_cutoff_high_rms_absF           ? 
_refine.ls_R_factor_R_free_error_details         ? 
# 
_refine_hist.cycle_id                         final 
_refine_hist.pdbx_refine_id                   'X-RAY DIFFRACTION' 
_refine_hist.d_res_high                       1.6100 
_refine_hist.d_res_low                        44.5600 
_refine_hist.pdbx_number_atoms_ligand         38 
_refine_hist.number_atoms_solvent             82 
_refine_hist.number_atoms_total               1315 
_refine_hist.pdbx_number_residues_total       149 
_refine_hist.pdbx_B_iso_mean_ligand           65.87 
_refine_hist.pdbx_B_iso_mean_solvent          49.67 
_refine_hist.pdbx_number_atoms_protein        1195 
_refine_hist.pdbx_number_atoms_nucleic_acid   0 
# 
loop_
_refine_ls_restr.pdbx_refine_id 
_refine_ls_restr.type 
_refine_ls_restr.number 
_refine_ls_restr.dev_ideal 
_refine_ls_restr.dev_ideal_target 
_refine_ls_restr.weight 
_refine_ls_restr.pdbx_restraint_function 
'X-RAY DIFFRACTION' r_bond_refined_d       1869 0.017  0.019  ? ? 
'X-RAY DIFFRACTION' r_bond_other_d         1537 0.003  0.020  ? ? 
'X-RAY DIFFRACTION' r_angle_refined_deg    2229 1.928  1.965  ? ? 
'X-RAY DIFFRACTION' r_angle_other_deg      3554 1.083  2.978  ? ? 
'X-RAY DIFFRACTION' r_dihedral_angle_1_deg 202  6.166  5.000  ? ? 
'X-RAY DIFFRACTION' r_dihedral_angle_2_deg 81   30.917 21.358 ? ? 
'X-RAY DIFFRACTION' r_dihedral_angle_3_deg 280  15.917 15.000 ? ? 
'X-RAY DIFFRACTION' r_dihedral_angle_4_deg 22   18.344 15.000 ? ? 
'X-RAY DIFFRACTION' r_chiral_restr         217  0.125  0.200  ? ? 
'X-RAY DIFFRACTION' r_gen_planes_refined   1896 0.010  0.021  ? ? 
'X-RAY DIFFRACTION' r_gen_planes_other     392  0.003  0.020  ? ? 
'X-RAY DIFFRACTION' r_mcbond_it            853  3.777  4.173  ? ? 
'X-RAY DIFFRACTION' r_mcbond_other         840  3.778  4.130  ? ? 
'X-RAY DIFFRACTION' r_mcangle_it           976  5.837  6.145  ? ? 
# 
_refine_ls_shell.d_res_high                       1.6100 
_refine_ls_shell.d_res_low                        1.6520 
_refine_ls_shell.pdbx_total_number_of_bins_used   20 
_refine_ls_shell.percent_reflns_obs               98.9900 
_refine_ls_shell.number_reflns_R_work             1758 
_refine_ls_shell.R_factor_all                     ? 
_refine_ls_shell.R_factor_R_work                  0.3420 
_refine_ls_shell.R_factor_R_free                  0.3550 
_refine_ls_shell.percent_reflns_R_free            ? 
_refine_ls_shell.number_reflns_R_free             95 
_refine_ls_shell.R_factor_R_free_error            ? 
_refine_ls_shell.number_reflns_all                1853 
_refine_ls_shell.number_reflns_obs                ? 
_refine_ls_shell.pdbx_refine_id                   'X-RAY DIFFRACTION' 
# 
_struct.entry_id                  5QPA 
_struct.title                     
'PanDDA analysis group deposition -- Crystal Structure of DCP2 (NUDT20) in complex with FMOPL000449a' 
_struct.pdbx_model_details        ? 
_struct.pdbx_CASP_flag            ? 
_struct.pdbx_model_type_details   ? 
# 
_struct_keywords.entry_id        5QPA 
_struct_keywords.text            'SGC - Diamond I04-1 fragment screening, PanDDA, XChemExplorer, HYDROLASE' 
_struct_keywords.pdbx_keywords   HYDROLASE 
# 
loop_
_struct_asym.id 
_struct_asym.pdbx_blank_PDB_chainid_flag 
_struct_asym.pdbx_modified 
_struct_asym.entity_id 
_struct_asym.details 
A N N 1 ? 
B N N 2 ? 
C N N 2 ? 
D N N 3 ? 
E N N 4 ? 
F N N 4 ? 
G N N 5 ? 
H N N 6 ? 
# 
_struct_ref.id                         1 
_struct_ref.db_name                    UNP 
_struct_ref.db_code                    DCP2_HUMAN 
_struct_ref.pdbx_db_accession          Q8IU60 
_struct_ref.pdbx_db_isoform            ? 
_struct_ref.entity_id                  1 
_struct_ref.pdbx_seq_one_letter_code   
;MGVPTYGAIILDETLENVLLVQGYLAKSGWGFPKGKVNKEEAPHDCAAREVFEETGFDIKDYICKDDYIELRINDQLARL
YIIPGIPKDTKFNPKTRREIRNIEWFSIEKLPCHRNDMTPKSKLGLAPNKFFMAIPFIRPLRDWLSRRFGDSSDSDNGFS
STGSTP
;
_struct_ref.pdbx_align_begin           95 
# 
_struct_ref_seq.align_id                      1 
_struct_ref_seq.ref_id                        1 
_struct_ref_seq.pdbx_PDB_id_code              5QPA 
_struct_ref_seq.pdbx_strand_id                A 
_struct_ref_seq.seq_align_beg                 2 
_struct_ref_seq.pdbx_seq_align_beg_ins_code   ? 
_struct_ref_seq.seq_align_end                 167 
_struct_ref_seq.pdbx_seq_align_end_ins_code   ? 
_struct_ref_seq.pdbx_db_accession             Q8IU60 
_struct_ref_seq.db_align_beg                  95 
_struct_ref_seq.pdbx_db_align_beg_ins_code    ? 
_struct_ref_seq.db_align_end                  260 
_struct_ref_seq.pdbx_db_align_end_ins_code    ? 
_struct_ref_seq.pdbx_auth_seq_align_beg       95 
_struct_ref_seq.pdbx_auth_seq_align_end       260 
# 
_struct_ref_seq_dif.align_id                     1 
_struct_ref_seq_dif.pdbx_pdb_id_code             5QPA 
_struct_ref_seq_dif.mon_id                       SER 
_struct_ref_seq_dif.pdbx_pdb_strand_id           A 
_struct_ref_seq_dif.seq_num                      1 
_struct_ref_seq_dif.pdbx_pdb_ins_code            ? 
_struct_ref_seq_dif.pdbx_seq_db_name             UNP 
_struct_ref_seq_dif.pdbx_seq_db_accession_code   Q8IU60 
_struct_ref_seq_dif.db_mon_id                    ? 
_struct_ref_seq_dif.pdbx_seq_db_seq_num          ? 
_struct_ref_seq_dif.details                      'expression tag' 
_struct_ref_seq_dif.pdbx_auth_seq_num            94 
_struct_ref_seq_dif.pdbx_ordinal                 1 
# 
_pdbx_struct_assembly.id                   1 
_pdbx_struct_assembly.details              author_and_software_defined_assembly 
_pdbx_struct_assembly.method_details       PISA 
_pdbx_struct_assembly.oligomeric_details   monomeric 
_pdbx_struct_assembly.oligomeric_count     1 
# 
loop_
_pdbx_struct_assembly_prop.biol_id 
_pdbx_struct_assembly_prop.type 
_pdbx_struct_assembly_prop.value 
_pdbx_struct_assembly_prop.details 
1 'ABSA (A^2)' 810  ? 
1 MORE         4    ? 
1 'SSA (A^2)'  8670 ? 
# 
_pdbx_struct_assembly_gen.assembly_id       1 
_pdbx_struct_assembly_gen.oper_expression   1 
_pdbx_struct_assembly_gen.asym_id_list      A,B,C,D,E,F,G,H 
# 
_pdbx_struct_oper_list.id                   1 
_pdbx_struct_oper_list.type                 'identity operation' 
_pdbx_struct_oper_list.name                 1_555 
_pdbx_struct_oper_list.symmetry_operation   x,y,z 
_pdbx_struct_oper_list.matrix[1][1]         1.0000000000 
_pdbx_struct_oper_list.matrix[1][2]         0.0000000000 
_pdbx_struct_oper_list.matrix[1][3]         0.0000000000 
_pdbx_struct_oper_list.vector[1]            0.0000000000 
_pdbx_struct_oper_list.matrix[2][1]         0.0000000000 
_pdbx_struct_oper_list.matrix[2][2]         1.0000000000 
_pdbx_struct_oper_list.matrix[2][3]         0.0000000000 
_pdbx_struct_oper_list.vector[2]            0.0000000000 
_pdbx_struct_oper_list.matrix[3][1]         0.0000000000 
_pdbx_struct_oper_list.matrix[3][2]         0.0000000000 
_pdbx_struct_oper_list.matrix[3][3]         1.0000000000 
_pdbx_struct_oper_list.vector[3]            0.0000000000 
# 
loop_
_struct_conf.conf_type_id 
_struct_conf.id 
_struct_conf.pdbx_PDB_helix_id 
_struct_conf.beg_label_comp_id 
_struct_conf.beg_label_asym_id 
_struct_conf.beg_label_seq_id 
_struct_conf.pdbx_beg_PDB_ins_code 
_struct_conf.end_label_comp_id 
_struct_conf.end_label_asym_id 
_struct_conf.end_label_seq_id 
_struct_conf.pdbx_end_PDB_ins_code 
_struct_conf.beg_auth_comp_id 
_struct_conf.beg_auth_asym_id 
_struct_conf.beg_auth_seq_id 
_struct_conf.end_auth_comp_id 
_struct_conf.end_auth_asym_id 
_struct_conf.end_auth_seq_id 
_struct_conf.pdbx_PDB_helix_class 
_struct_conf.details 
_struct_conf.pdbx_PDB_helix_length 
HELX_P HELX_P1 AA1 LEU A 26  ? SER A 29  ? LEU A 119 SER A 122 5 ? 4  
HELX_P HELX_P2 AA2 ALA A 43  ? GLY A 57  ? ALA A 136 GLY A 150 1 ? 15 
HELX_P HELX_P3 AA3 THR A 120 ? SER A 123 ? THR A 213 SER A 216 5 ? 4  
HELX_P HELX_P4 AA4 ALA A 135 ? PRO A 137 ? ALA A 228 PRO A 230 5 ? 3  
HELX_P HELX_P5 AA5 PHE A 138 ? PHE A 150 ? PHE A 231 PHE A 243 1 ? 13 
# 
_struct_conf_type.id          HELX_P 
_struct_conf_type.criteria    ? 
_struct_conf_type.reference   ? 
# 
loop_
_struct_sheet.id 
_struct_sheet.type 
_struct_sheet.number_strands 
_struct_sheet.details 
AA1 ? 4 ? 
AA2 ? 3 ? 
AA3 ? 2 ? 
# 
loop_
_struct_sheet_order.sheet_id 
_struct_sheet_order.range_id_1 
_struct_sheet_order.range_id_2 
_struct_sheet_order.offset 
_struct_sheet_order.sense 
AA1 1 2 ? anti-parallel 
AA1 2 3 ? parallel      
AA1 3 4 ? anti-parallel 
AA2 1 2 ? anti-parallel 
AA2 2 3 ? anti-parallel 
AA3 1 2 ? anti-parallel 
# 
loop_
_struct_sheet_range.sheet_id 
_struct_sheet_range.id 
_struct_sheet_range.beg_label_comp_id 
_struct_sheet_range.beg_label_asym_id 
_struct_sheet_range.beg_label_seq_id 
_struct_sheet_range.pdbx_beg_PDB_ins_code 
_struct_sheet_range.end_label_comp_id 
_struct_sheet_range.end_label_asym_id 
_struct_sheet_range.end_label_seq_id 
_struct_sheet_range.pdbx_end_PDB_ins_code 
_struct_sheet_range.beg_auth_comp_id 
_struct_sheet_range.beg_auth_asym_id 
_struct_sheet_range.beg_auth_seq_id 
_struct_sheet_range.end_auth_comp_id 
_struct_sheet_range.end_auth_asym_id 
_struct_sheet_range.end_auth_seq_id 
AA1 1 LYS A 35  ? LYS A 37  ? LYS A 128 LYS A 130 
AA1 2 THR A 6   ? ILE A 11  ? THR A 99  ILE A 104 
AA1 3 GLN A 77  ? ILE A 84  ? GLN A 170 ILE A 177 
AA1 4 TYR A 69  ? ILE A 74  ? TYR A 162 ILE A 167 
AA2 1 TRP A 31  ? GLY A 32  ? TRP A 124 GLY A 125 
AA2 2 ASN A 18  ? GLY A 24  ? ASN A 111 GLY A 117 
AA2 3 ILE A 101 ? SER A 108 ? ILE A 194 SER A 201 
AA3 1 ASP A 118 ? MET A 119 ? ASP A 211 MET A 212 
AA3 2 LYS A 124 ? LEU A 127 ? LYS A 217 LEU A 220 
# 
loop_
_pdbx_struct_sheet_hbond.sheet_id 
_pdbx_struct_sheet_hbond.range_id_1 
_pdbx_struct_sheet_hbond.range_id_2 
_pdbx_struct_sheet_hbond.range_1_label_atom_id 
_pdbx_struct_sheet_hbond.range_1_label_comp_id 
_pdbx_struct_sheet_hbond.range_1_label_asym_id 
_pdbx_struct_sheet_hbond.range_1_label_seq_id 
_pdbx_struct_sheet_hbond.range_1_PDB_ins_code 
_pdbx_struct_sheet_hbond.range_1_auth_atom_id 
_pdbx_struct_sheet_hbond.range_1_auth_comp_id 
_pdbx_struct_sheet_hbond.range_1_auth_asym_id 
_pdbx_struct_sheet_hbond.range_1_auth_seq_id 
_pdbx_struct_sheet_hbond.range_2_label_atom_id 
_pdbx_struct_sheet_hbond.range_2_label_comp_id 
_pdbx_struct_sheet_hbond.range_2_label_asym_id 
_pdbx_struct_sheet_hbond.range_2_label_seq_id 
_pdbx_struct_sheet_hbond.range_2_PDB_ins_code 
_pdbx_struct_sheet_hbond.range_2_auth_atom_id 
_pdbx_struct_sheet_hbond.range_2_auth_comp_id 
_pdbx_struct_sheet_hbond.range_2_auth_asym_id 
_pdbx_struct_sheet_hbond.range_2_auth_seq_id 
AA1 1 2 O GLY A 36  ? O GLY A 129 N TYR A 7   ? N TYR A 100 
AA1 2 3 N ILE A 10  ? N ILE A 103 O ILE A 84  ? O ILE A 177 
AA1 3 4 O GLN A 77  ? O GLN A 170 N ILE A 74  ? N ILE A 167 
AA2 1 2 O GLY A 32  ? O GLY A 125 N VAL A 22  ? N VAL A 115 
AA2 2 3 N LEU A 21  ? N LEU A 114 O GLU A 105 ? O GLU A 198 
AA3 1 2 N MET A 119 ? N MET A 212 O LYS A 124 ? O LYS A 217 
# 
loop_
_struct_site.id 
_struct_site.pdbx_evidence_code 
_struct_site.pdbx_auth_asym_id 
_struct_site.pdbx_auth_comp_id 
_struct_site.pdbx_auth_seq_id 
_struct_site.pdbx_auth_ins_code 
_struct_site.pdbx_num_residues 
_struct_site.details 
AC1 Software A EDO 301 ? 4  'binding site for residue EDO A 301' 
AC2 Software A EDO 302 ? 2  'binding site for residue EDO A 302' 
AC3 Software A DMS 303 ? 2  'binding site for residue DMS A 303' 
AC4 Software A ACT 304 ? 4  'binding site for residue ACT A 304' 
AC5 Software A ACT 305 ? 2  'binding site for residue ACT A 305' 
AC6 Software A JH1 306 ? 10 'binding site for residue JH1 A 306' 
# 
loop_
_struct_site_gen.id 
_struct_site_gen.site_id 
_struct_site_gen.pdbx_num_res 
_struct_site_gen.label_comp_id 
_struct_site_gen.label_asym_id 
_struct_site_gen.label_seq_id 
_struct_site_gen.pdbx_auth_ins_code 
_struct_site_gen.auth_comp_id 
_struct_site_gen.auth_asym_id 
_struct_site_gen.auth_seq_id 
_struct_site_gen.label_atom_id 
_struct_site_gen.label_alt_id 
_struct_site_gen.symmetry 
_struct_site_gen.details 
1  AC1 4  ASP A 59  ? ASP A 152 . ? 1_555 ? 
2  AC1 4  LYS A 61  ? LYS A 154 . ? 1_555 ? 
3  AC1 4  HOH H .   ? HOH A 431 . ? 1_555 ? 
4  AC1 4  HOH H .   ? HOH A 466 . ? 1_555 ? 
5  AC2 2  ASN A 130 ? ASN A 223 . ? 1_555 ? 
6  AC2 2  HOH H .   ? HOH A 459 . ? 1_555 ? 
7  AC3 2  ASN A 18  ? ASN A 111 . ? 1_555 ? 
8  AC3 2  TRP A 106 ? TRP A 199 . ? 1_555 ? 
9  AC4 4  SER A 29  ? SER A 122 . ? 1_555 ? 
10 AC4 4  TYR A 63  ? TYR A 156 . ? 3_357 ? 
11 AC4 4  PRO A 88  ? PRO A 181 . ? 3_357 ? 
12 AC4 4  HOH H .   ? HOH A 409 . ? 1_555 ? 
13 AC5 2  ARG A 116 ? ARG A 209 . ? 1_555 ? 
14 AC5 2  PHE A 133 ? PHE A 226 . ? 1_555 ? 
15 AC6 10 VAL A 22  ? VAL A 115 . ? 1_555 ? 
16 AC6 10 ALA A 27  ? ALA A 120 . ? 1_555 ? 
17 AC6 10 LYS A 28  ? LYS A 121 . ? 1_555 ? 
18 AC6 10 GLY A 32  ? GLY A 125 . ? 1_555 ? 
19 AC6 10 LYS A 35  ? LYS A 128 . ? 1_555 ? 
20 AC6 10 GLU A 55  ? GLU A 148 . ? 1_555 ? 
21 AC6 10 ILE A 101 ? ILE A 194 . ? 1_555 ? 
22 AC6 10 PHE A 133 ? PHE A 226 . ? 1_555 ? 
23 AC6 10 MET A 134 ? MET A 227 . ? 1_555 ? 
24 AC6 10 HOH H .   ? HOH A 444 . ? 1_555 ? 
# 
_pdbx_validate_rmsd_bond.id                        1 
_pdbx_validate_rmsd_bond.PDB_model_num             1 
_pdbx_validate_rmsd_bond.auth_atom_id_1            CB 
_pdbx_validate_rmsd_bond.auth_asym_id_1            A 
_pdbx_validate_rmsd_bond.auth_comp_id_1            TYR 
_pdbx_validate_rmsd_bond.auth_seq_id_1             156 
_pdbx_validate_rmsd_bond.PDB_ins_code_1            ? 
_pdbx_validate_rmsd_bond.label_alt_id_1            ? 
_pdbx_validate_rmsd_bond.auth_atom_id_2            CG 
_pdbx_validate_rmsd_bond.auth_asym_id_2            A 
_pdbx_validate_rmsd_bond.auth_comp_id_2            TYR 
_pdbx_validate_rmsd_bond.auth_seq_id_2             156 
_pdbx_validate_rmsd_bond.PDB_ins_code_2            ? 
_pdbx_validate_rmsd_bond.label_alt_id_2            ? 
_pdbx_validate_rmsd_bond.bond_value                1.414 
_pdbx_validate_rmsd_bond.bond_target_value         1.512 
_pdbx_validate_rmsd_bond.bond_deviation            -0.098 
_pdbx_validate_rmsd_bond.bond_standard_deviation   0.015 
_pdbx_validate_rmsd_bond.linker_flag               N 
# 
loop_
_pdbx_validate_rmsd_angle.id 
_pdbx_validate_rmsd_angle.PDB_model_num 
_pdbx_validate_rmsd_angle.auth_atom_id_1 
_pdbx_validate_rmsd_angle.auth_asym_id_1 
_pdbx_validate_rmsd_angle.auth_comp_id_1 
_pdbx_validate_rmsd_angle.auth_seq_id_1 
_pdbx_validate_rmsd_angle.PDB_ins_code_1 
_pdbx_validate_rmsd_angle.label_alt_id_1 
_pdbx_validate_rmsd_angle.auth_atom_id_2 
_pdbx_validate_rmsd_angle.auth_asym_id_2 
_pdbx_validate_rmsd_angle.auth_comp_id_2 
_pdbx_validate_rmsd_angle.auth_seq_id_2 
_pdbx_validate_rmsd_angle.PDB_ins_code_2 
_pdbx_validate_rmsd_angle.label_alt_id_2 
_pdbx_validate_rmsd_angle.auth_atom_id_3 
_pdbx_validate_rmsd_angle.auth_asym_id_3 
_pdbx_validate_rmsd_angle.auth_comp_id_3 
_pdbx_validate_rmsd_angle.auth_seq_id_3 
_pdbx_validate_rmsd_angle.PDB_ins_code_3 
_pdbx_validate_rmsd_angle.label_alt_id_3 
_pdbx_validate_rmsd_angle.angle_value 
_pdbx_validate_rmsd_angle.angle_target_value 
_pdbx_validate_rmsd_angle.angle_deviation 
_pdbx_validate_rmsd_angle.angle_standard_deviation 
_pdbx_validate_rmsd_angle.linker_flag 
1 1 CB A ASP 106 ? ? CG A ASP 106 ? ? OD1 A ASP 106 ? ? 124.37 118.30 6.07  0.90 N 
2 1 CB A ASP 106 ? ? CG A ASP 106 ? ? OD2 A ASP 106 ? ? 111.31 118.30 -6.99 0.90 N 
3 1 CB A ASP 152 ? ? CG A ASP 152 ? ? OD1 A ASP 152 ? ? 124.24 118.30 5.94  0.90 N 
# 
loop_
_pdbx_validate_torsion.id 
_pdbx_validate_torsion.PDB_model_num 
_pdbx_validate_torsion.auth_comp_id 
_pdbx_validate_torsion.auth_asym_id 
_pdbx_validate_torsion.auth_seq_id 
_pdbx_validate_torsion.PDB_ins_code 
_pdbx_validate_torsion.label_alt_id 
_pdbx_validate_torsion.phi 
_pdbx_validate_torsion.psi 
1 1 LEU A 119 ? ? 61.19 -119.26 
2 1 ASP A 169 ? ? 71.62 -6.09   
# 
_phasing.method   MR 
# 
loop_
_pdbx_unobs_or_zero_occ_residues.id 
_pdbx_unobs_or_zero_occ_residues.PDB_model_num 
_pdbx_unobs_or_zero_occ_residues.polymer_flag 
_pdbx_unobs_or_zero_occ_residues.occupancy_flag 
_pdbx_unobs_or_zero_occ_residues.auth_asym_id 
_pdbx_unobs_or_zero_occ_residues.auth_comp_id 
_pdbx_unobs_or_zero_occ_residues.auth_seq_id 
_pdbx_unobs_or_zero_occ_residues.PDB_ins_code 
_pdbx_unobs_or_zero_occ_residues.label_asym_id 
_pdbx_unobs_or_zero_occ_residues.label_comp_id 
_pdbx_unobs_or_zero_occ_residues.label_seq_id 
1  1 Y 1 A SER 94  ? A SER 1   
2  1 Y 1 A MET 95  ? A MET 2   
3  1 Y 1 A ASP 245 ? A ASP 152 
4  1 Y 1 A SER 246 ? A SER 153 
5  1 Y 1 A SER 247 ? A SER 154 
6  1 Y 1 A ASP 248 ? A ASP 155 
7  1 Y 1 A SER 249 ? A SER 156 
8  1 Y 1 A ASP 250 ? A ASP 157 
9  1 Y 1 A ASN 251 ? A ASN 158 
10 1 Y 1 A GLY 252 ? A GLY 159 
11 1 Y 1 A PHE 253 ? A PHE 160 
12 1 Y 1 A SER 254 ? A SER 161 
13 1 Y 1 A SER 255 ? A SER 162 
14 1 Y 1 A THR 256 ? A THR 163 
15 1 Y 1 A GLY 257 ? A GLY 164 
16 1 Y 1 A SER 258 ? A SER 165 
17 1 Y 1 A THR 259 ? A THR 166 
18 1 Y 1 A PRO 260 ? A PRO 167 
# 
loop_
_chem_comp_atom.comp_id 
_chem_comp_atom.atom_id 
_chem_comp_atom.type_symbol 
_chem_comp_atom.pdbx_aromatic_flag 
_chem_comp_atom.pdbx_stereo_config 
_chem_comp_atom.pdbx_ordinal 
ACT C    C N N 1   
ACT O    O N N 2   
ACT OXT  O N N 3   
ACT CH3  C N N 4   
ACT H1   H N N 5   
ACT H2   H N N 6   
ACT H3   H N N 7   
ALA N    N N N 8   
ALA CA   C N S 9   
ALA C    C N N 10  
ALA O    O N N 11  
ALA CB   C N N 12  
ALA OXT  O N N 13  
ALA H    H N N 14  
ALA H2   H N N 15  
ALA HA   H N N 16  
ALA HB1  H N N 17  
ALA HB2  H N N 18  
ALA HB3  H N N 19  
ALA HXT  H N N 20  
ARG N    N N N 21  
ARG CA   C N S 22  
ARG C    C N N 23  
ARG O    O N N 24  
ARG CB   C N N 25  
ARG CG   C N N 26  
ARG CD   C N N 27  
ARG NE   N N N 28  
ARG CZ   C N N 29  
ARG NH1  N N N 30  
ARG NH2  N N N 31  
ARG OXT  O N N 32  
ARG H    H N N 33  
ARG H2   H N N 34  
ARG HA   H N N 35  
ARG HB2  H N N 36  
ARG HB3  H N N 37  
ARG HG2  H N N 38  
ARG HG3  H N N 39  
ARG HD2  H N N 40  
ARG HD3  H N N 41  
ARG HE   H N N 42  
ARG HH11 H N N 43  
ARG HH12 H N N 44  
ARG HH21 H N N 45  
ARG HH22 H N N 46  
ARG HXT  H N N 47  
ASN N    N N N 48  
ASN CA   C N S 49  
ASN C    C N N 50  
ASN O    O N N 51  
ASN CB   C N N 52  
ASN CG   C N N 53  
ASN OD1  O N N 54  
ASN ND2  N N N 55  
ASN OXT  O N N 56  
ASN H    H N N 57  
ASN H2   H N N 58  
ASN HA   H N N 59  
ASN HB2  H N N 60  
ASN HB3  H N N 61  
ASN HD21 H N N 62  
ASN HD22 H N N 63  
ASN HXT  H N N 64  
ASP N    N N N 65  
ASP CA   C N S 66  
ASP C    C N N 67  
ASP O    O N N 68  
ASP CB   C N N 69  
ASP CG   C N N 70  
ASP OD1  O N N 71  
ASP OD2  O N N 72  
ASP OXT  O N N 73  
ASP H    H N N 74  
ASP H2   H N N 75  
ASP HA   H N N 76  
ASP HB2  H N N 77  
ASP HB3  H N N 78  
ASP HD2  H N N 79  
ASP HXT  H N N 80  
CYS N    N N N 81  
CYS CA   C N R 82  
CYS C    C N N 83  
CYS O    O N N 84  
CYS CB   C N N 85  
CYS SG   S N N 86  
CYS OXT  O N N 87  
CYS H    H N N 88  
CYS H2   H N N 89  
CYS HA   H N N 90  
CYS HB2  H N N 91  
CYS HB3  H N N 92  
CYS HG   H N N 93  
CYS HXT  H N N 94  
DMS S    S N N 95  
DMS O    O N N 96  
DMS C1   C N N 97  
DMS C2   C N N 98  
DMS H11  H N N 99  
DMS H12  H N N 100 
DMS H13  H N N 101 
DMS H21  H N N 102 
DMS H22  H N N 103 
DMS H23  H N N 104 
EDO C1   C N N 105 
EDO O1   O N N 106 
EDO C2   C N N 107 
EDO O2   O N N 108 
EDO H11  H N N 109 
EDO H12  H N N 110 
EDO HO1  H N N 111 
EDO H21  H N N 112 
EDO H22  H N N 113 
EDO HO2  H N N 114 
GLN N    N N N 115 
GLN CA   C N S 116 
GLN C    C N N 117 
GLN O    O N N 118 
GLN CB   C N N 119 
GLN CG   C N N 120 
GLN CD   C N N 121 
GLN OE1  O N N 122 
GLN NE2  N N N 123 
GLN OXT  O N N 124 
GLN H    H N N 125 
GLN H2   H N N 126 
GLN HA   H N N 127 
GLN HB2  H N N 128 
GLN HB3  H N N 129 
GLN HG2  H N N 130 
GLN HG3  H N N 131 
GLN HE21 H N N 132 
GLN HE22 H N N 133 
GLN HXT  H N N 134 
GLU N    N N N 135 
GLU CA   C N S 136 
GLU C    C N N 137 
GLU O    O N N 138 
GLU CB   C N N 139 
GLU CG   C N N 140 
GLU CD   C N N 141 
GLU OE1  O N N 142 
GLU OE2  O N N 143 
GLU OXT  O N N 144 
GLU H    H N N 145 
GLU H2   H N N 146 
GLU HA   H N N 147 
GLU HB2  H N N 148 
GLU HB3  H N N 149 
GLU HG2  H N N 150 
GLU HG3  H N N 151 
GLU HE2  H N N 152 
GLU HXT  H N N 153 
GLY N    N N N 154 
GLY CA   C N N 155 
GLY C    C N N 156 
GLY O    O N N 157 
GLY OXT  O N N 158 
GLY H    H N N 159 
GLY H2   H N N 160 
GLY HA2  H N N 161 
GLY HA3  H N N 162 
GLY HXT  H N N 163 
HIS N    N N N 164 
HIS CA   C N S 165 
HIS C    C N N 166 
HIS O    O N N 167 
HIS CB   C N N 168 
HIS CG   C Y N 169 
HIS ND1  N Y N 170 
HIS CD2  C Y N 171 
HIS CE1  C Y N 172 
HIS NE2  N Y N 173 
HIS OXT  O N N 174 
HIS H    H N N 175 
HIS H2   H N N 176 
HIS HA   H N N 177 
HIS HB2  H N N 178 
HIS HB3  H N N 179 
HIS HD1  H N N 180 
HIS HD2  H N N 181 
HIS HE1  H N N 182 
HIS HE2  H N N 183 
HIS HXT  H N N 184 
HOH O    O N N 185 
HOH H1   H N N 186 
HOH H2   H N N 187 
ILE N    N N N 188 
ILE CA   C N S 189 
ILE C    C N N 190 
ILE O    O N N 191 
ILE CB   C N S 192 
ILE CG1  C N N 193 
ILE CG2  C N N 194 
ILE CD1  C N N 195 
ILE OXT  O N N 196 
ILE H    H N N 197 
ILE H2   H N N 198 
ILE HA   H N N 199 
ILE HB   H N N 200 
ILE HG12 H N N 201 
ILE HG13 H N N 202 
ILE HG21 H N N 203 
ILE HG22 H N N 204 
ILE HG23 H N N 205 
ILE HD11 H N N 206 
ILE HD12 H N N 207 
ILE HD13 H N N 208 
ILE HXT  H N N 209 
JH1 C13  C Y N 210 
JH1 C15  C Y N 211 
JH1 C17  C Y N 212 
JH1 C01  C N N 213 
JH1 C02  C N N 214 
JH1 N03  N Y N 215 
JH1 C04  C Y N 216 
JH1 C05  C Y N 217 
JH1 C06  C Y N 218 
JH1 N07  N Y N 219 
JH1 C08  C N N 220 
JH1 O09  O N N 221 
JH1 N10  N N N 222 
JH1 C11  C N N 223 
JH1 C12  C Y N 224 
JH1 C14  C Y N 225 
JH1 C16  C Y N 226 
JH1 F18  F N N 227 
JH1 H131 H N N 228 
JH1 H171 H N N 229 
JH1 H012 H N N 230 
JH1 H013 H N N 231 
JH1 H011 H N N 232 
JH1 H021 H N N 233 
JH1 H022 H N N 234 
JH1 H041 H N N 235 
JH1 H061 H N N 236 
JH1 H101 H N N 237 
JH1 H111 H N N 238 
JH1 H112 H N N 239 
JH1 H141 H N N 240 
JH1 H161 H N N 241 
LEU N    N N N 242 
LEU CA   C N S 243 
LEU C    C N N 244 
LEU O    O N N 245 
LEU CB   C N N 246 
LEU CG   C N N 247 
LEU CD1  C N N 248 
LEU CD2  C N N 249 
LEU OXT  O N N 250 
LEU H    H N N 251 
LEU H2   H N N 252 
LEU HA   H N N 253 
LEU HB2  H N N 254 
LEU HB3  H N N 255 
LEU HG   H N N 256 
LEU HD11 H N N 257 
LEU HD12 H N N 258 
LEU HD13 H N N 259 
LEU HD21 H N N 260 
LEU HD22 H N N 261 
LEU HD23 H N N 262 
LEU HXT  H N N 263 
LYS N    N N N 264 
LYS CA   C N S 265 
LYS C    C N N 266 
LYS O    O N N 267 
LYS CB   C N N 268 
LYS CG   C N N 269 
LYS CD   C N N 270 
LYS CE   C N N 271 
LYS NZ   N N N 272 
LYS OXT  O N N 273 
LYS H    H N N 274 
LYS H2   H N N 275 
LYS HA   H N N 276 
LYS HB2  H N N 277 
LYS HB3  H N N 278 
LYS HG2  H N N 279 
LYS HG3  H N N 280 
LYS HD2  H N N 281 
LYS HD3  H N N 282 
LYS HE2  H N N 283 
LYS HE3  H N N 284 
LYS HZ1  H N N 285 
LYS HZ2  H N N 286 
LYS HZ3  H N N 287 
LYS HXT  H N N 288 
MET N    N N N 289 
MET CA   C N S 290 
MET C    C N N 291 
MET O    O N N 292 
MET CB   C N N 293 
MET CG   C N N 294 
MET SD   S N N 295 
MET CE   C N N 296 
MET OXT  O N N 297 
MET H    H N N 298 
MET H2   H N N 299 
MET HA   H N N 300 
MET HB2  H N N 301 
MET HB3  H N N 302 
MET HG2  H N N 303 
MET HG3  H N N 304 
MET HE1  H N N 305 
MET HE2  H N N 306 
MET HE3  H N N 307 
MET HXT  H N N 308 
PHE N    N N N 309 
PHE CA   C N S 310 
PHE C    C N N 311 
PHE O    O N N 312 
PHE CB   C N N 313 
PHE CG   C Y N 314 
PHE CD1  C Y N 315 
PHE CD2  C Y N 316 
PHE CE1  C Y N 317 
PHE CE2  C Y N 318 
PHE CZ   C Y N 319 
PHE OXT  O N N 320 
PHE H    H N N 321 
PHE H2   H N N 322 
PHE HA   H N N 323 
PHE HB2  H N N 324 
PHE HB3  H N N 325 
PHE HD1  H N N 326 
PHE HD2  H N N 327 
PHE HE1  H N N 328 
PHE HE2  H N N 329 
PHE HZ   H N N 330 
PHE HXT  H N N 331 
PRO N    N N N 332 
PRO CA   C N S 333 
PRO C    C N N 334 
PRO O    O N N 335 
PRO CB   C N N 336 
PRO CG   C N N 337 
PRO CD   C N N 338 
PRO OXT  O N N 339 
PRO H    H N N 340 
PRO HA   H N N 341 
PRO HB2  H N N 342 
PRO HB3  H N N 343 
PRO HG2  H N N 344 
PRO HG3  H N N 345 
PRO HD2  H N N 346 
PRO HD3  H N N 347 
PRO HXT  H N N 348 
SER N    N N N 349 
SER CA   C N S 350 
SER C    C N N 351 
SER O    O N N 352 
SER CB   C N N 353 
SER OG   O N N 354 
SER OXT  O N N 355 
SER H    H N N 356 
SER H2   H N N 357 
SER HA   H N N 358 
SER HB2  H N N 359 
SER HB3  H N N 360 
SER HG   H N N 361 
SER HXT  H N N 362 
THR N    N N N 363 
THR CA   C N S 364 
THR C    C N N 365 
THR O    O N N 366 
THR CB   C N R 367 
THR OG1  O N N 368 
THR CG2  C N N 369 
THR OXT  O N N 370 
THR H    H N N 371 
THR H2   H N N 372 
THR HA   H N N 373 
THR HB   H N N 374 
THR HG1  H N N 375 
THR HG21 H N N 376 
THR HG22 H N N 377 
THR HG23 H N N 378 
THR HXT  H N N 379 
TRP N    N N N 380 
TRP CA   C N S 381 
TRP C    C N N 382 
TRP O    O N N 383 
TRP CB   C N N 384 
TRP CG   C Y N 385 
TRP CD1  C Y N 386 
TRP CD2  C Y N 387 
TRP NE1  N Y N 388 
TRP CE2  C Y N 389 
TRP CE3  C Y N 390 
TRP CZ2  C Y N 391 
TRP CZ3  C Y N 392 
TRP CH2  C Y N 393 
TRP OXT  O N N 394 
TRP H    H N N 395 
TRP H2   H N N 396 
TRP HA   H N N 397 
TRP HB2  H N N 398 
TRP HB3  H N N 399 
TRP HD1  H N N 400 
TRP HE1  H N N 401 
TRP HE3  H N N 402 
TRP HZ2  H N N 403 
TRP HZ3  H N N 404 
TRP HH2  H N N 405 
TRP HXT  H N N 406 
TYR N    N N N 407 
TYR CA   C N S 408 
TYR C    C N N 409 
TYR O    O N N 410 
TYR CB   C N N 411 
TYR CG   C Y N 412 
TYR CD1  C Y N 413 
TYR CD2  C Y N 414 
TYR CE1  C Y N 415 
TYR CE2  C Y N 416 
TYR CZ   C Y N 417 
TYR OH   O N N 418 
TYR OXT  O N N 419 
TYR H    H N N 420 
TYR H2   H N N 421 
TYR HA   H N N 422 
TYR HB2  H N N 423 
TYR HB3  H N N 424 
TYR HD1  H N N 425 
TYR HD2  H N N 426 
TYR HE1  H N N 427 
TYR HE2  H N N 428 
TYR HH   H N N 429 
TYR HXT  H N N 430 
VAL N    N N N 431 
VAL CA   C N S 432 
VAL C    C N N 433 
VAL O    O N N 434 
VAL CB   C N N 435 
VAL CG1  C N N 436 
VAL CG2  C N N 437 
VAL OXT  O N N 438 
VAL H    H N N 439 
VAL H2   H N N 440 
VAL HA   H N N 441 
VAL HB   H N N 442 
VAL HG11 H N N 443 
VAL HG12 H N N 444 
VAL HG13 H N N 445 
VAL HG21 H N N 446 
VAL HG22 H N N 447 
VAL HG23 H N N 448 
VAL HXT  H N N 449 
# 
loop_
_chem_comp_bond.comp_id 
_chem_comp_bond.atom_id_1 
_chem_comp_bond.atom_id_2 
_chem_comp_bond.value_order 
_chem_comp_bond.pdbx_aromatic_flag 
_chem_comp_bond.pdbx_stereo_config 
_chem_comp_bond.pdbx_ordinal 
ACT C   O    doub N N 1   
ACT C   OXT  sing N N 2   
ACT C   CH3  sing N N 3   
ACT CH3 H1   sing N N 4   
ACT CH3 H2   sing N N 5   
ACT CH3 H3   sing N N 6   
ALA N   CA   sing N N 7   
ALA N   H    sing N N 8   
ALA N   H2   sing N N 9   
ALA CA  C    sing N N 10  
ALA CA  CB   sing N N 11  
ALA CA  HA   sing N N 12  
ALA C   O    doub N N 13  
ALA C   OXT  sing N N 14  
ALA CB  HB1  sing N N 15  
ALA CB  HB2  sing N N 16  
ALA CB  HB3  sing N N 17  
ALA OXT HXT  sing N N 18  
ARG N   CA   sing N N 19  
ARG N   H    sing N N 20  
ARG N   H2   sing N N 21  
ARG CA  C    sing N N 22  
ARG CA  CB   sing N N 23  
ARG CA  HA   sing N N 24  
ARG C   O    doub N N 25  
ARG C   OXT  sing N N 26  
ARG CB  CG   sing N N 27  
ARG CB  HB2  sing N N 28  
ARG CB  HB3  sing N N 29  
ARG CG  CD   sing N N 30  
ARG CG  HG2  sing N N 31  
ARG CG  HG3  sing N N 32  
ARG CD  NE   sing N N 33  
ARG CD  HD2  sing N N 34  
ARG CD  HD3  sing N N 35  
ARG NE  CZ   sing N N 36  
ARG NE  HE   sing N N 37  
ARG CZ  NH1  sing N N 38  
ARG CZ  NH2  doub N N 39  
ARG NH1 HH11 sing N N 40  
ARG NH1 HH12 sing N N 41  
ARG NH2 HH21 sing N N 42  
ARG NH2 HH22 sing N N 43  
ARG OXT HXT  sing N N 44  
ASN N   CA   sing N N 45  
ASN N   H    sing N N 46  
ASN N   H2   sing N N 47  
ASN CA  C    sing N N 48  
ASN CA  CB   sing N N 49  
ASN CA  HA   sing N N 50  
ASN C   O    doub N N 51  
ASN C   OXT  sing N N 52  
ASN CB  CG   sing N N 53  
ASN CB  HB2  sing N N 54  
ASN CB  HB3  sing N N 55  
ASN CG  OD1  doub N N 56  
ASN CG  ND2  sing N N 57  
ASN ND2 HD21 sing N N 58  
ASN ND2 HD22 sing N N 59  
ASN OXT HXT  sing N N 60  
ASP N   CA   sing N N 61  
ASP N   H    sing N N 62  
ASP N   H2   sing N N 63  
ASP CA  C    sing N N 64  
ASP CA  CB   sing N N 65  
ASP CA  HA   sing N N 66  
ASP C   O    doub N N 67  
ASP C   OXT  sing N N 68  
ASP CB  CG   sing N N 69  
ASP CB  HB2  sing N N 70  
ASP CB  HB3  sing N N 71  
ASP CG  OD1  doub N N 72  
ASP CG  OD2  sing N N 73  
ASP OD2 HD2  sing N N 74  
ASP OXT HXT  sing N N 75  
CYS N   CA   sing N N 76  
CYS N   H    sing N N 77  
CYS N   H2   sing N N 78  
CYS CA  C    sing N N 79  
CYS CA  CB   sing N N 80  
CYS CA  HA   sing N N 81  
CYS C   O    doub N N 82  
CYS C   OXT  sing N N 83  
CYS CB  SG   sing N N 84  
CYS CB  HB2  sing N N 85  
CYS CB  HB3  sing N N 86  
CYS SG  HG   sing N N 87  
CYS OXT HXT  sing N N 88  
DMS S   O    doub N N 89  
DMS S   C1   sing N N 90  
DMS S   C2   sing N N 91  
DMS C1  H11  sing N N 92  
DMS C1  H12  sing N N 93  
DMS C1  H13  sing N N 94  
DMS C2  H21  sing N N 95  
DMS C2  H22  sing N N 96  
DMS C2  H23  sing N N 97  
EDO C1  O1   sing N N 98  
EDO C1  C2   sing N N 99  
EDO C1  H11  sing N N 100 
EDO C1  H12  sing N N 101 
EDO O1  HO1  sing N N 102 
EDO C2  O2   sing N N 103 
EDO C2  H21  sing N N 104 
EDO C2  H22  sing N N 105 
EDO O2  HO2  sing N N 106 
GLN N   CA   sing N N 107 
GLN N   H    sing N N 108 
GLN N   H2   sing N N 109 
GLN CA  C    sing N N 110 
GLN CA  CB   sing N N 111 
GLN CA  HA   sing N N 112 
GLN C   O    doub N N 113 
GLN C   OXT  sing N N 114 
GLN CB  CG   sing N N 115 
GLN CB  HB2  sing N N 116 
GLN CB  HB3  sing N N 117 
GLN CG  CD   sing N N 118 
GLN CG  HG2  sing N N 119 
GLN CG  HG3  sing N N 120 
GLN CD  OE1  doub N N 121 
GLN CD  NE2  sing N N 122 
GLN NE2 HE21 sing N N 123 
GLN NE2 HE22 sing N N 124 
GLN OXT HXT  sing N N 125 
GLU N   CA   sing N N 126 
GLU N   H    sing N N 127 
GLU N   H2   sing N N 128 
GLU CA  C    sing N N 129 
GLU CA  CB   sing N N 130 
GLU CA  HA   sing N N 131 
GLU C   O    doub N N 132 
GLU C   OXT  sing N N 133 
GLU CB  CG   sing N N 134 
GLU CB  HB2  sing N N 135 
GLU CB  HB3  sing N N 136 
GLU CG  CD   sing N N 137 
GLU CG  HG2  sing N N 138 
GLU CG  HG3  sing N N 139 
GLU CD  OE1  doub N N 140 
GLU CD  OE2  sing N N 141 
GLU OE2 HE2  sing N N 142 
GLU OXT HXT  sing N N 143 
GLY N   CA   sing N N 144 
GLY N   H    sing N N 145 
GLY N   H2   sing N N 146 
GLY CA  C    sing N N 147 
GLY CA  HA2  sing N N 148 
GLY CA  HA3  sing N N 149 
GLY C   O    doub N N 150 
GLY C   OXT  sing N N 151 
GLY OXT HXT  sing N N 152 
HIS N   CA   sing N N 153 
HIS N   H    sing N N 154 
HIS N   H2   sing N N 155 
HIS CA  C    sing N N 156 
HIS CA  CB   sing N N 157 
HIS CA  HA   sing N N 158 
HIS C   O    doub N N 159 
HIS C   OXT  sing N N 160 
HIS CB  CG   sing N N 161 
HIS CB  HB2  sing N N 162 
HIS CB  HB3  sing N N 163 
HIS CG  ND1  sing Y N 164 
HIS CG  CD2  doub Y N 165 
HIS ND1 CE1  doub Y N 166 
HIS ND1 HD1  sing N N 167 
HIS CD2 NE2  sing Y N 168 
HIS CD2 HD2  sing N N 169 
HIS CE1 NE2  sing Y N 170 
HIS CE1 HE1  sing N N 171 
HIS NE2 HE2  sing N N 172 
HIS OXT HXT  sing N N 173 
HOH O   H1   sing N N 174 
HOH O   H2   sing N N 175 
ILE N   CA   sing N N 176 
ILE N   H    sing N N 177 
ILE N   H2   sing N N 178 
ILE CA  C    sing N N 179 
ILE CA  CB   sing N N 180 
ILE CA  HA   sing N N 181 
ILE C   O    doub N N 182 
ILE C   OXT  sing N N 183 
ILE CB  CG1  sing N N 184 
ILE CB  CG2  sing N N 185 
ILE CB  HB   sing N N 186 
ILE CG1 CD1  sing N N 187 
ILE CG1 HG12 sing N N 188 
ILE CG1 HG13 sing N N 189 
ILE CG2 HG21 sing N N 190 
ILE CG2 HG22 sing N N 191 
ILE CG2 HG23 sing N N 192 
ILE CD1 HD11 sing N N 193 
ILE CD1 HD12 sing N N 194 
ILE CD1 HD13 sing N N 195 
ILE OXT HXT  sing N N 196 
JH1 C01 C02  sing N N 197 
JH1 C02 N03  sing N N 198 
JH1 N03 C04  sing Y N 199 
JH1 N03 N07  sing Y N 200 
JH1 C04 C05  doub Y N 201 
JH1 N07 C06  doub Y N 202 
JH1 C05 C08  sing N N 203 
JH1 C05 C06  sing Y N 204 
JH1 O09 C08  doub N N 205 
JH1 C08 N10  sing N N 206 
JH1 N10 C11  sing N N 207 
JH1 C11 C12  sing N N 208 
JH1 C13 C12  doub Y N 209 
JH1 C13 C14  sing Y N 210 
JH1 C12 C17  sing Y N 211 
JH1 C14 C15  doub Y N 212 
JH1 C17 C16  doub Y N 213 
JH1 C15 C16  sing Y N 214 
JH1 C15 F18  sing N N 215 
JH1 C13 H131 sing N N 216 
JH1 C17 H171 sing N N 217 
JH1 C01 H012 sing N N 218 
JH1 C01 H013 sing N N 219 
JH1 C01 H011 sing N N 220 
JH1 C02 H021 sing N N 221 
JH1 C02 H022 sing N N 222 
JH1 C04 H041 sing N N 223 
JH1 C06 H061 sing N N 224 
JH1 N10 H101 sing N N 225 
JH1 C11 H111 sing N N 226 
JH1 C11 H112 sing N N 227 
JH1 C14 H141 sing N N 228 
JH1 C16 H161 sing N N 229 
LEU N   CA   sing N N 230 
LEU N   H    sing N N 231 
LEU N   H2   sing N N 232 
LEU CA  C    sing N N 233 
LEU CA  CB   sing N N 234 
LEU CA  HA   sing N N 235 
LEU C   O    doub N N 236 
LEU C   OXT  sing N N 237 
LEU CB  CG   sing N N 238 
LEU CB  HB2  sing N N 239 
LEU CB  HB3  sing N N 240 
LEU CG  CD1  sing N N 241 
LEU CG  CD2  sing N N 242 
LEU CG  HG   sing N N 243 
LEU CD1 HD11 sing N N 244 
LEU CD1 HD12 sing N N 245 
LEU CD1 HD13 sing N N 246 
LEU CD2 HD21 sing N N 247 
LEU CD2 HD22 sing N N 248 
LEU CD2 HD23 sing N N 249 
LEU OXT HXT  sing N N 250 
LYS N   CA   sing N N 251 
LYS N   H    sing N N 252 
LYS N   H2   sing N N 253 
LYS CA  C    sing N N 254 
LYS CA  CB   sing N N 255 
LYS CA  HA   sing N N 256 
LYS C   O    doub N N 257 
LYS C   OXT  sing N N 258 
LYS CB  CG   sing N N 259 
LYS CB  HB2  sing N N 260 
LYS CB  HB3  sing N N 261 
LYS CG  CD   sing N N 262 
LYS CG  HG2  sing N N 263 
LYS CG  HG3  sing N N 264 
LYS CD  CE   sing N N 265 
LYS CD  HD2  sing N N 266 
LYS CD  HD3  sing N N 267 
LYS CE  NZ   sing N N 268 
LYS CE  HE2  sing N N 269 
LYS CE  HE3  sing N N 270 
LYS NZ  HZ1  sing N N 271 
LYS NZ  HZ2  sing N N 272 
LYS NZ  HZ3  sing N N 273 
LYS OXT HXT  sing N N 274 
MET N   CA   sing N N 275 
MET N   H    sing N N 276 
MET N   H2   sing N N 277 
MET CA  C    sing N N 278 
MET CA  CB   sing N N 279 
MET CA  HA   sing N N 280 
MET C   O    doub N N 281 
MET C   OXT  sing N N 282 
MET CB  CG   sing N N 283 
MET CB  HB2  sing N N 284 
MET CB  HB3  sing N N 285 
MET CG  SD   sing N N 286 
MET CG  HG2  sing N N 287 
MET CG  HG3  sing N N 288 
MET SD  CE   sing N N 289 
MET CE  HE1  sing N N 290 
MET CE  HE2  sing N N 291 
MET CE  HE3  sing N N 292 
MET OXT HXT  sing N N 293 
PHE N   CA   sing N N 294 
PHE N   H    sing N N 295 
PHE N   H2   sing N N 296 
PHE CA  C    sing N N 297 
PHE CA  CB   sing N N 298 
PHE CA  HA   sing N N 299 
PHE C   O    doub N N 300 
PHE C   OXT  sing N N 301 
PHE CB  CG   sing N N 302 
PHE CB  HB2  sing N N 303 
PHE CB  HB3  sing N N 304 
PHE CG  CD1  doub Y N 305 
PHE CG  CD2  sing Y N 306 
PHE CD1 CE1  sing Y N 307 
PHE CD1 HD1  sing N N 308 
PHE CD2 CE2  doub Y N 309 
PHE CD2 HD2  sing N N 310 
PHE CE1 CZ   doub Y N 311 
PHE CE1 HE1  sing N N 312 
PHE CE2 CZ   sing Y N 313 
PHE CE2 HE2  sing N N 314 
PHE CZ  HZ   sing N N 315 
PHE OXT HXT  sing N N 316 
PRO N   CA   sing N N 317 
PRO N   CD   sing N N 318 
PRO N   H    sing N N 319 
PRO CA  C    sing N N 320 
PRO CA  CB   sing N N 321 
PRO CA  HA   sing N N 322 
PRO C   O    doub N N 323 
PRO C   OXT  sing N N 324 
PRO CB  CG   sing N N 325 
PRO CB  HB2  sing N N 326 
PRO CB  HB3  sing N N 327 
PRO CG  CD   sing N N 328 
PRO CG  HG2  sing N N 329 
PRO CG  HG3  sing N N 330 
PRO CD  HD2  sing N N 331 
PRO CD  HD3  sing N N 332 
PRO OXT HXT  sing N N 333 
SER N   CA   sing N N 334 
SER N   H    sing N N 335 
SER N   H2   sing N N 336 
SER CA  C    sing N N 337 
SER CA  CB   sing N N 338 
SER CA  HA   sing N N 339 
SER C   O    doub N N 340 
SER C   OXT  sing N N 341 
SER CB  OG   sing N N 342 
SER CB  HB2  sing N N 343 
SER CB  HB3  sing N N 344 
SER OG  HG   sing N N 345 
SER OXT HXT  sing N N 346 
THR N   CA   sing N N 347 
THR N   H    sing N N 348 
THR N   H2   sing N N 349 
THR CA  C    sing N N 350 
THR CA  CB   sing N N 351 
THR CA  HA   sing N N 352 
THR C   O    doub N N 353 
THR C   OXT  sing N N 354 
THR CB  OG1  sing N N 355 
THR CB  CG2  sing N N 356 
THR CB  HB   sing N N 357 
THR OG1 HG1  sing N N 358 
THR CG2 HG21 sing N N 359 
THR CG2 HG22 sing N N 360 
THR CG2 HG23 sing N N 361 
THR OXT HXT  sing N N 362 
TRP N   CA   sing N N 363 
TRP N   H    sing N N 364 
TRP N   H2   sing N N 365 
TRP CA  C    sing N N 366 
TRP CA  CB   sing N N 367 
TRP CA  HA   sing N N 368 
TRP C   O    doub N N 369 
TRP C   OXT  sing N N 370 
TRP CB  CG   sing N N 371 
TRP CB  HB2  sing N N 372 
TRP CB  HB3  sing N N 373 
TRP CG  CD1  doub Y N 374 
TRP CG  CD2  sing Y N 375 
TRP CD1 NE1  sing Y N 376 
TRP CD1 HD1  sing N N 377 
TRP CD2 CE2  doub Y N 378 
TRP CD2 CE3  sing Y N 379 
TRP NE1 CE2  sing Y N 380 
TRP NE1 HE1  sing N N 381 
TRP CE2 CZ2  sing Y N 382 
TRP CE3 CZ3  doub Y N 383 
TRP CE3 HE3  sing N N 384 
TRP CZ2 CH2  doub Y N 385 
TRP CZ2 HZ2  sing N N 386 
TRP CZ3 CH2  sing Y N 387 
TRP CZ3 HZ3  sing N N 388 
TRP CH2 HH2  sing N N 389 
TRP OXT HXT  sing N N 390 
TYR N   CA   sing N N 391 
TYR N   H    sing N N 392 
TYR N   H2   sing N N 393 
TYR CA  C    sing N N 394 
TYR CA  CB   sing N N 395 
TYR CA  HA   sing N N 396 
TYR C   O    doub N N 397 
TYR C   OXT  sing N N 398 
TYR CB  CG   sing N N 399 
TYR CB  HB2  sing N N 400 
TYR CB  HB3  sing N N 401 
TYR CG  CD1  doub Y N 402 
TYR CG  CD2  sing Y N 403 
TYR CD1 CE1  sing Y N 404 
TYR CD1 HD1  sing N N 405 
TYR CD2 CE2  doub Y N 406 
TYR CD2 HD2  sing N N 407 
TYR CE1 CZ   doub Y N 408 
TYR CE1 HE1  sing N N 409 
TYR CE2 CZ   sing Y N 410 
TYR CE2 HE2  sing N N 411 
TYR CZ  OH   sing N N 412 
TYR OH  HH   sing N N 413 
TYR OXT HXT  sing N N 414 
VAL N   CA   sing N N 415 
VAL N   H    sing N N 416 
VAL N   H2   sing N N 417 
VAL CA  C    sing N N 418 
VAL CA  CB   sing N N 419 
VAL CA  HA   sing N N 420 
VAL C   O    doub N N 421 
VAL C   OXT  sing N N 422 
VAL CB  CG1  sing N N 423 
VAL CB  CG2  sing N N 424 
VAL CB  HB   sing N N 425 
VAL CG1 HG11 sing N N 426 
VAL CG1 HG12 sing N N 427 
VAL CG1 HG13 sing N N 428 
VAL CG2 HG21 sing N N 429 
VAL CG2 HG22 sing N N 430 
VAL CG2 HG23 sing N N 431 
VAL OXT HXT  sing N N 432 
# 
_pdbx_deposit_group.group_id            G_1002061 
_pdbx_deposit_group.group_description   
;XDomainX of XOrganismX DCP2 (NUDT20) screened against the XXX Fragment Library by X-ray Crystallography at the XChem facility of Diamond Light Source beamline I04-1
;
_pdbx_deposit_group.group_title         'PanDDA analysis group deposition' 
_pdbx_deposit_group.group_type          'changed state' 
# 
_pdbx_related_exp_data_set.ordinal              1 
_pdbx_related_exp_data_set.data_reference       10.5281/zenodo.1437589 
_pdbx_related_exp_data_set.metadata_reference   10.5281/zenodo.1437589 
_pdbx_related_exp_data_set.data_set_type        'other data' 
_pdbx_related_exp_data_set.details              'Complete PanDDA analysis' 
# 
_atom_sites.entry_id                    5QPA 
_atom_sites.fract_transf_matrix[1][1]   -0.01927094 
_atom_sites.fract_transf_matrix[1][2]   0.00494927 
_atom_sites.fract_transf_matrix[1][3]   0.00517765 
_atom_sites.fract_transf_matrix[2][1]   0.00098817 
_atom_sites.fract_transf_matrix[2][2]   -0.00993618 
_atom_sites.fract_transf_matrix[2][3]   0.01317584 
_atom_sites.fract_transf_matrix[3][1]   0.00521879 
_atom_sites.fract_transf_matrix[3][2]   0.01158790 
_atom_sites.fract_transf_matrix[3][3]   0.00834727 
_atom_sites.fract_transf_vector[1]      -0.884438 
_atom_sites.fract_transf_vector[2]      0.225986 
_atom_sites.fract_transf_vector[3]      1.164369 
# 
loop_
_atom_type.symbol 
C 
F 
N 
O 
S 
# 
loop_
_atom_site.group_PDB 
_atom_site.id 
_atom_site.type_symbol 
_atom_site.label_atom_id 
_atom_site.label_alt_id 
_atom_site.label_comp_id 
_atom_site.label_asym_id 
_atom_site.label_entity_id 
_atom_site.label_seq_id 
_atom_site.pdbx_PDB_ins_code 
_atom_site.Cartn_x 
_atom_site.Cartn_y 
_atom_site.Cartn_z 
_atom_site.occupancy 
_atom_site.B_iso_or_equiv 
_atom_site.pdbx_formal_charge 
_atom_site.auth_seq_id 
_atom_site.auth_comp_id 
_atom_site.auth_asym_id 
_atom_site.auth_atom_id 
_atom_site.pdbx_PDB_model_num 
ATOM   1    N N   . GLY A 1 3   ? -17.694 5.036   6.823   1.00 88.10  ? 96  GLY A N   1 
ATOM   2    C CA  . GLY A 1 3   ? -16.272 5.154   7.281   1.00 80.51  ? 96  GLY A CA  1 
ATOM   3    C C   . GLY A 1 3   ? -15.499 6.243   6.531   1.00 76.50  ? 96  GLY A C   1 
ATOM   4    O O   . GLY A 1 3   ? -15.789 6.577   5.379   1.00 83.75  ? 96  GLY A O   1 
ATOM   5    N N   . VAL A 1 4   ? -14.494 6.789   7.189   1.00 65.79  ? 97  VAL A N   1 
ATOM   6    C CA  . VAL A 1 4   ? -13.763 7.956   6.682   1.00 64.38  ? 97  VAL A CA  1 
ATOM   7    C C   . VAL A 1 4   ? -12.779 7.493   5.586   1.00 46.50  ? 97  VAL A C   1 
ATOM   8    O O   . VAL A 1 4   ? -12.122 6.505   5.800   1.00 46.46  ? 97  VAL A O   1 
ATOM   9    C CB  . VAL A 1 4   ? -12.982 8.596   7.843   1.00 64.25  ? 97  VAL A CB  1 
ATOM   10   C CG1 . VAL A 1 4   ? -12.111 9.729   7.346   1.00 60.27  ? 97  VAL A CG1 1 
ATOM   11   C CG2 . VAL A 1 4   ? -13.959 9.045   8.941   1.00 63.98  ? 97  VAL A CG2 1 
ATOM   12   N N   . PRO A 1 5   ? -12.709 8.190   4.445   1.00 43.96  ? 98  PRO A N   1 
ATOM   13   C CA  . PRO A 1 5   ? -11.745 7.720   3.411   1.00 44.06  ? 98  PRO A CA  1 
ATOM   14   C C   . PRO A 1 5   ? -10.304 7.625   3.919   1.00 42.97  ? 98  PRO A C   1 
ATOM   15   O O   . PRO A 1 5   ? -9.915  8.367   4.854   1.00 38.75  ? 98  PRO A O   1 
ATOM   16   C CB  . PRO A 1 5   ? -11.897 8.736   2.274   1.00 47.91  ? 98  PRO A CB  1 
ATOM   17   C CG  . PRO A 1 5   ? -13.207 9.427   2.547   1.00 48.54  ? 98  PRO A CG  1 
ATOM   18   C CD  . PRO A 1 5   ? -13.516 9.334   3.988   1.00 43.86  ? 98  PRO A CD  1 
ATOM   19   N N   . THR A 1 6   ? -9.520  6.688   3.336   1.00 37.36  ? 99  THR A N   1 
ATOM   20   C CA  . THR A 1 6   ? -8.093  6.653   3.592   1.00 33.36  ? 99  THR A CA  1 
ATOM   21   C C   . THR A 1 6   ? -7.295  6.890   2.297   1.00 31.11  ? 99  THR A C   1 
ATOM   22   O O   . THR A 1 6   ? -7.740  6.614   1.190   1.00 33.56  ? 99  THR A O   1 
ATOM   23   C CB  . THR A 1 6   ? -7.657  5.352   4.273   1.00 35.60  ? 99  THR A CB  1 
ATOM   24   O OG1 . THR A 1 6   ? -7.950  4.297   3.367   1.00 35.61  ? 99  THR A OG1 1 
ATOM   25   C CG2 . THR A 1 6   ? -8.424  5.113   5.584   1.00 34.74  ? 99  THR A CG2 1 
ATOM   26   N N   . TYR A 1 7   ? -6.144  7.498   2.478   1.00 32.34  ? 100 TYR A N   1 
ATOM   27   C CA  . TYR A 1 7   ? -5.255  7.831   1.408   1.00 32.13  ? 100 TYR A CA  1 
ATOM   28   C C   . TYR A 1 7   ? -3.830  7.429   1.782   1.00 27.74  ? 100 TYR A C   1 
ATOM   29   O O   . TYR A 1 7   ? -3.388  7.496   2.944   1.00 31.81  ? 100 TYR A O   1 
ATOM   30   C CB  . TYR A 1 7   ? -5.264  9.351   1.069   1.00 33.47  ? 100 TYR A CB  1 
ATOM   31   C CG  . TYR A 1 7   ? -6.627  9.806   0.676   1.00 33.98  ? 100 TYR A CG  1 
ATOM   32   C CD1 . TYR A 1 7   ? -7.086  9.625   -0.582  1.00 38.30  ? 100 TYR A CD1 1 
ATOM   33   C CD2 . TYR A 1 7   ? -7.468  10.403  1.627   1.00 35.43  ? 100 TYR A CD2 1 
ATOM   34   C CE1 . TYR A 1 7   ? -8.400  9.948   -0.955  1.00 41.65  ? 100 TYR A CE1 1 
ATOM   35   C CE2 . TYR A 1 7   ? -8.777  10.723  1.282   1.00 39.06  ? 100 TYR A CE2 1 
ATOM   36   C CZ  . TYR A 1 7   ? -9.213  10.542  0.006   1.00 43.70  ? 100 TYR A CZ  1 
ATOM   37   O OH  . TYR A 1 7   ? -10.508 10.898  -0.323  1.00 48.66  ? 100 TYR A OH  1 
ATOM   38   N N   . GLY A 1 8   ? -3.074  7.107   0.732   1.00 28.37  ? 101 GLY A N   1 
ATOM   39   C CA  . GLY A 1 8   ? -1.691  6.710   0.924   1.00 26.71  ? 101 GLY A CA  1 
ATOM   40   C C   . GLY A 1 8   ? -0.979  6.529   -0.391  1.00 24.82  ? 101 GLY A C   1 
ATOM   41   O O   . GLY A 1 8   ? -1.385  7.112   -1.381  1.00 27.25  ? 101 GLY A O   1 
ATOM   42   N N   . ALA A 1 9   ? -0.018  5.589   -0.431  1.00 26.13  ? 102 ALA A N   1 
ATOM   43   C CA  . ALA A 1 9   ? 0.744   5.411   -1.635  1.00 24.11  ? 102 ALA A CA  1 
ATOM   44   C C   . ALA A 1 9   ? 1.274   4.021   -1.823  1.00 24.10  ? 102 ALA A C   1 
ATOM   45   O O   . ALA A 1 9   ? 1.440   3.330   -0.881  1.00 26.94  ? 102 ALA A O   1 
ATOM   46   C CB  . ALA A 1 9   ? 1.898   6.350   -1.755  1.00 27.14  ? 102 ALA A CB  1 
ATOM   47   N N   . ILE A 1 10  ? 1.302   3.684   -3.107  1.00 24.11  ? 103 ILE A N   1 
ATOM   48   C CA  . ILE A 1 10  ? 2.070   2.512   -3.618  1.00 24.08  ? 103 ILE A CA  1 
ATOM   49   C C   . ILE A 1 10  ? 3.333   3.065   -4.203  1.00 24.49  ? 103 ILE A C   1 
ATOM   50   O O   . ILE A 1 10  ? 3.353   3.618   -5.303  1.00 27.14  ? 103 ILE A O   1 
ATOM   51   C CB  . ILE A 1 10  ? 1.240   1.775   -4.710  1.00 25.74  ? 103 ILE A CB  1 
ATOM   52   C CG1 . ILE A 1 10  ? -0.035  1.281   -4.108  1.00 27.33  ? 103 ILE A CG1 1 
ATOM   53   C CG2 . ILE A 1 10  ? 2.064   0.644   -5.328  1.00 26.72  ? 103 ILE A CG2 1 
ATOM   54   C CD1 . ILE A 1 10  ? -1.002  0.642   -5.157  1.00 31.06  ? 103 ILE A CD1 1 
ATOM   55   N N   . ILE A 1 11  ? 4.410   2.936   -3.485  1.00 23.86  ? 104 ILE A N   1 
ATOM   56   C CA  . ILE A 1 11  ? 5.711   3.339   -3.918  1.00 26.89  ? 104 ILE A CA  1 
ATOM   57   C C   . ILE A 1 11  ? 6.374   2.156   -4.562  1.00 27.88  ? 104 ILE A C   1 
ATOM   58   O O   . ILE A 1 11  ? 6.470   1.084   -3.981  1.00 25.92  ? 104 ILE A O   1 
ATOM   59   C CB  . ILE A 1 11  ? 6.565   3.857   -2.724  1.00 26.58  ? 104 ILE A CB  1 
ATOM   60   C CG1 . ILE A 1 11  ? 5.897   5.031   -2.122  1.00 29.76  ? 104 ILE A CG1 1 
ATOM   61   C CG2 . ILE A 1 11  ? 8.045   4.022   -3.059  1.00 26.93  ? 104 ILE A CG2 1 
ATOM   62   C CD1 . ILE A 1 11  ? 6.419   5.459   -0.747  1.00 29.58  ? 104 ILE A CD1 1 
ATOM   63   N N   . LEU A 1 12  ? 6.909   2.364   -5.778  1.00 25.82  ? 105 LEU A N   1 
ATOM   64   C CA  . LEU A 1 12  ? 7.707   1.396   -6.482  1.00 24.80  ? 105 LEU A CA  1 
ATOM   65   C C   . LEU A 1 12  ? 9.086   1.920   -6.731  1.00 30.00  ? 105 LEU A C   1 
ATOM   66   O O   . LEU A 1 12  ? 9.343   3.128   -6.750  1.00 29.93  ? 105 LEU A O   1 
ATOM   67   C CB  . LEU A 1 12  ? 7.124   1.088   -7.878  1.00 26.85  ? 105 LEU A CB  1 
ATOM   68   C CG  . LEU A 1 12  ? 5.699   0.546   -7.856  1.00 31.53  ? 105 LEU A CG  1 
ATOM   69   C CD1 . LEU A 1 12  ? 4.682   1.587   -8.102  1.00 35.44  ? 105 LEU A CD1 1 
ATOM   70   C CD2 . LEU A 1 12  ? 5.473   -0.613  -8.807  1.00 37.81  ? 105 LEU A CD2 1 
ATOM   71   N N   . ASP A 1 13  ? 10.014  0.963   -6.833  1.00 28.84  ? 106 ASP A N   1 
ATOM   72   C CA  . ASP A 1 13  ? 11.363  1.269   -7.166  1.00 33.32  ? 106 ASP A CA  1 
ATOM   73   C C   . ASP A 1 13  ? 11.573  1.578   -8.663  1.00 27.05  ? 106 ASP A C   1 
ATOM   74   O O   . ASP A 1 13  ? 10.659  1.696   -9.443  1.00 30.56  ? 106 ASP A O   1 
ATOM   75   C CB  . ASP A 1 13  ? 12.295  0.139   -6.705  1.00 34.61  ? 106 ASP A CB  1 
ATOM   76   C CG  . ASP A 1 13  ? 12.106  -1.170  -7.454  1.00 36.42  ? 106 ASP A CG  1 
ATOM   77   O OD1 . ASP A 1 13  ? 11.108  -1.440  -8.178  1.00 38.52  ? 106 ASP A OD1 1 
ATOM   78   O OD2 . ASP A 1 13  ? 12.962  -1.962  -7.171  1.00 44.99  ? 106 ASP A OD2 1 
ATOM   79   N N   . GLU A 1 14  ? 12.828  1.757   -8.955  1.00 33.16  ? 107 GLU A N   1 
ATOM   80   C CA  . GLU A 1 14  ? 13.207  2.145   -10.308 1.00 34.59  ? 107 GLU A CA  1 
ATOM   81   C C   . GLU A 1 14  ? 12.966  1.035   -11.360 1.00 37.54  ? 107 GLU A C   1 
ATOM   82   O O   . GLU A 1 14  ? 12.740  1.335   -12.500 1.00 35.74  ? 107 GLU A O   1 
ATOM   83   C CB  . GLU A 1 14  ? 14.665  2.670   -10.331 1.00 41.96  ? 107 GLU A CB  1 
ATOM   84   C CG  . GLU A 1 14  ? 15.789  1.755   -9.841  1.00 49.96  ? 107 GLU A CG  1 
ATOM   85   C CD  . GLU A 1 14  ? 16.252  2.060   -8.391  1.00 56.70  ? 107 GLU A CD  1 
ATOM   86   O OE1 . GLU A 1 14  ? 15.666  1.496   -7.472  1.00 50.29  ? 107 GLU A OE1 1 
ATOM   87   O OE2 . GLU A 1 14  ? 17.206  2.867   -8.167  1.00 68.95  ? 107 GLU A OE2 1 
ATOM   88   N N   . THR A 1 15  ? 12.958  -0.226  -10.948 1.00 33.90  ? 108 THR A N   1 
ATOM   89   C CA  . THR A 1 15  ? 12.759  -1.359  -11.870 1.00 33.74  ? 108 THR A CA  1 
ATOM   90   C C   . THR A 1 15  ? 11.326  -1.663  -12.110 1.00 34.47  ? 108 THR A C   1 
ATOM   91   O O   . THR A 1 15  ? 10.895  -2.405  -13.043 1.00 37.31  ? 108 THR A O   1 
ATOM   92   C CB  . THR A 1 15  ? 13.299  -2.675  -11.273 1.00 41.60  ? 108 THR A CB  1 
ATOM   93   O OG1 . THR A 1 15  ? 12.404  -3.127  -10.264 1.00 44.50  ? 108 THR A OG1 1 
ATOM   94   C CG2 . THR A 1 15  ? 14.596  -2.525  -10.690 1.00 42.35  ? 108 THR A CG2 1 
ATOM   95   N N   . LEU A 1 16  ? 10.481  -1.129  -11.219 1.00 33.06  ? 109 LEU A N   1 
ATOM   96   C CA  . LEU A 1 16  ? 9.077   -1.396  -11.222 1.00 29.92  ? 109 LEU A CA  1 
ATOM   97   C C   . LEU A 1 16  ? 8.732   -2.850  -10.721 1.00 31.92  ? 109 LEU A C   1 
ATOM   98   O O   . LEU A 1 16  ? 7.567   -3.257  -10.827 1.00 37.94  ? 109 LEU A O   1 
ATOM   99   C CB  . LEU A 1 16  ? 8.373   -1.085  -12.551 1.00 32.40  ? 109 LEU A CB  1 
ATOM   100  C CG  . LEU A 1 16  ? 8.663   0.254   -13.259 1.00 35.00  ? 109 LEU A CG  1 
ATOM   101  C CD1 . LEU A 1 16  ? 8.083   0.317   -14.672 1.00 41.29  ? 109 LEU A CD1 1 
ATOM   102  C CD2 . LEU A 1 16  ? 8.032   1.318   -12.357 1.00 36.97  ? 109 LEU A CD2 1 
ATOM   103  N N   A GLU A 1 17  ? 9.750   -3.532  -10.205 0.25 34.67  ? 110 GLU A N   1 
ATOM   104  N N   B GLU A 1 17  ? 9.691   -3.565  -10.176 0.25 35.21  ? 110 GLU A N   1 
ATOM   105  C CA  A GLU A 1 17  ? 9.659   -4.898  -9.688  0.25 37.68  ? 110 GLU A CA  1 
ATOM   106  C CA  B GLU A 1 17  ? 9.443   -4.934  -9.729  0.25 37.84  ? 110 GLU A CA  1 
ATOM   107  C C   A GLU A 1 17  ? 8.999   -4.879  -8.300  0.25 37.11  ? 110 GLU A C   1 
ATOM   108  C C   B GLU A 1 17  ? 9.246   -5.038  -8.199  0.25 36.92  ? 110 GLU A C   1 
ATOM   109  O O   A GLU A 1 17  ? 8.071   -5.675  -8.028  0.25 34.24  ? 110 GLU A O   1 
ATOM   110  O O   B GLU A 1 17  ? 8.918   -6.121  -7.697  0.25 29.68  ? 110 GLU A O   1 
ATOM   111  C CB  A GLU A 1 17  ? 11.068  -5.533  -9.543  0.25 38.40  ? 110 GLU A CB  1 
ATOM   112  C CB  B GLU A 1 17  ? 10.596  -5.827  -10.176 0.25 41.34  ? 110 GLU A CB  1 
ATOM   113  C CG  A GLU A 1 17  ? 11.778  -5.915  -10.853 0.25 40.61  ? 110 GLU A CG  1 
ATOM   114  C CG  B GLU A 1 17  ? 10.773  -5.899  -11.683 0.25 41.53  ? 110 GLU A CG  1 
ATOM   115  C CD  A GLU A 1 17  ? 13.220  -6.425  -10.673 0.25 41.57  ? 110 GLU A CD  1 
ATOM   116  C CD  B GLU A 1 17  ? 9.904   -6.957  -12.320 0.25 46.88  ? 110 GLU A CD  1 
ATOM   117  O OE1 A GLU A 1 17  ? 14.113  -5.681  -10.228 0.25 39.98  ? 110 GLU A OE1 1 
ATOM   118  O OE1 B GLU A 1 17  ? 8.779   -7.174  -11.827 0.25 46.00  ? 110 GLU A OE1 1 
ATOM   119  O OE2 A GLU A 1 17  ? 13.480  -7.598  -11.000 0.25 41.83  ? 110 GLU A OE2 1 
ATOM   120  O OE2 B GLU A 1 17  ? 10.347  -7.573  -13.317 0.25 50.23  ? 110 GLU A OE2 1 
ATOM   121  N N   . ASN A 1 18  ? 9.483   -3.954  -7.456  1.00 33.80  ? 111 ASN A N   1 
ATOM   122  C CA  . ASN A 1 18  ? 9.216   -3.957  -6.005  1.00 32.16  ? 111 ASN A CA  1 
ATOM   123  C C   . ASN A 1 18  ? 8.299   -2.810  -5.564  1.00 34.28  ? 111 ASN A C   1 
ATOM   124  O O   . ASN A 1 18  ? 8.345   -1.724  -6.107  1.00 30.75  ? 111 ASN A O   1 
ATOM   125  C CB  . ASN A 1 18  ? 10.491  -3.915  -5.256  1.00 32.87  ? 111 ASN A CB  1 
ATOM   126  C CG  . ASN A 1 18  ? 11.444  -5.039  -5.670  1.00 40.76  ? 111 ASN A CG  1 
ATOM   127  O OD1 . ASN A 1 18  ? 11.184  -6.207  -5.411  1.00 45.14  ? 111 ASN A OD1 1 
ATOM   128  N ND2 . ASN A 1 18  ? 12.464  -4.693  -6.388  1.00 38.56  ? 111 ASN A ND2 1 
ATOM   129  N N   . VAL A 1 19  ? 7.581   -3.090  -4.479  1.00 29.44  ? 112 VAL A N   1 
ATOM   130  C CA  . VAL A 1 19  ? 6.740   -2.102  -3.826  1.00 25.72  ? 112 VAL A CA  1 
ATOM   131  C C   . VAL A 1 19  ? 7.104   -1.998  -2.373  1.00 27.07  ? 112 VAL A C   1 
ATOM   132  O O   . VAL A 1 19  ? 7.526   -2.985  -1.709  1.00 27.31  ? 112 VAL A O   1 
ATOM   133  C CB  . VAL A 1 19  ? 5.252   -2.486  -3.906  1.00 25.84  ? 112 VAL A CB  1 
ATOM   134  C CG1 . VAL A 1 19  ? 4.731   -2.438  -5.345  1.00 30.74  ? 112 VAL A CG1 1 
ATOM   135  C CG2 . VAL A 1 19  ? 4.870   -3.849  -3.248  1.00 26.44  ? 112 VAL A CG2 1 
ATOM   136  N N   . LEU A 1 20  ? 6.797   -0.865  -1.786  1.00 23.80  ? 113 LEU A N   1 
ATOM   137  C CA  . LEU A 1 20  ? 7.165   -0.620  -0.397  1.00 26.09  ? 113 LEU A CA  1 
ATOM   138  C C   . LEU A 1 20  ? 5.981   -0.886  0.526   1.00 27.53  ? 113 LEU A C   1 
ATOM   139  O O   . LEU A 1 20  ? 4.929   -0.335  0.367   1.00 26.65  ? 113 LEU A O   1 
ATOM   140  C CB  . LEU A 1 20  ? 7.600   0.805   -0.224  1.00 26.19  ? 113 LEU A CB  1 
ATOM   141  C CG  . LEU A 1 20  ? 8.315   1.057   1.096   1.00 28.79  ? 113 LEU A CG  1 
ATOM   142  C CD1 . LEU A 1 20  ? 9.729   0.495   1.154   1.00 28.23  ? 113 LEU A CD1 1 
ATOM   143  C CD2 . LEU A 1 20  ? 8.370   2.497   1.459   1.00 28.12  ? 113 LEU A CD2 1 
ATOM   144  N N   . LEU A 1 21  ? 6.154   -1.815  1.479   1.00 25.15  ? 114 LEU A N   1 
ATOM   145  C CA  . LEU A 1 21  ? 5.091   -2.053  2.405   1.00 24.68  ? 114 LEU A CA  1 
ATOM   146  C C   . LEU A 1 21  ? 5.538   -1.734  3.835   1.00 23.30  ? 114 LEU A C   1 
ATOM   147  O O   . LEU A 1 21  ? 6.758   -1.659  4.111   1.00 26.84  ? 114 LEU A O   1 
ATOM   148  C CB  . LEU A 1 21  ? 4.604   -3.536  2.380   1.00 24.95  ? 114 LEU A CB  1 
ATOM   149  C CG  . LEU A 1 21  ? 4.138   -4.015  1.040   1.00 24.93  ? 114 LEU A CG  1 
ATOM   150  C CD1 . LEU A 1 21  ? 3.677   -5.462  1.171   1.00 27.51  ? 114 LEU A CD1 1 
ATOM   151  C CD2 . LEU A 1 21  ? 2.920   -3.273  0.541   1.00 26.88  ? 114 LEU A CD2 1 
ATOM   152  N N   . VAL A 1 22  ? 4.562   -1.502  4.728   1.00 23.53  ? 115 VAL A N   1 
ATOM   153  C CA  . VAL A 1 22  ? 4.887   -1.198  6.106   1.00 23.85  ? 115 VAL A CA  1 
ATOM   154  C C   . VAL A 1 22  ? 4.132   -2.235  6.973   1.00 26.78  ? 115 VAL A C   1 
ATOM   155  O O   . VAL A 1 22  ? 3.076   -2.741  6.595   1.00 25.93  ? 115 VAL A O   1 
ATOM   156  C CB  . VAL A 1 22  ? 4.551   0.236   6.518   1.00 25.62  ? 115 VAL A CB  1 
ATOM   157  C CG1 . VAL A 1 22  ? 5.327   1.246   5.658   1.00 26.34  ? 115 VAL A CG1 1 
ATOM   158  C CG2 . VAL A 1 22  ? 3.047   0.490   6.483   1.00 27.64  ? 115 VAL A CG2 1 
ATOM   159  N N   . GLN A 1 23  ? 4.726   -2.557  8.137   1.00 26.58  ? 116 GLN A N   1 
ATOM   160  C CA  . GLN A 1 23  ? 4.145   -3.460  9.136   1.00 28.58  ? 116 GLN A CA  1 
ATOM   161  C C   . GLN A 1 23  ? 3.855   -2.695  10.379  1.00 30.26  ? 116 GLN A C   1 
ATOM   162  O O   . GLN A 1 23  ? 4.700   -1.994  10.899  1.00 29.52  ? 116 GLN A O   1 
ATOM   163  C CB  . GLN A 1 23  ? 5.148   -4.607  9.395   1.00 27.98  ? 116 GLN A CB  1 
ATOM   164  C CG  . GLN A 1 23  ? 4.688   -5.655  10.315  1.00 27.52  ? 116 GLN A CG  1 
ATOM   165  C CD  . GLN A 1 23  ? 5.810   -6.662  10.572  1.00 29.59  ? 116 GLN A CD  1 
ATOM   166  O OE1 . GLN A 1 23  ? 6.991   -6.266  10.625  1.00 35.20  ? 116 GLN A OE1 1 
ATOM   167  N NE2 . GLN A 1 23  ? 5.467   -7.889  10.695  1.00 33.58  ? 116 GLN A NE2 1 
ATOM   168  N N   . GLY A 1 24  ? 2.647   -2.788  10.830  1.00 27.69  ? 117 GLY A N   1 
ATOM   169  C CA  . GLY A 1 24  ? 2.286   -2.124  12.075  1.00 27.03  ? 117 GLY A CA  1 
ATOM   170  C C   . GLY A 1 24  ? 2.326   -3.079  13.257  1.00 28.15  ? 117 GLY A C   1 
ATOM   171  O O   . GLY A 1 24  ? 2.973   -4.119  13.233  1.00 32.00  ? 117 GLY A O   1 
ATOM   172  N N   . TYR A 1 25  ? 1.556   -2.732  14.279  1.00 31.51  ? 118 TYR A N   1 
ATOM   173  C CA  . TYR A 1 25  ? 1.412   -3.550  15.488  1.00 32.59  ? 118 TYR A CA  1 
ATOM   174  C C   . TYR A 1 25  ? -0.067  -3.917  15.733  1.00 35.68  ? 118 TYR A C   1 
ATOM   175  O O   . TYR A 1 25  ? -1.027  -3.270  15.237  1.00 35.98  ? 118 TYR A O   1 
ATOM   176  C CB  . TYR A 1 25  ? 1.874   -2.757  16.657  1.00 31.72  ? 118 TYR A CB  1 
ATOM   177  C CG  . TYR A 1 25  ? 3.355   -2.424  16.654  1.00 28.73  ? 118 TYR A CG  1 
ATOM   178  C CD1 . TYR A 1 25  ? 4.304   -3.395  16.902  1.00 29.11  ? 118 TYR A CD1 1 
ATOM   179  C CD2 . TYR A 1 25  ? 3.810   -1.177  16.368  1.00 29.64  ? 118 TYR A CD2 1 
ATOM   180  C CE1 . TYR A 1 25  ? 5.672   -3.067  16.899  1.00 27.99  ? 118 TYR A CE1 1 
ATOM   181  C CE2 . TYR A 1 25  ? 5.156   -0.887  16.360  1.00 29.56  ? 118 TYR A CE2 1 
ATOM   182  C CZ  . TYR A 1 25  ? 6.068   -1.847  16.625  1.00 30.49  ? 118 TYR A CZ  1 
ATOM   183  O OH  . TYR A 1 25  ? 7.384   -1.568  16.655  1.00 34.23  ? 118 TYR A OH  1 
ATOM   184  N N   . LEU A 1 26  ? -0.218  -5.011  16.481  1.00 40.92  ? 119 LEU A N   1 
ATOM   185  C CA  . LEU A 1 26  ? -1.497  -5.407  17.010  1.00 44.19  ? 119 LEU A CA  1 
ATOM   186  C C   . LEU A 1 26  ? -2.440  -5.668  15.858  1.00 38.38  ? 119 LEU A C   1 
ATOM   187  O O   . LEU A 1 26  ? -2.172  -6.539  15.095  1.00 45.19  ? 119 LEU A O   1 
ATOM   188  C CB  . LEU A 1 26  ? -2.000  -4.346  18.007  1.00 49.88  ? 119 LEU A CB  1 
ATOM   189  C CG  . LEU A 1 26  ? -1.087  -4.191  19.233  1.00 53.45  ? 119 LEU A CG  1 
ATOM   190  C CD1 . LEU A 1 26  ? -1.677  -3.089  20.095  1.00 54.19  ? 119 LEU A CD1 1 
ATOM   191  C CD2 . LEU A 1 26  ? -0.900  -5.545  19.981  1.00 55.79  ? 119 LEU A CD2 1 
ATOM   192  N N   . ALA A 1 27  ? -3.537  -4.933  15.770  1.00 41.18  ? 120 ALA A N   1 
ATOM   193  C CA  . ALA A 1 27  ? -4.526  -5.205  14.731  1.00 45.16  ? 120 ALA A CA  1 
ATOM   194  C C   . ALA A 1 27  ? -3.905  -4.927  13.332  1.00 51.58  ? 120 ALA A C   1 
ATOM   195  O O   . ALA A 1 27  ? -4.319  -5.539  12.320  1.00 53.32  ? 120 ALA A O   1 
ATOM   196  C CB  . ALA A 1 27  ? -5.785  -4.337  14.939  1.00 48.72  ? 120 ALA A CB  1 
ATOM   197  N N   . LYS A 1 28  ? -2.910  -4.023  13.306  1.00 42.07  ? 121 LYS A N   1 
ATOM   198  C CA  . LYS A 1 28  ? -2.225  -3.613  12.095  1.00 37.83  ? 121 LYS A CA  1 
ATOM   199  C C   . LYS A 1 28  ? -0.893  -4.356  11.939  1.00 36.38  ? 121 LYS A C   1 
ATOM   200  O O   . LYS A 1 28  ? 0.011   -3.883  11.278  1.00 36.91  ? 121 LYS A O   1 
ATOM   201  C CB  . LYS A 1 28  ? -2.011  -2.115  12.097  1.00 43.32  ? 121 LYS A CB  1 
ATOM   202  C CG  . LYS A 1 28  ? -3.313  -1.345  11.977  1.00 41.53  ? 121 LYS A CG  1 
ATOM   203  C CD  . LYS A 1 28  ? -3.050  0.094   11.618  1.00 54.79  ? 121 LYS A CD  1 
ATOM   204  C CE  . LYS A 1 28  ? -4.352  0.865   11.429  1.00 66.26  ? 121 LYS A CE  1 
ATOM   205  N NZ  . LYS A 1 28  ? -4.091  2.318   11.244  1.00 70.64  ? 121 LYS A NZ  1 
ATOM   206  N N   . SER A 1 29  ? -0.806  -5.561  12.456  1.00 34.87  ? 122 SER A N   1 
ATOM   207  C CA  . SER A 1 29  ? 0.457   -6.330  12.467  1.00 42.45  ? 122 SER A CA  1 
ATOM   208  C C   . SER A 1 29  ? 0.920   -6.944  11.124  1.00 44.95  ? 122 SER A C   1 
ATOM   209  O O   . SER A 1 29  ? 2.097   -7.374  10.976  1.00 59.20  ? 122 SER A O   1 
ATOM   210  C CB  . SER A 1 29  ? 0.333   -7.489  13.445  1.00 44.30  ? 122 SER A CB  1 
ATOM   211  O OG  . SER A 1 29  ? 1.593   -8.125  13.500  1.00 58.37  ? 122 SER A OG  1 
ATOM   212  N N   . GLY A 1 30  ? 0.043   -6.978  10.154  1.00 35.17  ? 123 GLY A N   1 
ATOM   213  C CA  . GLY A 1 30  ? 0.492   -7.514  8.862   1.00 42.26  ? 123 GLY A CA  1 
ATOM   214  C C   . GLY A 1 30  ? 1.142   -6.396  8.065   1.00 35.42  ? 123 GLY A C   1 
ATOM   215  O O   . GLY A 1 30  ? 1.407   -5.324  8.622   1.00 35.91  ? 123 GLY A O   1 
ATOM   216  N N   . TRP A 1 31  ? 1.378   -6.706  6.801   1.00 31.01  ? 124 TRP A N   1 
ATOM   217  C CA  . TRP A 1 31  ? 2.016   -5.800  5.870   1.00 26.08  ? 124 TRP A CA  1 
ATOM   218  C C   . TRP A 1 31  ? 0.933   -5.174  5.031   1.00 26.64  ? 124 TRP A C   1 
ATOM   219  O O   . TRP A 1 31  ? 0.031   -5.867  4.559   1.00 30.59  ? 124 TRP A O   1 
ATOM   220  C CB  . TRP A 1 31  ? 2.958   -6.570  4.971   1.00 27.66  ? 124 TRP A CB  1 
ATOM   221  C CG  . TRP A 1 31  ? 4.145   -7.078  5.677   1.00 26.75  ? 124 TRP A CG  1 
ATOM   222  C CD1 . TRP A 1 31  ? 4.290   -8.276  6.284   1.00 28.07  ? 124 TRP A CD1 1 
ATOM   223  C CD2 . TRP A 1 31  ? 5.311   -6.321  5.991   1.00 27.72  ? 124 TRP A CD2 1 
ATOM   224  N NE1 . TRP A 1 31  ? 5.557   -8.339  6.871   1.00 29.80  ? 124 TRP A NE1 1 
ATOM   225  C CE2 . TRP A 1 31  ? 6.186   -7.146  6.691   1.00 27.66  ? 124 TRP A CE2 1 
ATOM   226  C CE3 . TRP A 1 31  ? 5.720   -5.012  5.694   1.00 27.14  ? 124 TRP A CE3 1 
ATOM   227  C CZ2 . TRP A 1 31  ? 7.454   -6.703  7.112   1.00 30.08  ? 124 TRP A CZ2 1 
ATOM   228  C CZ3 . TRP A 1 31  ? 6.973   -4.586  6.117   1.00 26.25  ? 124 TRP A CZ3 1 
ATOM   229  C CH2 . TRP A 1 31  ? 7.818   -5.437  6.837   1.00 31.21  ? 124 TRP A CH2 1 
ATOM   230  N N   . GLY A 1 32  ? 1.074   -3.867  4.777   1.00 24.97  ? 125 GLY A N   1 
ATOM   231  C CA  . GLY A 1 32  ? 0.090   -3.101  3.994   1.00 27.54  ? 125 GLY A CA  1 
ATOM   232  C C   . GLY A 1 32  ? 0.791   -1.890  3.426   1.00 24.45  ? 125 GLY A C   1 
ATOM   233  O O   . GLY A 1 32  ? 1.960   -1.566  3.781   1.00 26.44  ? 125 GLY A O   1 
ATOM   234  N N   . PHE A 1 33  ? 0.136   -1.227  2.439   1.00 26.36  ? 126 PHE A N   1 
ATOM   235  C CA  . PHE A 1 33  ? 0.665   -0.006  1.899   1.00 24.41  ? 126 PHE A CA  1 
ATOM   236  C C   . PHE A 1 33  ? 0.444   1.092   2.964   1.00 26.39  ? 126 PHE A C   1 
ATOM   237  O O   . PHE A 1 33  ? -0.485  1.042   3.744   1.00 26.58  ? 126 PHE A O   1 
ATOM   238  C CB  . PHE A 1 33  ? -0.029  0.397   0.604   1.00 25.41  ? 126 PHE A CB  1 
ATOM   239  C CG  . PHE A 1 33  ? 0.198   -0.577  -0.471  1.00 24.28  ? 126 PHE A CG  1 
ATOM   240  C CD1 . PHE A 1 33  ? 1.400   -0.588  -1.143  1.00 26.91  ? 126 PHE A CD1 1 
ATOM   241  C CD2 . PHE A 1 33  ? -0.723  -1.523  -0.779  1.00 25.78  ? 126 PHE A CD2 1 
ATOM   242  C CE1 . PHE A 1 33  ? 1.679   -1.472  -2.133  1.00 27.77  ? 126 PHE A CE1 1 
ATOM   243  C CE2 . PHE A 1 33  ? -0.427  -2.459  -1.735  1.00 26.16  ? 126 PHE A CE2 1 
ATOM   244  C CZ  . PHE A 1 33  ? 0.753   -2.409  -2.466  1.00 25.45  ? 126 PHE A CZ  1 
ATOM   245  N N   . PRO A 1 34  ? 1.371   2.052   3.026   1.00 24.47  ? 127 PRO A N   1 
ATOM   246  C CA  . PRO A 1 34  ? 1.238   3.174   3.913   1.00 26.69  ? 127 PRO A CA  1 
ATOM   247  C C   . PRO A 1 34  ? 0.028   4.010   3.538   1.00 27.51  ? 127 PRO A C   1 
ATOM   248  O O   . PRO A 1 34  ? -0.104  4.431   2.429   1.00 27.79  ? 127 PRO A O   1 
ATOM   249  C CB  . PRO A 1 34  ? 2.602   3.905   3.787   1.00 25.82  ? 127 PRO A CB  1 
ATOM   250  C CG  . PRO A 1 34  ? 3.098   3.563   2.451   1.00 26.08  ? 127 PRO A CG  1 
ATOM   251  C CD  . PRO A 1 34  ? 2.563   2.178   2.202   1.00 25.42  ? 127 PRO A CD  1 
ATOM   252  N N   . LYS A 1 35  ? -0.855  4.236   4.521   1.00 27.37  ? 128 LYS A N   1 
ATOM   253  C CA  . LYS A 1 35  ? -2.052  4.987   4.331   1.00 31.01  ? 128 LYS A CA  1 
ATOM   254  C C   . LYS A 1 35  ? -2.675  5.306   5.707   1.00 30.62  ? 128 LYS A C   1 
ATOM   255  O O   . LYS A 1 35  ? -2.352  4.744   6.726   1.00 31.23  ? 128 LYS A O   1 
ATOM   256  C CB  . LYS A 1 35  ? -3.109  4.242   3.523   1.00 29.73  ? 128 LYS A CB  1 
ATOM   257  C CG  . LYS A 1 35  ? -3.600  2.956   4.184   1.00 30.41  ? 128 LYS A CG  1 
ATOM   258  C CD  . LYS A 1 35  ? -4.689  2.306   3.346   1.00 39.19  ? 128 LYS A CD  1 
ATOM   259  C CE  . LYS A 1 35  ? -5.321  1.115   4.086   1.00 42.76  ? 128 LYS A CE  1 
ATOM   260  N NZ  . LYS A 1 35  ? -6.401  1.620   5.002   1.00 48.11  ? 128 LYS A NZ  1 
ATOM   261  N N   . GLY A 1 36  ? -3.613  6.216   5.669   1.00 32.20  ? 129 GLY A N   1 
ATOM   262  C CA  . GLY A 1 36  ? -4.337  6.589   6.863   1.00 32.06  ? 129 GLY A CA  1 
ATOM   263  C C   . GLY A 1 36  ? -5.577  7.458   6.523   1.00 34.63  ? 129 GLY A C   1 
ATOM   264  O O   . GLY A 1 36  ? -5.862  7.852   5.373   1.00 33.20  ? 129 GLY A O   1 
ATOM   265  N N   . LYS A 1 37  ? -6.276  7.792   7.619   1.00 36.94  ? 130 LYS A N   1 
ATOM   266  C CA  . LYS A 1 37  ? -7.526  8.514   7.617   1.00 38.96  ? 130 LYS A CA  1 
ATOM   267  C C   . LYS A 1 37  ? -7.410  9.999   7.305   1.00 36.00  ? 130 LYS A C   1 
ATOM   268  O O   . LYS A 1 37  ? -6.530  10.667  7.817   1.00 37.48  ? 130 LYS A O   1 
ATOM   269  C CB  . LYS A 1 37  ? -8.207  8.250   8.974   1.00 42.36  ? 130 LYS A CB  1 
ATOM   270  C CG  . LYS A 1 37  ? -8.937  6.902   9.060   1.00 46.02  ? 130 LYS A CG  1 
ATOM   271  C CD  . LYS A 1 37  ? -9.875  6.748   10.286  1.00 54.28  ? 130 LYS A CD  1 
ATOM   272  N N   . VAL A 1 38  ? -8.255  10.443  6.378   1.00 37.64  ? 131 VAL A N   1 
ATOM   273  C CA  . VAL A 1 38  ? -8.290  11.847  5.992   1.00 44.30  ? 131 VAL A CA  1 
ATOM   274  C C   . VAL A 1 38  ? -8.743  12.698  7.184   1.00 43.78  ? 131 VAL A C   1 
ATOM   275  O O   . VAL A 1 38  ? -9.662  12.268  7.895   1.00 47.75  ? 131 VAL A O   1 
ATOM   276  C CB  . VAL A 1 38  ? -9.157  12.082  4.744   1.00 46.35  ? 131 VAL A CB  1 
ATOM   277  C CG1 . VAL A 1 38  ? -10.647 11.801  4.990   1.00 49.33  ? 131 VAL A CG1 1 
ATOM   278  C CG2 . VAL A 1 38  ? -8.933  13.481  4.213   1.00 48.85  ? 131 VAL A CG2 1 
ATOM   279  N N   . ASN A 1 39  ? -8.072  13.835  7.417   1.00 47.80  ? 132 ASN A N   1 
ATOM   280  C CA  . ASN A 1 39  ? -8.514  14.836  8.440   1.00 50.77  ? 132 ASN A CA  1 
ATOM   281  C C   . ASN A 1 39  ? -9.605  15.735  7.836   1.00 53.20  ? 132 ASN A C   1 
ATOM   282  O O   . ASN A 1 39  ? -9.719  15.841  6.626   1.00 45.84  ? 132 ASN A O   1 
ATOM   283  C CB  . ASN A 1 39  ? -7.369  15.696  8.959   1.00 48.43  ? 132 ASN A CB  1 
ATOM   284  C CG  . ASN A 1 39  ? -6.346  14.921  9.746   1.00 42.30  ? 132 ASN A CG  1 
ATOM   285  O OD1 . ASN A 1 39  ? -6.646  13.919  10.405  1.00 51.13  ? 132 ASN A OD1 1 
ATOM   286  N ND2 . ASN A 1 39  ? -5.121  15.403  9.727   1.00 45.14  ? 132 ASN A ND2 1 
ATOM   287  N N   . LYS A 1 40  ? -10.449 16.361  8.675   1.00 60.42  ? 133 LYS A N   1 
ATOM   288  C CA  . LYS A 1 40  ? -11.434 17.371  8.187   1.00 53.86  ? 133 LYS A CA  1 
ATOM   289  C C   . LYS A 1 40  ? -10.794 18.493  7.327   1.00 52.01  ? 133 LYS A C   1 
ATOM   290  O O   . LYS A 1 40  ? -9.744  19.060  7.682   1.00 53.64  ? 133 LYS A O   1 
ATOM   291  C CB  . LYS A 1 40  ? -12.172 18.001  9.383   1.00 65.05  ? 133 LYS A CB  1 
ATOM   292  N N   . GLU A 1 41  ? -11.408 18.791  6.191   1.00 56.68  ? 134 GLU A N   1 
ATOM   293  C CA  . GLU A 1 41  ? -10.920 19.855  5.271   1.00 62.04  ? 134 GLU A CA  1 
ATOM   294  C C   . GLU A 1 41  ? -9.564  19.541  4.591   1.00 68.54  ? 134 GLU A C   1 
ATOM   295  O O   . GLU A 1 41  ? -8.995  20.429  3.943   1.00 75.15  ? 134 GLU A O   1 
ATOM   296  C CB  . GLU A 1 41  ? -10.883 21.255  5.951   1.00 62.49  ? 134 GLU A CB  1 
ATOM   297  N N   . GLU A 1 42  ? -9.077  18.287  4.670   1.00 63.18  ? 135 GLU A N   1 
ATOM   298  C CA  . GLU A 1 42  ? -7.766  17.923  4.086   1.00 48.87  ? 135 GLU A CA  1 
ATOM   299  C C   . GLU A 1 42  ? -7.990  17.360  2.687   1.00 46.07  ? 135 GLU A C   1 
ATOM   300  O O   . GLU A 1 42  ? -8.913  16.586  2.506   1.00 44.00  ? 135 GLU A O   1 
ATOM   301  C CB  . GLU A 1 42  ? -7.089  16.908  4.983   1.00 48.39  ? 135 GLU A CB  1 
ATOM   302  C CG  . GLU A 1 42  ? -5.688  16.534  4.517   1.00 42.20  ? 135 GLU A CG  1 
ATOM   303  C CD  . GLU A 1 42  ? -5.025  15.536  5.427   1.00 38.07  ? 135 GLU A CD  1 
ATOM   304  O OE1 . GLU A 1 42  ? -5.766  14.644  5.936   1.00 38.18  ? 135 GLU A OE1 1 
ATOM   305  O OE2 . GLU A 1 42  ? -3.806  15.679  5.678   1.00 43.19  ? 135 GLU A OE2 1 
ATOM   306  N N   . ALA A 1 43  ? -7.210  17.809  1.698   1.00 45.46  ? 136 ALA A N   1 
ATOM   307  C CA  . ALA A 1 43  ? -7.338  17.352  0.320   1.00 48.66  ? 136 ALA A CA  1 
ATOM   308  C C   . ALA A 1 43  ? -6.771  15.894  0.275   1.00 39.01  ? 136 ALA A C   1 
ATOM   309  O O   . ALA A 1 43  ? -5.841  15.638  1.008   1.00 41.63  ? 136 ALA A O   1 
ATOM   310  C CB  . ALA A 1 43  ? -6.524  18.248  -0.619  1.00 47.12  ? 136 ALA A CB  1 
ATOM   311  N N   . PRO A 1 44  ? -7.320  15.035  -0.589  1.00 43.57  ? 137 PRO A N   1 
ATOM   312  C CA  . PRO A 1 44  ? -6.773  13.650  -0.721  1.00 42.14  ? 137 PRO A CA  1 
ATOM   313  C C   . PRO A 1 44  ? -5.252  13.644  -0.917  1.00 41.07  ? 137 PRO A C   1 
ATOM   314  O O   . PRO A 1 44  ? -4.562  12.873  -0.224  1.00 42.64  ? 137 PRO A O   1 
ATOM   315  C CB  . PRO A 1 44  ? -7.520  13.095  -1.943  1.00 46.73  ? 137 PRO A CB  1 
ATOM   316  C CG  . PRO A 1 44  ? -8.802  13.897  -2.011  1.00 46.70  ? 137 PRO A CG  1 
ATOM   317  C CD  . PRO A 1 44  ? -8.426  15.279  -1.519  1.00 47.04  ? 137 PRO A CD  1 
ATOM   318  N N   . HIS A 1 45  ? -4.696  14.486  -1.789  1.00 37.10  ? 138 HIS A N   1 
ATOM   319  C CA  . HIS A 1 45  ? -3.234  14.454  -2.003  1.00 40.03  ? 138 HIS A CA  1 
ATOM   320  C C   . HIS A 1 45  ? -2.398  14.815  -0.783  1.00 35.56  ? 138 HIS A C   1 
ATOM   321  O O   . HIS A 1 45  ? -1.299  14.256  -0.546  1.00 31.62  ? 138 HIS A O   1 
ATOM   322  C CB  . HIS A 1 45  ? -2.817  15.202  -3.279  1.00 44.34  ? 138 HIS A CB  1 
ATOM   323  C CG  . HIS A 1 45  ? -2.625  16.670  -3.092  1.00 53.60  ? 138 HIS A CG  1 
ATOM   324  N ND1 . HIS A 1 45  ? -3.647  17.583  -3.290  1.00 60.43  ? 138 HIS A ND1 1 
ATOM   325  C CD2 . HIS A 1 45  ? -1.528  17.396  -2.762  1.00 53.89  ? 138 HIS A CD2 1 
ATOM   326  C CE1 . HIS A 1 45  ? -3.182  18.808  -3.094  1.00 56.08  ? 138 HIS A CE1 1 
ATOM   327  N NE2 . HIS A 1 45  ? -1.905  18.726  -2.757  1.00 57.30  ? 138 HIS A NE2 1 
ATOM   328  N N   . ASP A 1 46  ? -2.886  15.756  0.060   1.00 34.32  ? 139 ASP A N   1 
ATOM   329  C CA  . ASP A 1 46  ? -2.150  16.151  1.231   1.00 35.11  ? 139 ASP A CA  1 
ATOM   330  C C   . ASP A 1 46  ? -2.231  15.039  2.307   1.00 32.87  ? 139 ASP A C   1 
ATOM   331  O O   . ASP A 1 46  ? -1.273  14.825  3.061   1.00 34.77  ? 139 ASP A O   1 
ATOM   332  C CB  . ASP A 1 46  ? -2.761  17.440  1.804   1.00 39.12  ? 139 ASP A CB  1 
ATOM   333  C CG  . ASP A 1 46  ? -2.474  18.646  0.934   1.00 46.38  ? 139 ASP A CG  1 
ATOM   334  O OD1 . ASP A 1 46  ? -1.361  18.761  0.400   1.00 47.13  ? 139 ASP A OD1 1 
ATOM   335  O OD2 . ASP A 1 46  ? -3.397  19.458  0.754   1.00 47.25  ? 139 ASP A OD2 1 
ATOM   336  N N   . CYS A 1 47  ? -3.379  14.378  2.395   1.00 33.34  ? 140 CYS A N   1 
ATOM   337  C CA  . CYS A 1 47  ? -3.556  13.277  3.345   1.00 32.59  ? 140 CYS A CA  1 
ATOM   338  C C   . CYS A 1 47  ? -2.581  12.136  2.952   1.00 28.91  ? 140 CYS A C   1 
ATOM   339  O O   . CYS A 1 47  ? -1.776  11.670  3.786   1.00 29.64  ? 140 CYS A O   1 
ATOM   340  C CB  . CYS A 1 47  ? -4.949  12.740  3.308   1.00 35.39  ? 140 CYS A CB  1 
ATOM   341  S SG  . CYS A 1 47  ? -5.197  11.233  4.293   1.00 37.51  ? 140 CYS A SG  1 
ATOM   342  N N   . ALA A 1 48  ? -2.575  11.806  1.669   1.00 31.66  ? 141 ALA A N   1 
ATOM   343  C CA  . ALA A 1 48  ? -1.639  10.761  1.254   1.00 30.03  ? 141 ALA A CA  1 
ATOM   344  C C   . ALA A 1 48  ? -0.232  11.089  1.621   1.00 28.61  ? 141 ALA A C   1 
ATOM   345  O O   . ALA A 1 48  ? 0.504   10.269  2.152   1.00 29.85  ? 141 ALA A O   1 
ATOM   346  C CB  . ALA A 1 48  ? -1.746  10.503  -0.221  1.00 29.93  ? 141 ALA A CB  1 
ATOM   347  N N   . ALA A 1 49  ? 0.250   12.278  1.252   1.00 30.41  ? 142 ALA A N   1 
ATOM   348  C CA  . ALA A 1 49  ? 1.634   12.622  1.562   1.00 28.90  ? 142 ALA A CA  1 
ATOM   349  C C   . ALA A 1 49  ? 1.894   12.632  3.048   1.00 29.01  ? 142 ALA A C   1 
ATOM   350  O O   . ALA A 1 49  ? 2.979   12.259  3.511   1.00 30.07  ? 142 ALA A O   1 
ATOM   351  C CB  . ALA A 1 49  ? 1.908   13.985  0.996   1.00 30.69  ? 142 ALA A CB  1 
ATOM   352  N N   . ARG A 1 50  ? 0.938   13.159  3.817   1.00 31.72  ? 143 ARG A N   1 
ATOM   353  C CA  . ARG A 1 50  ? 1.096   13.211  5.240   1.00 29.71  ? 143 ARG A CA  1 
ATOM   354  C C   . ARG A 1 50  ? 1.229   11.807  5.878   1.00 29.90  ? 143 ARG A C   1 
ATOM   355  O O   . ARG A 1 50  ? 2.120   11.539  6.705   1.00 31.98  ? 143 ARG A O   1 
ATOM   356  C CB  . ARG A 1 50  ? -0.070  13.975  5.888   1.00 34.33  ? 143 ARG A CB  1 
ATOM   357  C CG  . ARG A 1 50  ? 0.012   13.945  7.408   1.00 34.31  ? 143 ARG A CG  1 
ATOM   358  C CD  . ARG A 1 50  ? -1.126  14.684  8.100   1.00 34.45  ? 143 ARG A CD  1 
ATOM   359  N NE  . ARG A 1 50  ? -2.467  14.238  7.661   1.00 37.82  ? 143 ARG A NE  1 
ATOM   360  C CZ  . ARG A 1 50  ? -3.159  13.165  8.114   1.00 36.21  ? 143 ARG A CZ  1 
ATOM   361  N NH1 . ARG A 1 50  ? -2.730  12.405  9.077   1.00 40.20  ? 143 ARG A NH1 1 
ATOM   362  N NH2 . ARG A 1 50  ? -4.338  12.912  7.608   1.00 40.61  ? 143 ARG A NH2 1 
ATOM   363  N N   . GLU A 1 51  ? 0.328   10.897  5.463   1.00 34.45  ? 144 GLU A N   1 
ATOM   364  C CA  . GLU A 1 51  ? 0.322   9.538   6.023   1.00 32.90  ? 144 GLU A CA  1 
ATOM   365  C C   . GLU A 1 51  ? 1.584   8.821   5.613   1.00 29.74  ? 144 GLU A C   1 
ATOM   366  O O   . GLU A 1 51  ? 2.183   8.156   6.430   1.00 29.86  ? 144 GLU A O   1 
ATOM   367  C CB  . GLU A 1 51  ? -0.889  8.796   5.629   1.00 33.45  ? 144 GLU A CB  1 
ATOM   368  C CG  . GLU A 1 51  ? -2.188  9.375   6.177   1.00 35.18  ? 144 GLU A CG  1 
ATOM   369  C CD  . GLU A 1 51  ? -2.451  9.041   7.626   1.00 39.97  ? 144 GLU A CD  1 
ATOM   370  O OE1 . GLU A 1 51  ? -1.685  8.278   8.218   1.00 42.53  ? 144 GLU A OE1 1 
ATOM   371  O OE2 . GLU A 1 51  ? -3.465  9.518   8.178   1.00 47.43  ? 144 GLU A OE2 1 
ATOM   372  N N   . VAL A 1 52  ? 2.034   9.007   4.368   1.00 27.88  ? 145 VAL A N   1 
ATOM   373  C CA  . VAL A 1 52  ? 3.237   8.347   3.901   1.00 27.77  ? 145 VAL A CA  1 
ATOM   374  C C   . VAL A 1 52  ? 4.472   8.867   4.573   1.00 29.95  ? 145 VAL A C   1 
ATOM   375  O O   . VAL A 1 52  ? 5.361   8.108   4.949   1.00 29.09  ? 145 VAL A O   1 
ATOM   376  C CB  . VAL A 1 52  ? 3.282   8.385   2.375   1.00 27.75  ? 145 VAL A CB  1 
ATOM   377  C CG1 . VAL A 1 52  ? 4.610   7.833   1.928   1.00 31.58  ? 145 VAL A CG1 1 
ATOM   378  C CG2 . VAL A 1 52  ? 2.118   7.538   1.827   1.00 33.45  ? 145 VAL A CG2 1 
ATOM   379  N N   . PHE A 1 53  ? 4.508   10.200  4.810   1.00 30.31  ? 146 PHE A N   1 
ATOM   380  C CA  . PHE A 1 53  ? 5.625   10.731  5.551   1.00 29.87  ? 146 PHE A CA  1 
ATOM   381  C C   . PHE A 1 53  ? 5.686   10.302  7.026   1.00 28.16  ? 146 PHE A C   1 
ATOM   382  O O   . PHE A 1 53  ? 6.755   9.927   7.512   1.00 33.96  ? 146 PHE A O   1 
ATOM   383  C CB  . PHE A 1 53  ? 5.654   12.293  5.400   1.00 32.10  ? 146 PHE A CB  1 
ATOM   384  C CG  . PHE A 1 53  ? 6.895   12.904  5.933   1.00 34.06  ? 146 PHE A CG  1 
ATOM   385  C CD1 . PHE A 1 53  ? 8.070   12.858  5.224   1.00 40.06  ? 146 PHE A CD1 1 
ATOM   386  C CD2 . PHE A 1 53  ? 6.909   13.406  7.238   1.00 43.46  ? 146 PHE A CD2 1 
ATOM   387  C CE1 . PHE A 1 53  ? 9.234   13.383  5.720   1.00 44.38  ? 146 PHE A CE1 1 
ATOM   388  C CE2 . PHE A 1 53  ? 8.095   13.910  7.755   1.00 46.14  ? 146 PHE A CE2 1 
ATOM   389  C CZ  . PHE A 1 53  ? 9.257   13.886  6.997   1.00 43.25  ? 146 PHE A CZ  1 
ATOM   390  N N   . GLU A 1 54  ? 4.520   10.280  7.679   1.00 30.75  ? 147 GLU A N   1 
ATOM   391  C CA  . GLU A 1 54  ? 4.412   9.762   9.091   1.00 32.65  ? 147 GLU A CA  1 
ATOM   392  C C   . GLU A 1 54  ? 4.876   8.312   9.227   1.00 33.62  ? 147 GLU A C   1 
ATOM   393  O O   . GLU A 1 54  ? 5.513   7.907   10.179  1.00 39.76  ? 147 GLU A O   1 
ATOM   394  C CB  . GLU A 1 54  ? 2.981   9.842   9.593   1.00 40.61  ? 147 GLU A CB  1 
ATOM   395  C CG  . GLU A 1 54  ? 2.445   11.207  9.971   1.00 52.71  ? 147 GLU A CG  1 
ATOM   396  C CD  . GLU A 1 54  ? 0.934   11.172  10.356  1.00 61.54  ? 147 GLU A CD  1 
ATOM   397  O OE1 . GLU A 1 54  ? 0.327   10.053  10.359  1.00 66.11  ? 147 GLU A OE1 1 
ATOM   398  O OE2 . GLU A 1 54  ? 0.327   12.272  10.633  1.00 59.84  ? 147 GLU A OE2 1 
ATOM   399  N N   . GLU A 1 55  ? 4.479   7.484   8.259   1.00 32.00  ? 148 GLU A N   1 
ATOM   400  C CA  . GLU A 1 55  ? 4.807   6.056   8.353   1.00 31.99  ? 148 GLU A CA  1 
ATOM   401  C C   . GLU A 1 55  ? 6.141   5.603   7.752   1.00 30.63  ? 148 GLU A C   1 
ATOM   402  O O   . GLU A 1 55  ? 6.603   4.516   8.031   1.00 33.00  ? 148 GLU A O   1 
ATOM   403  C CB  . GLU A 1 55  ? 3.625   5.280   7.752   1.00 29.61  ? 148 GLU A CB  1 
ATOM   404  C CG  . GLU A 1 55  ? 2.336   5.508   8.482   1.00 33.99  ? 148 GLU A CG  1 
ATOM   405  C CD  . GLU A 1 55  ? 1.133   5.031   7.747   1.00 42.06  ? 148 GLU A CD  1 
ATOM   406  O OE1 . GLU A 1 55  ? 1.259   4.121   6.896   1.00 35.82  ? 148 GLU A OE1 1 
ATOM   407  O OE2 . GLU A 1 55  ? 0.060   5.570   8.047   1.00 43.84  ? 148 GLU A OE2 1 
ATOM   408  N N   . THR A 1 56  ? 6.754   6.412   6.899   1.00 29.18  ? 149 THR A N   1 
ATOM   409  C CA  . THR A 1 56  ? 7.970   5.996   6.158   1.00 31.53  ? 149 THR A CA  1 
ATOM   410  C C   . THR A 1 56  ? 9.106   6.985   6.206   1.00 30.41  ? 149 THR A C   1 
ATOM   411  O O   . THR A 1 56  ? 10.189  6.635   5.835   1.00 37.11  ? 149 THR A O   1 
ATOM   412  C CB  . THR A 1 56  ? 7.721   5.728   4.646   1.00 32.36  ? 149 THR A CB  1 
ATOM   413  O OG1 . THR A 1 56  ? 7.425   6.906   3.943   1.00 29.86  ? 149 THR A OG1 1 
ATOM   414  C CG2 . THR A 1 56  ? 6.472   4.833   4.412   1.00 31.19  ? 149 THR A CG2 1 
ATOM   415  N N   . GLY A 1 57  ? 8.801   8.208   6.577   1.00 35.03  ? 150 GLY A N   1 
ATOM   416  C CA  . GLY A 1 57  ? 9.754   9.311   6.484   1.00 36.62  ? 150 GLY A CA  1 
ATOM   417  C C   . GLY A 1 57  ? 10.111  9.741   5.077   1.00 37.80  ? 150 GLY A C   1 
ATOM   418  O O   . GLY A 1 57  ? 11.137  10.392  4.873   1.00 40.89  ? 150 GLY A O   1 
ATOM   419  N N   . PHE A 1 58  ? 9.330   9.360   4.076   1.00 33.60  ? 151 PHE A N   1 
ATOM   420  C CA  . PHE A 1 58  ? 9.681   9.713   2.699   1.00 32.19  ? 151 PHE A CA  1 
ATOM   421  C C   . PHE A 1 58  ? 8.615   10.635  2.268   1.00 31.18  ? 151 PHE A C   1 
ATOM   422  O O   . PHE A 1 58  ? 7.422   10.362  2.434   1.00 34.15  ? 151 PHE A O   1 
ATOM   423  C CB  . PHE A 1 58  ? 9.766   8.519   1.821   1.00 31.96  ? 151 PHE A CB  1 
ATOM   424  C CG  . PHE A 1 58  ? 10.120  8.840   0.435   1.00 32.23  ? 151 PHE A CG  1 
ATOM   425  C CD1 . PHE A 1 58  ? 11.429  9.196   0.137   1.00 34.05  ? 151 PHE A CD1 1 
ATOM   426  C CD2 . PHE A 1 58  ? 9.146   8.924   -0.548  1.00 31.35  ? 151 PHE A CD2 1 
ATOM   427  C CE1 . PHE A 1 58  ? 11.746  9.508   -1.145  1.00 36.86  ? 151 PHE A CE1 1 
ATOM   428  C CE2 . PHE A 1 58  ? 9.467   9.219   -1.848  1.00 35.12  ? 151 PHE A CE2 1 
ATOM   429  C CZ  . PHE A 1 58  ? 10.775  9.512   -2.130  1.00 34.65  ? 151 PHE A CZ  1 
ATOM   430  N N   . ASP A 1 59  ? 8.990   11.756  1.614   1.00 33.75  ? 152 ASP A N   1 
ATOM   431  C CA  . ASP A 1 59  ? 7.999   12.738  1.213   1.00 34.41  ? 152 ASP A CA  1 
ATOM   432  C C   . ASP A 1 59  ? 7.656   12.593  -0.210  1.00 33.23  ? 152 ASP A C   1 
ATOM   433  O O   . ASP A 1 59  ? 8.527   12.764  -1.115  1.00 36.63  ? 152 ASP A O   1 
ATOM   434  C CB  . ASP A 1 59  ? 8.603   14.136  1.471   1.00 36.38  ? 152 ASP A CB  1 
ATOM   435  C CG  . ASP A 1 59  ? 7.686   15.296  1.122   1.00 40.19  ? 152 ASP A CG  1 
ATOM   436  O OD1 . ASP A 1 59  ? 6.521   15.166  0.699   1.00 35.35  ? 152 ASP A OD1 1 
ATOM   437  O OD2 . ASP A 1 59  ? 8.163   16.471  1.306   1.00 46.06  ? 152 ASP A OD2 1 
ATOM   438  N N   . ILE A 1 60  ? 6.405   12.306  -0.471  1.00 34.40  ? 153 ILE A N   1 
ATOM   439  C CA  . ILE A 1 60  ? 5.978   12.045  -1.848  1.00 32.25  ? 153 ILE A CA  1 
ATOM   440  C C   . ILE A 1 60  ? 5.407   13.289  -2.535  1.00 35.47  ? 153 ILE A C   1 
ATOM   441  O O   . ILE A 1 60  ? 4.937   13.227  -3.639  1.00 34.03  ? 153 ILE A O   1 
ATOM   442  C CB  . ILE A 1 60  ? 4.963   10.872  -1.938  1.00 32.06  ? 153 ILE A CB  1 
ATOM   443  C CG1 . ILE A 1 60  ? 3.675   11.199  -1.265  1.00 33.18  ? 153 ILE A CG1 1 
ATOM   444  C CG2 . ILE A 1 60  ? 5.611   9.594   -1.451  1.00 33.04  ? 153 ILE A CG2 1 
ATOM   445  C CD1 . ILE A 1 60  ? 2.551   10.199  -1.477  1.00 31.35  ? 153 ILE A CD1 1 
ATOM   446  N N   . LYS A 1 61  ? 5.329   14.409  -1.840  1.00 34.99  ? 154 LYS A N   1 
ATOM   447  C CA  . LYS A 1 61  ? 4.554   15.484  -2.357  1.00 35.14  ? 154 LYS A CA  1 
ATOM   448  C C   . LYS A 1 61  ? 5.058   15.941  -3.768  1.00 35.22  ? 154 LYS A C   1 
ATOM   449  O O   . LYS A 1 61  ? 4.235   16.237  -4.588  1.00 35.28  ? 154 LYS A O   1 
ATOM   450  C CB  . LYS A 1 61  ? 4.483   16.660  -1.325  1.00 43.15  ? 154 LYS A CB  1 
ATOM   451  C CG  . LYS A 1 61  ? 4.397   18.070  -1.890  1.00 61.94  ? 154 LYS A CG  1 
ATOM   452  C CD  . LYS A 1 61  ? 4.392   19.171  -0.805  1.00 71.50  ? 154 LYS A CD  1 
ATOM   453  C CE  . LYS A 1 61  ? 5.701   19.262  0.017   1.00 81.14  ? 154 LYS A CE  1 
ATOM   454  N NZ  . LYS A 1 61  ? 6.940   19.626  -0.738  1.00 79.79  ? 154 LYS A NZ  1 
ATOM   455  N N   . ASP A 1 62  ? 6.366   15.981  -3.988  1.00 36.38  ? 155 ASP A N   1 
ATOM   456  C CA  . ASP A 1 62  ? 6.936   16.406  -5.293  1.00 34.81  ? 155 ASP A CA  1 
ATOM   457  C C   . ASP A 1 62  ? 6.657   15.381  -6.398  1.00 41.99  ? 155 ASP A C   1 
ATOM   458  O O   . ASP A 1 62  ? 6.754   15.720  -7.566  1.00 40.85  ? 155 ASP A O   1 
ATOM   459  C CB  . ASP A 1 62  ? 8.470   16.605  -5.153  1.00 43.29  ? 155 ASP A CB  1 
ATOM   460  C CG  . ASP A 1 62  ? 8.873   17.865  -4.348  1.00 50.46  ? 155 ASP A CG  1 
ATOM   461  O OD1 . ASP A 1 62  ? 8.029   18.718  -4.077  1.00 44.56  ? 155 ASP A OD1 1 
ATOM   462  O OD2 . ASP A 1 62  ? 10.063  18.014  -4.020  1.00 50.67  ? 155 ASP A OD2 1 
ATOM   463  N N   . TYR A 1 63  ? 6.226   14.140  -6.038  1.00 34.34  ? 156 TYR A N   1 
ATOM   464  C CA  . TYR A 1 63  ? 5.992   13.046  -7.010  1.00 35.72  ? 156 TYR A CA  1 
ATOM   465  C C   . TYR A 1 63  ? 4.578   12.602  -7.274  1.00 36.34  ? 156 TYR A C   1 
ATOM   466  O O   . TYR A 1 63  ? 4.232   11.901  -8.267  1.00 39.31  ? 156 TYR A O   1 
ATOM   467  C CB  . TYR A 1 63  ? 6.739   11.865  -6.524  1.00 37.33  ? 156 TYR A CB  1 
ATOM   468  C CG  . TYR A 1 63  ? 8.093   12.174  -6.262  1.00 35.80  ? 156 TYR A CG  1 
ATOM   469  C CD1 . TYR A 1 63  ? 8.852   12.882  -7.210  1.00 44.19  ? 156 TYR A CD1 1 
ATOM   470  C CD2 . TYR A 1 63  ? 8.616   11.978  -5.061  1.00 36.23  ? 156 TYR A CD2 1 
ATOM   471  C CE1 . TYR A 1 63  ? 10.122  13.261  -6.944  1.00 39.99  ? 156 TYR A CE1 1 
ATOM   472  C CE2 . TYR A 1 63  ? 9.890   12.354  -4.735  1.00 37.18  ? 156 TYR A CE2 1 
ATOM   473  C CZ  . TYR A 1 63  ? 10.661  12.994  -5.700  1.00 44.98  ? 156 TYR A CZ  1 
ATOM   474  O OH  . TYR A 1 63  ? 11.924  13.364  -5.379  1.00 49.45  ? 156 TYR A OH  1 
ATOM   475  N N   . ILE A 1 64  ? 3.682   12.967  -6.388  1.00 37.40  ? 157 ILE A N   1 
ATOM   476  C CA  . ILE A 1 64  ? 2.312   12.627  -6.648  1.00 34.01  ? 157 ILE A CA  1 
ATOM   477  C C   . ILE A 1 64  ? 1.806   13.136  -7.957  1.00 41.34  ? 157 ILE A C   1 
ATOM   478  O O   . ILE A 1 64  ? 2.071   14.317  -8.312  1.00 41.03  ? 157 ILE A O   1 
ATOM   479  C CB  . ILE A 1 64  ? 1.286   13.177  -5.567  1.00 42.04  ? 157 ILE A CB  1 
ATOM   480  C CG1 . ILE A 1 64  ? 1.344   12.338  -4.342  1.00 45.37  ? 157 ILE A CG1 1 
ATOM   481  C CG2 . ILE A 1 64  ? -0.173  13.062  -6.019  1.00 40.30  ? 157 ILE A CG2 1 
ATOM   482  C CD1 . ILE A 1 64  ? 0.330   12.755  -3.279  1.00 43.48  ? 157 ILE A CD1 1 
ATOM   483  N N   A CYS A 1 65  ? 1.109   12.271  -8.693  0.25 37.17  ? 158 CYS A N   1 
ATOM   484  N N   B CYS A 1 65  ? 1.032   12.309  -8.650  0.25 42.10  ? 158 CYS A N   1 
ATOM   485  C CA  A CYS A 1 65  ? 0.404   12.651  -9.898  0.25 37.63  ? 158 CYS A CA  1 
ATOM   486  C CA  B CYS A 1 65  ? 0.463   12.649  -9.932  0.25 46.50  ? 158 CYS A CA  1 
ATOM   487  C C   A CYS A 1 65  ? -1.043  12.452  -9.638  0.25 42.75  ? 158 CYS A C   1 
ATOM   488  C C   B CYS A 1 65  ? -1.035  12.411  -9.811  0.25 47.89  ? 158 CYS A C   1 
ATOM   489  O O   A CYS A 1 65  ? -1.455  11.379  -9.204  0.25 43.82  ? 158 CYS A O   1 
ATOM   490  O O   B CYS A 1 65  ? -1.463  11.266  -9.647  0.25 49.26  ? 158 CYS A O   1 
ATOM   491  C CB  A CYS A 1 65  ? 0.823   11.816  -11.085 0.25 33.79  ? 158 CYS A CB  1 
ATOM   492  C CB  B CYS A 1 65  ? 1.133   11.806  -11.021 0.25 48.11  ? 158 CYS A CB  1 
ATOM   493  S SG  A CYS A 1 65  ? 2.520   12.082  -11.548 0.25 31.31  ? 158 CYS A SG  1 
ATOM   494  S SG  B CYS A 1 65  ? 0.394   11.872  -12.665 0.25 60.30  ? 158 CYS A SG  1 
ATOM   495  N N   . LYS A 1 66  ? -1.818  13.496  -9.906  1.00 48.17  ? 159 LYS A N   1 
ATOM   496  C CA  . LYS A 1 66  ? -3.239  13.535  -9.542  1.00 48.29  ? 159 LYS A CA  1 
ATOM   497  C C   . LYS A 1 66  ? -4.113  12.424  -10.012 1.00 42.64  ? 159 LYS A C   1 
ATOM   498  O O   . LYS A 1 66  ? -4.970  11.944  -9.247  1.00 45.10  ? 159 LYS A O   1 
ATOM   499  C CB  . LYS A 1 66  ? -3.848  14.890  -9.978  1.00 49.89  ? 159 LYS A CB  1 
ATOM   500  C CG  . LYS A 1 66  ? -4.057  15.046  -11.476 1.00 53.26  ? 159 LYS A CG  1 
ATOM   501  N N   . ASP A 1 67  ? -3.871  11.936  -11.222 1.00 46.51  ? 160 ASP A N   1 
ATOM   502  C CA  . ASP A 1 67  ? -4.704  10.876  -11.805 1.00 49.43  ? 160 ASP A CA  1 
ATOM   503  C C   . ASP A 1 67  ? -4.064  9.501   -11.796 1.00 46.13  ? 160 ASP A C   1 
ATOM   504  O O   . ASP A 1 67  ? -4.593  8.563   -12.411 1.00 46.95  ? 160 ASP A O   1 
ATOM   505  C CB  . ASP A 1 67  ? -5.023  11.243  -13.261 1.00 63.28  ? 160 ASP A CB  1 
ATOM   506  C CG  . ASP A 1 67  ? -5.597  12.642  -13.374 1.00 69.13  ? 160 ASP A CG  1 
ATOM   507  O OD1 . ASP A 1 67  ? -6.685  12.834  -12.800 1.00 66.18  ? 160 ASP A OD1 1 
ATOM   508  O OD2 . ASP A 1 67  ? -4.931  13.543  -13.947 1.00 75.30  ? 160 ASP A OD2 1 
ATOM   509  N N   . ASP A 1 68  ? -2.954  9.352   -11.074 1.00 43.18  ? 161 ASP A N   1 
ATOM   510  C CA  . ASP A 1 68  ? -2.331  8.052   -10.965 1.00 38.14  ? 161 ASP A CA  1 
ATOM   511  C C   . ASP A 1 68  ? -2.553  7.461   -9.571  1.00 31.77  ? 161 ASP A C   1 
ATOM   512  O O   . ASP A 1 68  ? -1.772  7.702   -8.632  1.00 32.34  ? 161 ASP A O   1 
ATOM   513  C CB  . ASP A 1 68  ? -0.825  8.163   -11.219 1.00 34.79  ? 161 ASP A CB  1 
ATOM   514  C CG  . ASP A 1 68  ? -0.451  8.589   -12.636 1.00 44.60  ? 161 ASP A CG  1 
ATOM   515  O OD1 . ASP A 1 68  ? -1.342  8.735   -13.458 1.00 42.63  ? 161 ASP A OD1 1 
ATOM   516  O OD2 . ASP A 1 68  ? 0.783   8.748   -12.926 1.00 39.17  ? 161 ASP A OD2 1 
ATOM   517  N N   . TYR A 1 69  ? -3.582  6.665   -9.455  1.00 33.99  ? 162 TYR A N   1 
ATOM   518  C CA  . TYR A 1 69  ? -3.902  6.044   -8.163  1.00 31.32  ? 162 TYR A CA  1 
ATOM   519  C C   . TYR A 1 69  ? -4.741  4.823   -8.442  1.00 36.37  ? 162 TYR A C   1 
ATOM   520  O O   . TYR A 1 69  ? -5.185  4.608   -9.566  1.00 37.56  ? 162 TYR A O   1 
ATOM   521  C CB  . TYR A 1 69  ? -4.535  7.057   -7.222  1.00 31.66  ? 162 TYR A CB  1 
ATOM   522  C CG  . TYR A 1 69  ? -5.864  7.664   -7.803  1.00 40.46  ? 162 TYR A CG  1 
ATOM   523  C CD1 . TYR A 1 69  ? -7.022  6.932   -7.747  1.00 39.56  ? 162 TYR A CD1 1 
ATOM   524  C CD2 . TYR A 1 69  ? -5.894  8.931   -8.391  1.00 43.76  ? 162 TYR A CD2 1 
ATOM   525  C CE1 . TYR A 1 69  ? -8.220  7.406   -8.251  1.00 46.72  ? 162 TYR A CE1 1 
ATOM   526  C CE2 . TYR A 1 69  ? -7.077  9.429   -8.924  1.00 43.09  ? 162 TYR A CE2 1 
ATOM   527  C CZ  . TYR A 1 69  ? -8.231  8.672   -8.825  1.00 55.41  ? 162 TYR A CZ  1 
ATOM   528  O OH  . TYR A 1 69  ? -9.406  9.135   -9.328  1.00 58.40  ? 162 TYR A OH  1 
ATOM   529  N N   . ILE A 1 70  ? -4.824  3.954   -7.447  1.00 31.86  ? 163 ILE A N   1 
ATOM   530  C CA  . ILE A 1 70  ? -5.815  2.873   -7.382  1.00 36.01  ? 163 ILE A CA  1 
ATOM   531  C C   . ILE A 1 70  ? -6.659  3.112   -6.188  1.00 34.68  ? 163 ILE A C   1 
ATOM   532  O O   . ILE A 1 70  ? -6.147  3.323   -5.104  1.00 32.92  ? 163 ILE A O   1 
ATOM   533  C CB  . ILE A 1 70  ? -5.097  1.546   -7.263  1.00 37.45  ? 163 ILE A CB  1 
ATOM   534  C CG1 . ILE A 1 70  ? -4.436  1.311   -8.598  1.00 42.27  ? 163 ILE A CG1 1 
ATOM   535  C CG2 . ILE A 1 70  ? -6.091  0.425   -6.928  1.00 40.10  ? 163 ILE A CG2 1 
ATOM   536  C CD1 . ILE A 1 70  ? -3.431  0.202   -8.492  1.00 47.33  ? 163 ILE A CD1 1 
ATOM   537  N N   . GLU A 1 71  ? -7.995  3.008   -6.378  1.00 35.37  ? 164 GLU A N   1 
ATOM   538  C CA  . GLU A 1 71  ? -8.965  3.234   -5.343  1.00 38.22  ? 164 GLU A CA  1 
ATOM   539  C C   . GLU A 1 71  ? -9.848  2.004   -5.246  1.00 38.82  ? 164 GLU A C   1 
ATOM   540  O O   . GLU A 1 71  ? -10.279 1.477   -6.260  1.00 40.86  ? 164 GLU A O   1 
ATOM   541  C CB  . GLU A 1 71  ? -9.780  4.456   -5.725  1.00 43.60  ? 164 GLU A CB  1 
ATOM   542  C CG  . GLU A 1 71  ? -10.935 4.804   -4.831  1.00 53.83  ? 164 GLU A CG  1 
ATOM   543  C CD  . GLU A 1 71  ? -11.493 6.163   -5.205  1.00 59.37  ? 164 GLU A CD  1 
ATOM   544  O OE1 . GLU A 1 71  ? -12.477 6.205   -5.983  1.00 69.16  ? 164 GLU A OE1 1 
ATOM   545  O OE2 . GLU A 1 71  ? -10.912 7.172   -4.764  1.00 52.91  ? 164 GLU A OE2 1 
ATOM   546  N N   . LEU A 1 72  ? -10.027 1.497   -4.048  1.00 34.77  ? 165 LEU A N   1 
ATOM   547  C CA  . LEU A 1 72  ? -10.921 0.424   -3.783  1.00 35.49  ? 165 LEU A CA  1 
ATOM   548  C C   . LEU A 1 72  ? -11.908 0.823   -2.647  1.00 42.83  ? 165 LEU A C   1 
ATOM   549  O O   . LEU A 1 72  ? -11.584 1.486   -1.675  1.00 43.67  ? 165 LEU A O   1 
ATOM   550  C CB  . LEU A 1 72  ? -10.153 -0.804  -3.359  1.00 41.95  ? 165 LEU A CB  1 
ATOM   551  C CG  . LEU A 1 72  ? -9.221  -1.307  -4.409  1.00 41.46  ? 165 LEU A CG  1 
ATOM   552  C CD1 . LEU A 1 72  ? -8.441  -2.430  -3.800  1.00 42.32  ? 165 LEU A CD1 1 
ATOM   553  C CD2 . LEU A 1 72  ? -9.987  -1.788  -5.663  1.00 43.76  ? 165 LEU A CD2 1 
ATOM   554  N N   . ARG A 1 73  ? -13.156 0.395   -2.784  1.00 48.95  ? 166 ARG A N   1 
ATOM   555  C CA  . ARG A 1 73  ? -14.135 0.554   -1.699  1.00 49.94  ? 166 ARG A CA  1 
ATOM   556  C C   . ARG A 1 73  ? -14.264 -0.834  -1.093  1.00 49.47  ? 166 ARG A C   1 
ATOM   557  O O   . ARG A 1 73  ? -14.559 -1.820  -1.762  1.00 51.72  ? 166 ARG A O   1 
ATOM   558  C CB  . ARG A 1 73  ? -15.485 1.089   -2.191  1.00 58.41  ? 166 ARG A CB  1 
ATOM   559  C CG  . ARG A 1 73  ? -16.390 1.625   -1.084  1.00 68.54  ? 166 ARG A CG  1 
ATOM   560  C CD  . ARG A 1 73  ? -17.794 1.932   -1.619  1.00 78.33  ? 166 ARG A CD  1 
ATOM   561  N NE  . ARG A 1 73  ? -18.402 0.744   -2.257  1.00 80.72  ? 166 ARG A NE  1 
ATOM   562  C CZ  . ARG A 1 73  ? -19.281 0.756   -3.267  1.00 86.37  ? 166 ARG A CZ  1 
ATOM   563  N NH1 . ARG A 1 73  ? -19.742 1.888   -3.811  1.00 87.24  ? 166 ARG A NH1 1 
ATOM   564  N NH2 . ARG A 1 73  ? -19.721 -0.397  -3.747  1.00 92.45  ? 166 ARG A NH2 1 
ATOM   565  N N   . ILE A 1 74  ? -14.013 -0.914  0.178   1.00 47.06  ? 167 ILE A N   1 
ATOM   566  C CA  . ILE A 1 74  ? -13.935 -2.158  0.869   1.00 55.82  ? 167 ILE A CA  1 
ATOM   567  C C   . ILE A 1 74  ? -14.861 -1.963  2.065   1.00 56.50  ? 167 ILE A C   1 
ATOM   568  O O   . ILE A 1 74  ? -14.559 -1.131  2.936   1.00 50.42  ? 167 ILE A O   1 
ATOM   569  C CB  . ILE A 1 74  ? -12.460 -2.360  1.274   1.00 55.45  ? 167 ILE A CB  1 
ATOM   570  C CG1 . ILE A 1 74  ? -11.684 -2.884  0.043   1.00 56.53  ? 167 ILE A CG1 1 
ATOM   571  C CG2 . ILE A 1 74  ? -12.312 -3.286  2.482   1.00 60.58  ? 167 ILE A CG2 1 
ATOM   572  C CD1 . ILE A 1 74  ? -10.171 -2.927  0.291   1.00 56.20  ? 167 ILE A CD1 1 
ATOM   573  N N   . ASN A 1 75  ? -15.970 -2.712  2.100   1.00 53.72  ? 168 ASN A N   1 
ATOM   574  C CA  . ASN A 1 75  ? -16.973 -2.595  3.178   1.00 54.04  ? 168 ASN A CA  1 
ATOM   575  C C   . ASN A 1 75  ? -17.329 -1.197  3.440   1.00 52.46  ? 168 ASN A C   1 
ATOM   576  O O   . ASN A 1 75  ? -17.262 -0.706  4.567   1.00 60.29  ? 168 ASN A O   1 
ATOM   577  C CB  . ASN A 1 75  ? -16.458 -3.238  4.437   1.00 52.69  ? 168 ASN A CB  1 
ATOM   578  C CG  . ASN A 1 75  ? -16.214 -4.685  4.222   1.00 52.99  ? 168 ASN A CG  1 
ATOM   579  O OD1 . ASN A 1 75  ? -16.946 -5.330  3.456   1.00 57.19  ? 168 ASN A OD1 1 
ATOM   580  N ND2 . ASN A 1 75  ? -15.172 -5.206  4.823   1.00 50.91  ? 168 ASN A ND2 1 
ATOM   581  N N   . ASP A 1 76  ? -17.656 -0.554  2.346   1.00 48.39  ? 169 ASP A N   1 
ATOM   582  C CA  . ASP A 1 76  ? -18.104 0.819   2.334   1.00 63.71  ? 169 ASP A CA  1 
ATOM   583  C C   . ASP A 1 76  ? -17.028 1.894   2.629   1.00 65.48  ? 169 ASP A C   1 
ATOM   584  O O   . ASP A 1 76  ? -17.358 3.072   2.500   1.00 76.65  ? 169 ASP A O   1 
ATOM   585  C CB  . ASP A 1 76  ? -19.347 0.986   3.234   1.00 70.20  ? 169 ASP A CB  1 
ATOM   586  C CG  . ASP A 1 76  ? -20.585 1.310   2.443   1.00 81.30  ? 169 ASP A CG  1 
ATOM   587  O OD1 . ASP A 1 76  ? -20.962 0.578   1.449   1.00 78.89  ? 169 ASP A OD1 1 
ATOM   588  O OD2 . ASP A 1 76  ? -21.168 2.330   2.849   1.00 87.55  ? 169 ASP A OD2 1 
ATOM   589  N N   . GLN A 1 77  ? -15.792 1.509   2.998   1.00 59.83  ? 170 GLN A N   1 
ATOM   590  C CA  . GLN A 1 77  ? -14.656 2.465   3.186   1.00 62.56  ? 170 GLN A CA  1 
ATOM   591  C C   . GLN A 1 77  ? -13.817 2.603   1.890   1.00 55.75  ? 170 GLN A C   1 
ATOM   592  O O   . GLN A 1 77  ? -13.393 1.602   1.318   1.00 52.65  ? 170 GLN A O   1 
ATOM   593  C CB  . GLN A 1 77  ? -13.751 2.029   4.340   1.00 76.44  ? 170 GLN A CB  1 
ATOM   594  C CG  . GLN A 1 77  ? -12.690 3.086   4.741   1.00 86.57  ? 170 GLN A CG  1 
ATOM   595  C CD  . GLN A 1 77  ? -12.545 3.309   6.259   1.00 85.55  ? 170 GLN A CD  1 
ATOM   596  O OE1 . GLN A 1 77  ? -13.533 3.364   6.989   1.00 95.98  ? 170 GLN A OE1 1 
ATOM   597  N NE2 . GLN A 1 77  ? -11.307 3.456   6.729   1.00 90.69  ? 170 GLN A NE2 1 
ATOM   598  N N   . LEU A 1 78  ? -13.618 3.839   1.430   1.00 48.52  ? 171 LEU A N   1 
ATOM   599  C CA  . LEU A 1 78  ? -12.813 4.141   0.245   1.00 49.50  ? 171 LEU A CA  1 
ATOM   600  C C   . LEU A 1 78  ? -11.326 4.219   0.670   1.00 42.45  ? 171 LEU A C   1 
ATOM   601  O O   . LEU A 1 78  ? -11.043 4.833   1.667   1.00 45.05  ? 171 LEU A O   1 
ATOM   602  C CB  . LEU A 1 78  ? -13.261 5.467   -0.325  1.00 62.20  ? 171 LEU A CB  1 
ATOM   603  C CG  . LEU A 1 78  ? -12.844 5.767   -1.758  1.00 70.46  ? 171 LEU A CG  1 
ATOM   604  C CD1 . LEU A 1 78  ? -13.967 5.293   -2.674  1.00 87.42  ? 171 LEU A CD1 1 
ATOM   605  C CD2 . LEU A 1 78  ? -12.514 7.253   -1.975  1.00 72.49  ? 171 LEU A CD2 1 
ATOM   606  N N   . ALA A 1 79  ? -10.414 3.496   -0.010  1.00 37.68  ? 172 ALA A N   1 
ATOM   607  C CA  . ALA A 1 79  ? -8.963  3.655   0.189   1.00 35.93  ? 172 ALA A CA  1 
ATOM   608  C C   . ALA A 1 79  ? -8.387  4.001   -1.147  1.00 33.84  ? 172 ALA A C   1 
ATOM   609  O O   . ALA A 1 79  ? -8.506  3.224   -2.106  1.00 36.23  ? 172 ALA A O   1 
ATOM   610  C CB  . ALA A 1 79  ? -8.310  2.371   0.708   1.00 41.15  ? 172 ALA A CB  1 
ATOM   611  N N   . ARG A 1 80  ? -7.625  5.102   -1.233  1.00 32.71  ? 173 ARG A N   1 
ATOM   612  C CA  . ARG A 1 80  ? -7.020  5.465   -2.511  1.00 32.51  ? 173 ARG A CA  1 
ATOM   613  C C   . ARG A 1 80  ? -5.505  5.593   -2.311  1.00 33.56  ? 173 ARG A C   1 
ATOM   614  O O   . ARG A 1 80  ? -5.072  6.252   -1.365  1.00 34.46  ? 173 ARG A O   1 
ATOM   615  C CB  . ARG A 1 80  ? -7.572  6.819   -2.981  1.00 34.26  ? 173 ARG A CB  1 
ATOM   616  C CG  . ARG A 1 80  ? -6.829  7.354   -4.209  1.00 38.16  ? 173 ARG A CG  1 
ATOM   617  C CD  . ARG A 1 80  ? -7.156  8.817   -4.415  1.00 39.02  ? 173 ARG A CD  1 
ATOM   618  N NE  . ARG A 1 80  ? -8.512  8.920   -4.953  1.00 46.71  ? 173 ARG A NE  1 
ATOM   619  C CZ  . ARG A 1 80  ? -9.115  10.076  -5.250  1.00 53.84  ? 173 ARG A CZ  1 
ATOM   620  N NH1 . ARG A 1 80  ? -8.488  11.241  -5.074  1.00 52.42  ? 173 ARG A NH1 1 
ATOM   621  N NH2 . ARG A 1 80  ? -10.351 10.052  -5.703  1.00 57.22  ? 173 ARG A NH2 1 
ATOM   622  N N   . LEU A 1 81  ? -4.751  4.905   -3.161  1.00 30.45  ? 174 LEU A N   1 
ATOM   623  C CA  . LEU A 1 81  ? -3.293  4.839   -3.054  1.00 27.59  ? 174 LEU A CA  1 
ATOM   624  C C   . LEU A 1 81  ? -2.820  5.430   -4.304  1.00 26.27  ? 174 LEU A C   1 
ATOM   625  O O   . LEU A 1 81  ? -3.018  4.919   -5.405  1.00 27.69  ? 174 LEU A O   1 
ATOM   626  C CB  . LEU A 1 81  ? -2.802  3.397   -2.867  1.00 26.30  ? 174 LEU A CB  1 
ATOM   627  C CG  . LEU A 1 81  ? -3.398  2.706   -1.635  1.00 29.66  ? 174 LEU A CG  1 
ATOM   628  C CD1 . LEU A 1 81  ? -2.811  1.290   -1.569  1.00 30.90  ? 174 LEU A CD1 1 
ATOM   629  C CD2 . LEU A 1 81  ? -3.142  3.437   -0.279  1.00 29.29  ? 174 LEU A CD2 1 
ATOM   630  N N   . TYR A 1 82  ? -2.122  6.534   -4.164  1.00 26.57  ? 175 TYR A N   1 
ATOM   631  C CA  . TYR A 1 82  ? -1.422  7.125   -5.284  1.00 27.45  ? 175 TYR A CA  1 
ATOM   632  C C   . TYR A 1 82  ? -0.204  6.356   -5.676  1.00 28.92  ? 175 TYR A C   1 
ATOM   633  O O   . TYR A 1 82  ? 0.519   5.859   -4.815  1.00 28.81  ? 175 TYR A O   1 
ATOM   634  C CB  . TYR A 1 82  ? -1.015  8.552   -4.949  1.00 30.22  ? 175 TYR A CB  1 
ATOM   635  C CG  . TYR A 1 82  ? -2.197  9.443   -4.826  1.00 31.53  ? 175 TYR A CG  1 
ATOM   636  C CD1 . TYR A 1 82  ? -2.662  10.079  -5.923  1.00 37.42  ? 175 TYR A CD1 1 
ATOM   637  C CD2 . TYR A 1 82  ? -2.834  9.641   -3.603  1.00 30.32  ? 175 TYR A CD2 1 
ATOM   638  C CE1 . TYR A 1 82  ? -3.772  10.877  -5.839  1.00 36.36  ? 175 TYR A CE1 1 
ATOM   639  C CE2 . TYR A 1 82  ? -3.941  10.438  -3.507  1.00 36.38  ? 175 TYR A CE2 1 
ATOM   640  C CZ  . TYR A 1 82  ? -4.383  11.054  -4.650  1.00 35.93  ? 175 TYR A CZ  1 
ATOM   641  O OH  . TYR A 1 82  ? -5.475  11.867  -4.643  1.00 42.52  ? 175 TYR A OH  1 
ATOM   642  N N   . ILE A 1 83  ? -0.004  6.188   -6.973  1.00 29.17  ? 176 ILE A N   1 
ATOM   643  C CA  . ILE A 1 83  ? 1.122   5.395   -7.491  1.00 27.91  ? 176 ILE A CA  1 
ATOM   644  C C   . ILE A 1 83  ? 2.338   6.262   -7.679  1.00 29.65  ? 176 ILE A C   1 
ATOM   645  O O   . ILE A 1 83  ? 2.276   7.198   -8.424  1.00 31.03  ? 176 ILE A O   1 
ATOM   646  C CB  . ILE A 1 83  ? 0.706   4.624   -8.777  1.00 30.77  ? 176 ILE A CB  1 
ATOM   647  C CG1 . ILE A 1 83  ? -0.428  3.645   -8.405  1.00 35.07  ? 176 ILE A CG1 1 
ATOM   648  C CG2 . ILE A 1 83  ? 1.859   3.811   -9.287  1.00 28.34  ? 176 ILE A CG2 1 
ATOM   649  C CD1 . ILE A 1 83  ? -1.180  3.129   -9.623  1.00 47.50  ? 176 ILE A CD1 1 
ATOM   650  N N   . ILE A 1 84  ? 3.472   5.900   -7.055  1.00 26.88  ? 177 ILE A N   1 
ATOM   651  C CA  . ILE A 1 84  ? 4.664   6.712   -7.018  1.00 27.62  ? 177 ILE A CA  1 
ATOM   652  C C   . ILE A 1 84  ? 5.823   5.861   -7.492  1.00 27.18  ? 177 ILE A C   1 
ATOM   653  O O   . ILE A 1 84  ? 6.498   5.187   -6.716  1.00 27.74  ? 177 ILE A O   1 
ATOM   654  C CB  . ILE A 1 84  ? 4.933   7.213   -5.614  1.00 29.35  ? 177 ILE A CB  1 
ATOM   655  C CG1 . ILE A 1 84  ? 3.698   7.854   -5.011  1.00 29.02  ? 177 ILE A CG1 1 
ATOM   656  C CG2 . ILE A 1 84  ? 6.178   8.116   -5.651  1.00 27.90  ? 177 ILE A CG2 1 
ATOM   657  C CD1 . ILE A 1 84  ? 3.264   9.180   -5.617  1.00 31.79  ? 177 ILE A CD1 1 
ATOM   658  N N   . PRO A 1 85  ? 6.065   5.788   -8.788  1.00 27.80  ? 178 PRO A N   1 
ATOM   659  C CA  . PRO A 1 85  ? 7.132   4.906   -9.262  1.00 27.86  ? 178 PRO A CA  1 
ATOM   660  C C   . PRO A 1 85  ? 8.444   5.531   -9.177  1.00 30.88  ? 178 PRO A C   1 
ATOM   661  O O   . PRO A 1 85  ? 8.579   6.764   -8.959  1.00 30.31  ? 178 PRO A O   1 
ATOM   662  C CB  . PRO A 1 85  ? 6.832   4.746   -10.765 1.00 30.70  ? 178 PRO A CB  1 
ATOM   663  C CG  . PRO A 1 85  ? 5.517   5.266   -10.960 1.00 33.66  ? 178 PRO A CG  1 
ATOM   664  C CD  . PRO A 1 85  ? 5.192   6.226   -9.881  1.00 28.77  ? 178 PRO A CD  1 
ATOM   665  N N   . GLY A 1 86  ? 9.455   4.734   -9.289  1.00 29.06  ? 179 GLY A N   1 
ATOM   666  C CA  . GLY A 1 86  ? 10.791  5.235   -9.431  1.00 32.13  ? 179 GLY A CA  1 
ATOM   667  C C   . GLY A 1 86  ? 11.595  5.721   -8.295  1.00 31.52  ? 179 GLY A C   1 
ATOM   668  O O   . GLY A 1 86  ? 12.502  6.516   -8.417  1.00 35.59  ? 179 GLY A O   1 
ATOM   669  N N   . ILE A 1 87  ? 11.276  5.252   -7.129  1.00 30.39  ? 180 ILE A N   1 
ATOM   670  C CA  . ILE A 1 87  ? 11.921  5.641   -5.912  1.00 30.46  ? 180 ILE A CA  1 
ATOM   671  C C   . ILE A 1 87  ? 13.072  4.665   -5.670  1.00 30.56  ? 180 ILE A C   1 
ATOM   672  O O   . ILE A 1 87  ? 12.868  3.485   -5.613  1.00 33.15  ? 180 ILE A O   1 
ATOM   673  C CB  . ILE A 1 87  ? 10.901  5.691   -4.741  1.00 29.13  ? 180 ILE A CB  1 
ATOM   674  C CG1 . ILE A 1 87  ? 9.740   6.646   -5.027  1.00 32.09  ? 180 ILE A CG1 1 
ATOM   675  C CG2 . ILE A 1 87  ? 11.574  6.008   -3.494  1.00 31.54  ? 180 ILE A CG2 1 
ATOM   676  C CD1 . ILE A 1 87  ? 10.170  8.002   -5.590  1.00 30.18  ? 180 ILE A CD1 1 
ATOM   677  N N   . PRO A 1 88  ? 14.299  5.188   -5.548  1.00 34.75  ? 181 PRO A N   1 
ATOM   678  C CA  . PRO A 1 88  ? 15.427  4.279   -5.463  1.00 37.38  ? 181 PRO A CA  1 
ATOM   679  C C   . PRO A 1 88  ? 15.291  3.279   -4.315  1.00 36.47  ? 181 PRO A C   1 
ATOM   680  O O   . PRO A 1 88  ? 14.954  3.685   -3.158  1.00 36.18  ? 181 PRO A O   1 
ATOM   681  C CB  . PRO A 1 88  ? 16.621  5.218   -5.207  1.00 41.57  ? 181 PRO A CB  1 
ATOM   682  C CG  . PRO A 1 88  ? 16.202  6.553   -5.696  1.00 45.11  ? 181 PRO A CG  1 
ATOM   683  C CD  . PRO A 1 88  ? 14.709  6.608   -5.456  1.00 41.88  ? 181 PRO A CD  1 
ATOM   684  N N   . LYS A 1 89  ? 15.670  2.037   -4.583  1.00 38.70  ? 182 LYS A N   1 
ATOM   685  C CA  . LYS A 1 89  ? 15.703  1.013   -3.594  1.00 44.00  ? 182 LYS A CA  1 
ATOM   686  C C   . LYS A 1 89  ? 16.598  1.284   -2.383  1.00 41.34  ? 182 LYS A C   1 
ATOM   687  O O   . LYS A 1 89  ? 16.310  0.812   -1.284  1.00 45.92  ? 182 LYS A O   1 
ATOM   688  C CB  . LYS A 1 89  ? 16.044  -0.358  -4.211  1.00 53.37  ? 182 LYS A CB  1 
ATOM   689  C CG  . LYS A 1 89  ? 15.078  -1.437  -3.684  1.00 66.01  ? 182 LYS A CG  1 
ATOM   690  C CD  . LYS A 1 89  ? 15.533  -2.890  -3.773  1.00 78.48  ? 182 LYS A CD  1 
ATOM   691  C CE  . LYS A 1 89  ? 16.055  -3.261  -5.150  1.00 88.94  ? 182 LYS A CE  1 
ATOM   692  N NZ  . LYS A 1 89  ? 15.146  -2.912  -6.295  1.00 88.03  ? 182 LYS A NZ  1 
ATOM   693  N N   . ASP A 1 90  ? 17.658  2.071   -2.536  1.00 46.58  ? 183 ASP A N   1 
ATOM   694  C CA  . ASP A 1 90  ? 18.493  2.417   -1.385  1.00 49.33  ? 183 ASP A CA  1 
ATOM   695  C C   . ASP A 1 90  ? 17.988  3.613   -0.564  1.00 45.19  ? 183 ASP A C   1 
ATOM   696  O O   . ASP A 1 90  ? 18.684  4.098   0.356   1.00 46.48  ? 183 ASP A O   1 
ATOM   697  C CB  . ASP A 1 90  ? 19.947  2.666   -1.839  1.00 48.91  ? 183 ASP A CB  1 
ATOM   698  C CG  . ASP A 1 90  ? 20.087  3.865   -2.756  1.00 59.30  ? 183 ASP A CG  1 
ATOM   699  O OD1 . ASP A 1 90  ? 19.175  4.708   -2.888  1.00 53.98  ? 183 ASP A OD1 1 
ATOM   700  O OD2 . ASP A 1 90  ? 21.145  3.957   -3.410  1.00 63.60  ? 183 ASP A OD2 1 
ATOM   701  N N   . THR A 1 91  ? 16.811  4.146   -0.900  1.00 40.45  ? 184 THR A N   1 
ATOM   702  C CA  . THR A 1 91  ? 16.234  5.188   -0.087  1.00 35.87  ? 184 THR A CA  1 
ATOM   703  C C   . THR A 1 91  ? 16.144  4.710   1.379   1.00 42.02  ? 184 THR A C   1 
ATOM   704  O O   . THR A 1 91  ? 15.787  3.577   1.633   1.00 44.87  ? 184 THR A O   1 
ATOM   705  C CB  . THR A 1 91  ? 14.837  5.584   -0.576  1.00 34.41  ? 184 THR A CB  1 
ATOM   706  O OG1 . THR A 1 91  ? 14.899  6.045   -1.949  1.00 40.35  ? 184 THR A OG1 1 
ATOM   707  C CG2 . THR A 1 91  ? 14.218  6.648   0.290   1.00 37.30  ? 184 THR A CG2 1 
ATOM   708  N N   . LYS A 1 92  ? 16.459  5.579   2.324   1.00 42.76  ? 185 LYS A N   1 
ATOM   709  C CA  . LYS A 1 92  ? 16.398  5.277   3.742   1.00 44.71  ? 185 LYS A CA  1 
ATOM   710  C C   . LYS A 1 92  ? 15.045  5.747   4.258   1.00 41.86  ? 185 LYS A C   1 
ATOM   711  O O   . LYS A 1 92  ? 14.749  6.919   4.225   1.00 46.18  ? 185 LYS A O   1 
ATOM   712  C CB  . LYS A 1 92  ? 17.538  5.999   4.508   1.00 58.25  ? 185 LYS A CB  1 
ATOM   713  C CG  . LYS A 1 92  ? 18.954  5.617   4.037   1.00 62.02  ? 185 LYS A CG  1 
ATOM   714  C CD  . LYS A 1 92  ? 19.133  4.111   3.776   1.00 70.59  ? 185 LYS A CD  1 
ATOM   715  N N   . PHE A 1 93  ? 14.248  4.796   4.745   1.00 42.00  ? 186 PHE A N   1 
ATOM   716  C CA  . PHE A 1 93  ? 12.916  5.058   5.245   1.00 40.53  ? 186 PHE A CA  1 
ATOM   717  C C   . PHE A 1 93  ? 12.987  4.934   6.765   1.00 41.16  ? 186 PHE A C   1 
ATOM   718  O O   . PHE A 1 93  ? 13.534  3.962   7.277   1.00 48.24  ? 186 PHE A O   1 
ATOM   719  C CB  . PHE A 1 93  ? 11.974  3.999   4.683   1.00 38.57  ? 186 PHE A CB  1 
ATOM   720  C CG  . PHE A 1 93  ? 11.818  4.057   3.176   1.00 35.59  ? 186 PHE A CG  1 
ATOM   721  C CD1 . PHE A 1 93  ? 11.103  5.073   2.612   1.00 33.87  ? 186 PHE A CD1 1 
ATOM   722  C CD2 . PHE A 1 93  ? 12.396  3.085   2.338   1.00 34.33  ? 186 PHE A CD2 1 
ATOM   723  C CE1 . PHE A 1 93  ? 10.936  5.167   1.247   1.00 34.08  ? 186 PHE A CE1 1 
ATOM   724  C CE2 . PHE A 1 93  ? 12.233  3.178   0.977   1.00 33.38  ? 186 PHE A CE2 1 
ATOM   725  C CZ  . PHE A 1 93  ? 11.549  4.203   0.422   1.00 32.17  ? 186 PHE A CZ  1 
ATOM   726  N N   . ASN A 1 94  ? 12.334  5.840   7.479   0.50 42.83  ? 187 ASN A N   1 
ATOM   727  C CA  . ASN A 1 94  ? 12.172  5.724   8.940   0.50 41.85  ? 187 ASN A CA  1 
ATOM   728  C C   . ASN A 1 94  ? 10.845  6.332   9.349   0.50 38.13  ? 187 ASN A C   1 
ATOM   729  O O   . ASN A 1 94  ? 10.564  7.485   9.021   0.50 37.93  ? 187 ASN A O   1 
ATOM   730  C CB  . ASN A 1 94  ? 13.291  6.471   9.666   0.50 46.66  ? 187 ASN A CB  1 
ATOM   731  C CG  . ASN A 1 94  ? 14.597  5.709   9.680   0.50 49.46  ? 187 ASN A CG  1 
ATOM   732  O OD1 . ASN A 1 94  ? 15.577  6.121   9.049   0.50 55.40  ? 187 ASN A OD1 1 
ATOM   733  N ND2 . ASN A 1 94  ? 14.623  4.591   10.395  0.50 47.25  ? 187 ASN A ND2 1 
ATOM   734  N N   . PRO A 1 95  ? 10.022  5.578   10.089  0.50 37.66  ? 188 PRO A N   1 
ATOM   735  C CA  . PRO A 1 95  ? 8.765   6.161   10.527  0.50 36.46  ? 188 PRO A CA  1 
ATOM   736  C C   . PRO A 1 95  ? 8.917   7.243   11.580  0.50 40.84  ? 188 PRO A C   1 
ATOM   737  O O   . PRO A 1 95  ? 9.962   7.338   12.244  0.50 41.49  ? 188 PRO A O   1 
ATOM   738  C CB  . PRO A 1 95  ? 8.027   4.979   11.159  0.50 37.61  ? 188 PRO A CB  1 
ATOM   739  C CG  . PRO A 1 95  ? 9.115   4.111   11.666  0.50 39.37  ? 188 PRO A CG  1 
ATOM   740  C CD  . PRO A 1 95  ? 10.234  4.239   10.661  0.50 39.70  ? 188 PRO A CD  1 
ATOM   741  N N   . LYS A 1 96  ? 7.844   8.012   11.762  0.50 38.75  ? 189 LYS A N   1 
ATOM   742  C CA  . LYS A 1 96  ? 7.778   9.039   12.794  0.50 38.93  ? 189 LYS A CA  1 
ATOM   743  C C   . LYS A 1 96  ? 7.905   8.432   14.206  0.50 40.58  ? 189 LYS A C   1 
ATOM   744  O O   . LYS A 1 96  ? 8.670   8.943   15.013  0.50 37.01  ? 189 LYS A O   1 
ATOM   745  C CB  . LYS A 1 96  ? 6.483   9.851   12.691  0.50 41.52  ? 189 LYS A CB  1 
ATOM   746  C CG  . LYS A 1 96  ? 6.615   11.163  11.906  0.50 48.77  ? 189 LYS A CG  1 
ATOM   747  C CD  . LYS A 1 96  ? 8.060   11.588  11.662  0.50 54.25  ? 189 LYS A CD  1 
ATOM   748  C CE  . LYS A 1 96  ? 8.606   11.039  10.338  0.50 55.67  ? 189 LYS A CE  1 
ATOM   749  N NZ  . LYS A 1 96  ? 10.052  11.354  10.124  0.50 55.87  ? 189 LYS A NZ  1 
ATOM   750  N N   . THR A 1 97  ? 7.141   7.373   14.505  0.50 41.14  ? 190 THR A N   1 
ATOM   751  C CA  . THR A 1 97  ? 7.289   6.630   15.776  0.50 39.32  ? 190 THR A CA  1 
ATOM   752  C C   . THR A 1 97  ? 7.326   5.140   15.532  0.50 38.35  ? 190 THR A C   1 
ATOM   753  O O   . THR A 1 97  ? 6.453   4.576   14.836  0.50 39.55  ? 190 THR A O   1 
ATOM   754  C CB  . THR A 1 97  ? 6.100   6.759   16.744  0.50 41.30  ? 190 THR A CB  1 
ATOM   755  O OG1 . THR A 1 97  ? 5.219   7.813   16.334  0.50 48.24  ? 190 THR A OG1 1 
ATOM   756  C CG2 . THR A 1 97  ? 6.597   6.950   18.142  0.50 42.05  ? 190 THR A CG2 1 
ATOM   757  N N   . ARG A 1 98  ? 8.320   4.495   16.114  0.50 33.72  ? 191 ARG A N   1 
ATOM   758  C CA  . ARG A 1 98  ? 8.361   3.057   16.103  0.50 33.40  ? 191 ARG A CA  1 
ATOM   759  C C   . ARG A 1 98  ? 7.147   2.591   16.914  0.50 34.25  ? 191 ARG A C   1 
ATOM   760  O O   . ARG A 1 98  ? 6.924   1.399   17.054  0.50 31.09  ? 191 ARG A O   1 
ATOM   761  C CB  . ARG A 1 98  ? 9.677   2.534   16.692  0.50 32.77  ? 191 ARG A CB  1 
ATOM   762  C CG  . ARG A 1 98  ? 10.899  2.717   15.805  0.50 33.08  ? 191 ARG A CG  1 
ATOM   763  C CD  . ARG A 1 98  ? 10.706  2.119   14.409  0.50 34.53  ? 191 ARG A CD  1 
ATOM   764  N NE  . ARG A 1 98  ? 10.503  0.665   14.422  0.50 34.08  ? 191 ARG A NE  1 
ATOM   765  C CZ  . ARG A 1 98  ? 11.347  -0.216  14.953  0.50 35.17  ? 191 ARG A CZ  1 
ATOM   766  N NH1 . ARG A 1 98  ? 12.469  0.178   15.557  0.50 36.07  ? 191 ARG A NH1 1 
ATOM   767  N NH2 . ARG A 1 98  ? 11.067  -1.507  14.889  0.50 32.37  ? 191 ARG A NH2 1 
ATOM   768  N N   . ARG A 1 99  ? 6.364   3.535   17.446  0.50 36.65  ? 192 ARG A N   1 
ATOM   769  C CA  . ARG A 1 99  ? 5.189   3.153   18.234  0.50 36.85  ? 192 ARG A CA  1 
ATOM   770  C C   . ARG A 1 99  ? 4.040   2.677   17.359  0.50 34.41  ? 192 ARG A C   1 
ATOM   771  O O   . ARG A 1 99  ? 3.138   1.976   17.842  0.50 30.40  ? 192 ARG A O   1 
ATOM   772  C CB  . ARG A 1 99  ? 4.720   4.296   19.161  0.50 42.25  ? 192 ARG A CB  1 
ATOM   773  C CG  . ARG A 1 99  ? 5.716   4.670   20.256  0.50 46.48  ? 192 ARG A CG  1 
ATOM   774  C CD  . ARG A 1 99  ? 5.319   5.931   21.013  0.50 51.07  ? 192 ARG A CD  1 
ATOM   775  N NE  . ARG A 1 99  ? 4.743   5.603   22.311  0.50 59.83  ? 192 ARG A NE  1 
ATOM   776  C CZ  . ARG A 1 99  ? 5.450   5.503   23.436  0.50 61.43  ? 192 ARG A CZ  1 
ATOM   777  N NH1 . ARG A 1 99  ? 6.754   5.735   23.425  0.50 64.52  ? 192 ARG A NH1 1 
ATOM   778  N NH2 . ARG A 1 99  ? 4.850   5.185   24.569  0.50 57.90  ? 192 ARG A NH2 1 
ATOM   779  N N   . GLU A 1 100 ? 4.047   3.045   16.069  1.00 36.90  ? 193 GLU A N   1 
ATOM   780  C CA  . GLU A 1 100 ? 3.003   2.545   15.127  1.00 35.34  ? 193 GLU A CA  1 
ATOM   781  C C   . GLU A 1 100 ? 3.520   1.606   14.044  1.00 31.74  ? 193 GLU A C   1 
ATOM   782  O O   . GLU A 1 100 ? 2.766   0.827   13.565  1.00 33.37  ? 193 GLU A O   1 
ATOM   783  C CB  . GLU A 1 100 ? 2.266   3.702   14.485  1.00 42.78  ? 193 GLU A CB  1 
ATOM   784  C CG  . GLU A 1 100 ? 1.905   4.766   15.508  1.00 57.96  ? 193 GLU A CG  1 
ATOM   785  C CD  . GLU A 1 100 ? 1.014   5.876   14.927  1.00 72.15  ? 193 GLU A CD  1 
ATOM   786  O OE1 . GLU A 1 100 ? -0.018  5.517   14.299  1.00 77.49  ? 193 GLU A OE1 1 
ATOM   787  O OE2 . GLU A 1 100 ? 1.363   7.086   15.089  1.00 67.25  ? 193 GLU A OE2 1 
ATOM   788  N N   . ILE A 1 101 ? 4.764   1.774   13.732  1.00 26.43  ? 194 ILE A N   1 
ATOM   789  C CA  . ILE A 1 101 ? 5.402   1.045   12.574  1.00 28.81  ? 194 ILE A CA  1 
ATOM   790  C C   . ILE A 1 101 ? 6.551   0.197   13.077  1.00 30.58  ? 194 ILE A C   1 
ATOM   791  O O   . ILE A 1 101 ? 7.623   0.695   13.527  1.00 31.46  ? 194 ILE A O   1 
ATOM   792  C CB  . ILE A 1 101 ? 5.857   1.972   11.440  1.00 29.40  ? 194 ILE A CB  1 
ATOM   793  C CG1 . ILE A 1 101 ? 4.675   2.783   10.884  1.00 31.10  ? 194 ILE A CG1 1 
ATOM   794  C CG2 . ILE A 1 101 ? 6.462   1.145   10.314  1.00 31.51  ? 194 ILE A CG2 1 
ATOM   795  C CD1 . ILE A 1 101 ? 3.607   2.006   10.175  1.00 32.60  ? 194 ILE A CD1 1 
ATOM   796  N N   . ARG A 1 102 ? 6.347   -1.087  12.947  1.00 29.88  ? 195 ARG A N   1 
ATOM   797  C CA  . ARG A 1 102 ? 7.398   -2.046  13.234  1.00 29.65  ? 195 ARG A CA  1 
ATOM   798  C C   . ARG A 1 102 ? 8.539   -2.090  12.226  1.00 31.75  ? 195 ARG A C   1 
ATOM   799  O O   . ARG A 1 102 ? 9.681   -2.069  12.592  1.00 30.64  ? 195 ARG A O   1 
ATOM   800  C CB  . ARG A 1 102 ? 6.826   -3.461  13.453  1.00 27.48  ? 195 ARG A CB  1 
ATOM   801  C CG  . ARG A 1 102 ? 7.853   -4.466  14.016  1.00 28.36  ? 195 ARG A CG  1 
ATOM   802  C CD  . ARG A 1 102 ? 7.443   -5.905  14.043  1.00 24.28  ? 195 ARG A CD  1 
ATOM   803  N NE  . ARG A 1 102 ? 6.281   -6.248  14.788  1.00 29.96  ? 195 ARG A NE  1 
ATOM   804  C CZ  . ARG A 1 102 ? 6.275   -6.432  16.107  1.00 31.56  ? 195 ARG A CZ  1 
ATOM   805  N NH1 . ARG A 1 102 ? 7.414   -6.388  16.784  1.00 30.12  ? 195 ARG A NH1 1 
ATOM   806  N NH2 . ARG A 1 102 ? 5.187   -6.727  16.726  1.00 32.26  ? 195 ARG A NH2 1 
ATOM   807  N N   . ASN A 1 103 ? 8.216   -2.113  10.941  1.00 28.77  ? 196 ASN A N   1 
ATOM   808  C CA  . ASN A 1 103 ? 9.202   -2.324  9.940   1.00 30.28  ? 196 ASN A CA  1 
ATOM   809  C C   . ASN A 1 103 ? 8.655   -1.869  8.616   1.00 32.14  ? 196 ASN A C   1 
ATOM   810  O O   . ASN A 1 103 ? 7.458   -1.691  8.454   1.00 28.30  ? 196 ASN A O   1 
ATOM   811  C CB  . ASN A 1 103 ? 9.472   -3.809  9.911   1.00 31.01  ? 196 ASN A CB  1 
ATOM   812  C CG  . ASN A 1 103 ? 10.798  -4.129  9.358   1.00 38.19  ? 196 ASN A CG  1 
ATOM   813  O OD1 . ASN A 1 103 ? 11.548  -3.232  8.879   1.00 37.48  ? 196 ASN A OD1 1 
ATOM   814  N ND2 . ASN A 1 103 ? 11.107  -5.444  9.347   1.00 44.04  ? 196 ASN A ND2 1 
ATOM   815  N N   . ILE A 1 104 ? 9.583   -1.642  7.713   1.00 26.80  ? 197 ILE A N   1 
ATOM   816  C CA  . ILE A 1 104 ? 9.339   -1.083  6.361   1.00 27.68  ? 197 ILE A CA  1 
ATOM   817  C C   . ILE A 1 104 ? 10.246  -1.860  5.428   1.00 31.63  ? 197 ILE A C   1 
ATOM   818  O O   . ILE A 1 104 ? 11.450  -1.855  5.636   1.00 32.11  ? 197 ILE A O   1 
ATOM   819  C CB  . ILE A 1 104 ? 9.663   0.439   6.207   1.00 30.56  ? 197 ILE A CB  1 
ATOM   820  C CG1 . ILE A 1 104 ? 8.879   1.218   7.183   1.00 30.93  ? 197 ILE A CG1 1 
ATOM   821  C CG2 . ILE A 1 104 ? 9.433   0.913   4.800   1.00 29.64  ? 197 ILE A CG2 1 
ATOM   822  C CD1 . ILE A 1 104 ? 9.464   2.558   7.507   1.00 34.25  ? 197 ILE A CD1 1 
ATOM   823  N N   . GLU A 1 105 ? 9.678   -2.468  4.372   1.00 28.52  ? 198 GLU A N   1 
ATOM   824  C CA  . GLU A 1 105 ? 10.467  -3.316  3.479   1.00 30.36  ? 198 GLU A CA  1 
ATOM   825  C C   . GLU A 1 105 ? 9.966   -3.236  2.071   1.00 28.89  ? 198 GLU A C   1 
ATOM   826  O O   . GLU A 1 105 ? 8.759   -3.027  1.840   1.00 27.74  ? 198 GLU A O   1 
ATOM   827  C CB  . GLU A 1 105 ? 10.444  -4.774  3.906   1.00 31.22  ? 198 GLU A CB  1 
ATOM   828  C CG  . GLU A 1 105 ? 11.280  -5.128  5.109   1.00 37.35  ? 198 GLU A CG  1 
ATOM   829  C CD  . GLU A 1 105 ? 11.046  -6.569  5.565   1.00 35.83  ? 198 GLU A CD  1 
ATOM   830  O OE1 . GLU A 1 105 ? 10.567  -7.461  4.826   1.00 37.00  ? 198 GLU A OE1 1 
ATOM   831  O OE2 . GLU A 1 105 ? 11.285  -6.808  6.766   1.00 46.28  ? 198 GLU A OE2 1 
ATOM   832  N N   . TRP A 1 106 ? 10.895  -3.432  1.139   1.00 27.71  ? 199 TRP A N   1 
ATOM   833  C CA  . TRP A 1 106 ? 10.526  -3.718  -0.232  1.00 29.25  ? 199 TRP A CA  1 
ATOM   834  C C   . TRP A 1 106 ? 10.062  -5.127  -0.436  1.00 26.70  ? 199 TRP A C   1 
ATOM   835  O O   . TRP A 1 106 ? 10.668  -6.058  0.160   1.00 30.53  ? 199 TRP A O   1 
ATOM   836  C CB  . TRP A 1 106 ? 11.692  -3.470  -1.194  1.00 29.58  ? 199 TRP A CB  1 
ATOM   837  C CG  . TRP A 1 106 ? 12.118  -2.008  -1.264  1.00 29.22  ? 199 TRP A CG  1 
ATOM   838  C CD1 . TRP A 1 106 ? 13.187  -1.464  -0.685  1.00 31.60  ? 199 TRP A CD1 1 
ATOM   839  C CD2 . TRP A 1 106 ? 11.481  -0.943  -2.007  1.00 27.82  ? 199 TRP A CD2 1 
ATOM   840  N NE1 . TRP A 1 106 ? 13.274  -0.125  -0.976  1.00 32.68  ? 199 TRP A NE1 1 
ATOM   841  C CE2 . TRP A 1 106 ? 12.232  0.228   -1.780  1.00 28.82  ? 199 TRP A CE2 1 
ATOM   842  C CE3 . TRP A 1 106 ? 10.368  -0.864  -2.798  1.00 28.58  ? 199 TRP A CE3 1 
ATOM   843  C CZ2 . TRP A 1 106 ? 11.940  1.430   -2.404  1.00 29.82  ? 199 TRP A CZ2 1 
ATOM   844  C CZ3 . TRP A 1 106 ? 10.049  0.312   -3.352  1.00 28.78  ? 199 TRP A CZ3 1 
ATOM   845  C CH2 . TRP A 1 106 ? 10.840  1.437   -3.198  1.00 27.57  ? 199 TRP A CH2 1 
ATOM   846  N N   . PHE A 1 107 ? 9.036   -5.332  -1.260  1.00 27.28  ? 200 PHE A N   1 
ATOM   847  C CA  . PHE A 1 107 ? 8.563   -6.669  -1.631  1.00 28.18  ? 200 PHE A CA  1 
ATOM   848  C C   . PHE A 1 107 ? 8.467   -6.746  -3.092  1.00 33.73  ? 200 PHE A C   1 
ATOM   849  O O   . PHE A 1 107 ? 7.978   -5.819  -3.753  1.00 32.45  ? 200 PHE A O   1 
ATOM   850  C CB  . PHE A 1 107 ? 7.211   -7.040  -1.021  1.00 29.22  ? 200 PHE A CB  1 
ATOM   851  C CG  . PHE A 1 107 ? 7.276   -7.209  0.468   1.00 25.02  ? 200 PHE A CG  1 
ATOM   852  C CD1 . PHE A 1 107 ? 7.213   -6.134  1.343   1.00 28.44  ? 200 PHE A CD1 1 
ATOM   853  C CD2 . PHE A 1 107 ? 7.532   -8.495  1.020   1.00 29.31  ? 200 PHE A CD2 1 
ATOM   854  C CE1 . PHE A 1 107 ? 7.348   -6.342  2.709   1.00 30.79  ? 200 PHE A CE1 1 
ATOM   855  C CE2 . PHE A 1 107 ? 7.649   -8.651  2.407   1.00 26.89  ? 200 PHE A CE2 1 
ATOM   856  C CZ  . PHE A 1 107 ? 7.552   -7.584  3.226   1.00 28.10  ? 200 PHE A CZ  1 
ATOM   857  N N   . SER A 1 108 ? 8.833   -7.913  -3.630  1.00 30.50  ? 201 SER A N   1 
ATOM   858  C CA  . SER A 1 108 ? 8.694   -8.190  -5.060  1.00 31.28  ? 201 SER A CA  1 
ATOM   859  C C   . SER A 1 108 ? 7.243   -8.294  -5.401  1.00 28.00  ? 201 SER A C   1 
ATOM   860  O O   . SER A 1 108 ? 6.478   -9.093  -4.832  1.00 33.88  ? 201 SER A O   1 
ATOM   861  C CB  . SER A 1 108 ? 9.498   -9.493  -5.471  1.00 31.47  ? 201 SER A CB  1 
ATOM   862  O OG  . SER A 1 108 ? 9.020   -9.945  -6.686  1.00 36.69  ? 201 SER A OG  1 
ATOM   863  N N   . ILE A 1 109 ? 6.806   -7.507  -6.384  1.00 29.04  ? 202 ILE A N   1 
ATOM   864  C CA  . ILE A 1 109 ? 5.428   -7.595  -6.802  1.00 30.15  ? 202 ILE A CA  1 
ATOM   865  C C   . ILE A 1 109 ? 5.061   -8.989  -7.339  1.00 37.92  ? 202 ILE A C   1 
ATOM   866  O O   . ILE A 1 109 ? 3.970   -9.490  -7.074  1.00 32.94  ? 202 ILE A O   1 
ATOM   867  C CB  . ILE A 1 109 ? 5.089   -6.584  -7.898  1.00 38.39  ? 202 ILE A CB  1 
ATOM   868  C CG1 . ILE A 1 109 ? 5.037   -5.193  -7.374  1.00 46.57  ? 202 ILE A CG1 1 
ATOM   869  C CG2 . ILE A 1 109 ? 3.703   -6.850  -8.466  1.00 46.63  ? 202 ILE A CG2 1 
ATOM   870  C CD1 . ILE A 1 109 ? 4.902   -4.198  -8.507  1.00 46.07  ? 202 ILE A CD1 1 
ATOM   871  N N   . GLU A 1 110 ? 5.996   -9.633  -8.070  1.00 36.96  ? 203 GLU A N   1 
ATOM   872  C CA  . GLU A 1 110 ? 5.615   -10.841 -8.702  1.00 41.59  ? 203 GLU A CA  1 
ATOM   873  C C   . GLU A 1 110 ? 5.481   -11.950 -7.665  1.00 37.90  ? 203 GLU A C   1 
ATOM   874  O O   . GLU A 1 110 ? 4.764   -12.947 -7.926  1.00 38.06  ? 203 GLU A O   1 
ATOM   875  C CB  . GLU A 1 110 ? 6.515   -11.148 -9.893  1.00 49.59  ? 203 GLU A CB  1 
ATOM   876  C CG  . GLU A 1 110 ? 7.877   -11.695 -9.592  1.00 60.06  ? 203 GLU A CG  1 
ATOM   877  C CD  . GLU A 1 110 ? 8.752   -11.681 -10.850 1.00 73.94  ? 203 GLU A CD  1 
ATOM   878  O OE1 . GLU A 1 110 ? 8.232   -11.354 -11.960 1.00 71.44  ? 203 GLU A OE1 1 
ATOM   879  O OE2 . GLU A 1 110 ? 9.956   -11.994 -10.711 1.00 78.25  ? 203 GLU A OE2 1 
ATOM   880  N N   . LYS A 1 111 ? 6.136   -11.789 -6.496  1.00 33.85  ? 204 LYS A N   1 
ATOM   881  C CA  . LYS A 1 111 ? 6.037   -12.810 -5.445  1.00 36.62  ? 204 LYS A CA  1 
ATOM   882  C C   . LYS A 1 111 ? 4.844   -12.577 -4.507  1.00 33.60  ? 204 LYS A C   1 
ATOM   883  O O   . LYS A 1 111 ? 4.471   -13.465 -3.764  1.00 37.46  ? 204 LYS A O   1 
ATOM   884  C CB  . LYS A 1 111 ? 7.247   -12.859 -4.611  1.00 40.00  ? 204 LYS A CB  1 
ATOM   885  C CG  . LYS A 1 111 ? 8.492   -13.269 -5.393  1.00 55.53  ? 204 LYS A CG  1 
ATOM   886  C CD  . LYS A 1 111 ? 9.545   -13.753 -4.408  1.00 63.12  ? 204 LYS A CD  1 
ATOM   887  C CE  . LYS A 1 111 ? 10.922  -13.708 -4.998  1.00 70.26  ? 204 LYS A CE  1 
ATOM   888  N NZ  . LYS A 1 111 ? 11.886  -13.856 -3.868  1.00 78.67  ? 204 LYS A NZ  1 
ATOM   889  N N   . LEU A 1 112 ? 4.284   -11.360 -4.473  1.00 33.75  ? 205 LEU A N   1 
ATOM   890  C CA  . LEU A 1 112 ? 3.168   -11.096 -3.556  1.00 32.23  ? 205 LEU A CA  1 
ATOM   891  C C   . LEU A 1 112 ? 1.952   -11.798 -4.093  1.00 37.08  ? 205 LEU A C   1 
ATOM   892  O O   . LEU A 1 112 ? 1.713   -11.882 -5.316  1.00 37.89  ? 205 LEU A O   1 
ATOM   893  C CB  . LEU A 1 112 ? 2.853   -9.572  -3.494  1.00 34.09  ? 205 LEU A CB  1 
ATOM   894  C CG  . LEU A 1 112 ? 3.923   -8.700  -2.773  1.00 29.81  ? 205 LEU A CG  1 
ATOM   895  C CD1 . LEU A 1 112 ? 3.703   -7.190  -2.970  1.00 32.59  ? 205 LEU A CD1 1 
ATOM   896  C CD2 . LEU A 1 112 ? 3.915   -8.993  -1.261  1.00 32.97  ? 205 LEU A CD2 1 
ATOM   897  N N   . PRO A 1 113 ? 1.108   -12.315 -3.175  1.00 35.19  ? 206 PRO A N   1 
ATOM   898  C CA  . PRO A 1 113 ? -0.175  -12.915 -3.553  1.00 44.08  ? 206 PRO A CA  1 
ATOM   899  C C   . PRO A 1 113 ? -1.113  -11.834 -4.076  1.00 44.83  ? 206 PRO A C   1 
ATOM   900  O O   . PRO A 1 113 ? -0.985  -10.664 -3.685  1.00 42.56  ? 206 PRO A O   1 
ATOM   901  C CB  . PRO A 1 113 ? -0.704  -13.473 -2.230  1.00 39.32  ? 206 PRO A CB  1 
ATOM   902  C CG  . PRO A 1 113 ? -0.013  -12.627 -1.181  1.00 42.39  ? 206 PRO A CG  1 
ATOM   903  C CD  . PRO A 1 113 ? 1.316   -12.243 -1.718  1.00 41.40  ? 206 PRO A CD  1 
ATOM   904  N N   . CYS A 1 114 ? -1.993  -12.195 -4.987  1.00 42.04  ? 207 CYS A N   1 
ATOM   905  C CA  . CYS A 1 114 ? -3.026  -11.282 -5.383  1.00 46.08  ? 207 CYS A CA  1 
ATOM   906  C C   . CYS A 1 114 ? -4.406  -11.834 -5.076  1.00 48.25  ? 207 CYS A C   1 
ATOM   907  O O   . CYS A 1 114 ? -5.378  -11.313 -5.580  1.00 48.03  ? 207 CYS A O   1 
ATOM   908  C CB  . CYS A 1 114 ? -2.901  -10.918 -6.835  1.00 50.32  ? 207 CYS A CB  1 
ATOM   909  S SG  . CYS A 1 114 ? -3.167  -12.364 -7.828  1.00 62.34  ? 207 CYS A SG  1 
ATOM   910  N N   . HIS A 1 115 ? -4.470  -12.843 -4.216  1.00 51.01  ? 208 HIS A N   1 
ATOM   911  C CA  . HIS A 1 115 ? -5.747  -13.346 -3.656  1.00 54.07  ? 208 HIS A CA  1 
ATOM   912  C C   . HIS A 1 115 ? -5.265  -14.145 -2.480  1.00 53.13  ? 208 HIS A C   1 
ATOM   913  O O   . HIS A 1 115 ? -4.072  -14.516 -2.449  1.00 54.71  ? 208 HIS A O   1 
ATOM   914  C CB  . HIS A 1 115 ? -6.463  -14.253 -4.687  1.00 55.90  ? 208 HIS A CB  1 
ATOM   915  C CG  . HIS A 1 115 ? -5.652  -15.463 -5.059  1.00 53.92  ? 208 HIS A CG  1 
ATOM   916  N ND1 . HIS A 1 115 ? -5.500  -16.550 -4.216  1.00 56.00  ? 208 HIS A ND1 1 
ATOM   917  C CD2 . HIS A 1 115 ? -4.847  -15.697 -6.121  1.00 49.33  ? 208 HIS A CD2 1 
ATOM   918  C CE1 . HIS A 1 115 ? -4.680  -17.423 -4.773  1.00 58.67  ? 208 HIS A CE1 1 
ATOM   919  N NE2 . HIS A 1 115 ? -4.276  -16.932 -5.930  1.00 54.42  ? 208 HIS A NE2 1 
ATOM   920  N N   A ARG A 1 116 ? -6.115  -14.401 -1.480  0.35 53.30  ? 209 ARG A N   1 
ATOM   921  N N   B ARG A 1 116 ? -6.152  -14.420 -1.528  0.21 57.41  ? 209 ARG A N   1 
ATOM   922  C CA  A ARG A 1 116 ? -5.767  -15.386 -0.441  0.35 53.26  ? 209 ARG A CA  1 
ATOM   923  C CA  B ARG A 1 116 ? -5.822  -15.368 -0.482  0.21 59.84  ? 209 ARG A CA  1 
ATOM   924  C C   A ARG A 1 116 ? -6.228  -16.769 -0.902  0.35 52.14  ? 209 ARG A C   1 
ATOM   925  C C   B ARG A 1 116 ? -6.299  -16.774 -0.872  0.21 58.12  ? 209 ARG A C   1 
ATOM   926  O O   A ARG A 1 116 ? -6.948  -16.887 -1.884  0.35 54.79  ? 209 ARG A O   1 
ATOM   927  O O   B ARG A 1 116 ? -7.120  -16.917 -1.774  0.21 62.00  ? 209 ARG A O   1 
ATOM   928  C CB  A ARG A 1 116 ? -6.353  -15.024 0.911   0.35 50.32  ? 209 ARG A CB  1 
ATOM   929  C CB  B ARG A 1 116 ? -6.371  -14.925 0.872   0.21 61.30  ? 209 ARG A CB  1 
ATOM   930  C CG  A ARG A 1 116 ? -5.687  -13.817 1.533   0.35 44.25  ? 209 ARG A CG  1 
ATOM   931  C CG  B ARG A 1 116 ? -5.799  -15.693 2.055   0.21 60.37  ? 209 ARG A CG  1 
ATOM   932  C CD  A ARG A 1 116 ? -6.606  -13.072 2.446   0.35 43.39  ? 209 ARG A CD  1 
ATOM   933  C CD  B ARG A 1 116 ? -4.316  -16.002 1.879   0.21 63.94  ? 209 ARG A CD  1 
ATOM   934  N NE  A ARG A 1 116 ? -6.694  -13.705 3.736   0.35 42.55  ? 209 ARG A NE  1 
ATOM   935  N NE  B ARG A 1 116 ? -3.752  -16.912 2.874   0.21 61.81  ? 209 ARG A NE  1 
ATOM   936  C CZ  A ARG A 1 116 ? -7.691  -13.543 4.604   0.35 44.06  ? 209 ARG A CZ  1 
ATOM   937  C CZ  B ARG A 1 116 ? -2.614  -17.602 2.727   0.21 65.50  ? 209 ARG A CZ  1 
ATOM   938  N NH1 A ARG A 1 116 ? -8.752  -12.772 4.336   0.35 45.24  ? 209 ARG A NH1 1 
ATOM   939  N NH1 B ARG A 1 116 ? -2.197  -18.392 3.717   0.21 66.87  ? 209 ARG A NH1 1 
ATOM   940  N NH2 A ARG A 1 116 ? -7.633  -14.181 5.752   0.35 40.28  ? 209 ARG A NH2 1 
ATOM   941  N NH2 B ARG A 1 116 ? -1.878  -17.524 1.610   0.21 62.40  ? 209 ARG A NH2 1 
ATOM   942  N N   . ASN A 1 117 ? -5.760  -17.800 -0.214  1.00 60.08  ? 210 ASN A N   1 
ATOM   943  C CA  . ASN A 1 117 ? -6.054  -19.172 -0.527  1.00 61.83  ? 210 ASN A CA  1 
ATOM   944  C C   . ASN A 1 117 ? -7.147  -19.548 0.426   1.00 72.63  ? 210 ASN A C   1 
ATOM   945  O O   . ASN A 1 117 ? -7.238  -19.071 1.609   1.00 52.62  ? 210 ASN A O   1 
ATOM   946  C CB  . ASN A 1 117 ? -4.839  -20.045 -0.238  1.00 72.92  ? 210 ASN A CB  1 
ATOM   947  C CG  . ASN A 1 117 ? -3.595  -19.544 -0.937  1.00 70.76  ? 210 ASN A CG  1 
ATOM   948  O OD1 . ASN A 1 117 ? -3.654  -19.124 -2.092  1.00 62.94  ? 210 ASN A OD1 1 
ATOM   949  N ND2 . ASN A 1 117 ? -2.480  -19.563 -0.231  1.00 59.57  ? 210 ASN A ND2 1 
ATOM   950  N N   . ASP A 1 118 ? -7.975  -20.442 -0.087  1.00 78.70  ? 211 ASP A N   1 
ATOM   951  C CA  . ASP A 1 118 ? -9.066  -20.929 0.708   1.00 79.68  ? 211 ASP A CA  1 
ATOM   952  C C   . ASP A 1 118 ? -8.480  -22.044 1.576   1.00 78.60  ? 211 ASP A C   1 
ATOM   953  O O   . ASP A 1 118 ? -7.248  -22.096 1.764   1.00 62.74  ? 211 ASP A O   1 
ATOM   954  C CB  . ASP A 1 118 ? -10.290 -21.260 -0.174  1.00 72.79  ? 211 ASP A CB  1 
ATOM   955  C CG  . ASP A 1 118 ? -10.021 -22.280 -1.219  1.00 71.81  ? 211 ASP A CG  1 
ATOM   956  O OD1 . ASP A 1 118 ? -8.996  -23.017 -1.164  1.00 73.88  ? 211 ASP A OD1 1 
ATOM   957  O OD2 . ASP A 1 118 ? -10.889 -22.332 -2.097  1.00 63.97  ? 211 ASP A OD2 1 
ATOM   958  N N   . MET A 1 119 ? -9.347  -22.855 2.179   1.00 88.09  ? 212 MET A N   1 
ATOM   959  C CA  . MET A 1 119 ? -8.926  -24.017 2.953   1.00 86.70  ? 212 MET A CA  1 
ATOM   960  C C   . MET A 1 119 ? -9.617  -25.293 2.392   1.00 101.48 ? 212 MET A C   1 
ATOM   961  O O   . MET A 1 119 ? -10.024 -26.187 3.146   1.00 107.23 ? 212 MET A O   1 
ATOM   962  C CB  . MET A 1 119 ? -9.212  -23.737 4.435   1.00 73.08  ? 212 MET A CB  1 
ATOM   963  C CG  . MET A 1 119 ? -8.358  -22.586 4.958   1.00 69.07  ? 212 MET A CG  1 
ATOM   964  S SD  . MET A 1 119 ? -8.807  -21.762 6.508   1.00 62.21  ? 212 MET A SD  1 
ATOM   965  C CE  . MET A 1 119 ? -10.502 -21.303 6.217   1.00 70.41  ? 212 MET A CE  1 
ATOM   966  N N   . THR A 1 120 ? -9.709  -25.371 1.053   1.00 106.01 ? 213 THR A N   1 
ATOM   967  C CA  . THR A 1 120 ? -10.319 -26.508 0.342   1.00 105.74 ? 213 THR A CA  1 
ATOM   968  C C   . THR A 1 120 ? -9.610  -27.850 0.596   1.00 101.44 ? 213 THR A C   1 
ATOM   969  O O   . THR A 1 120 ? -10.300 -28.849 0.740   1.00 92.03  ? 213 THR A O   1 
ATOM   970  C CB  . THR A 1 120 ? -10.461 -26.268 -1.197  1.00 107.80 ? 213 THR A CB  1 
ATOM   971  O OG1 . THR A 1 120 ? -9.229  -25.792 -1.759  1.00 120.77 ? 213 THR A OG1 1 
ATOM   972  C CG2 . THR A 1 120 ? -11.568 -25.270 -1.506  1.00 98.59  ? 213 THR A CG2 1 
ATOM   973  N N   . PRO A 1 121 ? -8.246  -27.882 0.658   1.00 115.67 ? 214 PRO A N   1 
ATOM   974  C CA  . PRO A 1 121 ? -7.643  -29.123 1.188   1.00 112.71 ? 214 PRO A CA  1 
ATOM   975  C C   . PRO A 1 121 ? -8.163  -29.557 2.588   1.00 106.01 ? 214 PRO A C   1 
ATOM   976  O O   . PRO A 1 121 ? -8.143  -30.753 2.872   1.00 106.97 ? 214 PRO A O   1 
ATOM   977  C CB  . PRO A 1 121 ? -6.117  -28.827 1.205   1.00 110.89 ? 214 PRO A CB  1 
ATOM   978  C CG  . PRO A 1 121 ? -5.939  -27.424 0.720   1.00 115.38 ? 214 PRO A CG  1 
ATOM   979  C CD  . PRO A 1 121 ? -7.217  -27.010 0.044   1.00 118.25 ? 214 PRO A CD  1 
ATOM   980  N N   . LYS A 1 122 ? -8.632  -28.620 3.428   1.00 90.61  ? 215 LYS A N   1 
ATOM   981  C CA  . LYS A 1 122 ? -9.202  -28.939 4.758   1.00 84.53  ? 215 LYS A CA  1 
ATOM   982  C C   . LYS A 1 122 ? -10.779 -29.020 4.851   1.00 83.84  ? 215 LYS A C   1 
ATOM   983  O O   . LYS A 1 122 ? -11.313 -29.173 5.964   1.00 82.72  ? 215 LYS A O   1 
ATOM   984  C CB  . LYS A 1 122 ? -8.650  -27.941 5.786   1.00 78.41  ? 215 LYS A CB  1 
ATOM   985  C CG  . LYS A 1 122 ? -8.619  -28.460 7.210   1.00 75.64  ? 215 LYS A CG  1 
ATOM   986  N N   . SER A 1 123 ? -11.508 -28.943 3.714   1.00 70.31  ? 216 SER A N   1 
ATOM   987  C CA  . SER A 1 123 ? -12.997 -28.973 3.691   1.00 52.93  ? 216 SER A CA  1 
ATOM   988  C C   . SER A 1 123 ? -13.644 -27.907 4.634   1.00 49.90  ? 216 SER A C   1 
ATOM   989  O O   . SER A 1 123 ? -14.716 -28.091 5.232   1.00 46.69  ? 216 SER A O   1 
ATOM   990  C CB  . SER A 1 123 ? -13.470 -30.391 4.050   1.00 50.51  ? 216 SER A CB  1 
ATOM   991  O OG  . SER A 1 123 ? -13.517 -31.232 2.904   1.00 60.28  ? 216 SER A OG  1 
ATOM   992  N N   . LYS A 1 124 ? -12.959 -26.775 4.773   1.00 41.52  ? 217 LYS A N   1 
ATOM   993  C CA  . LYS A 1 124 ? -13.377 -25.744 5.711   1.00 38.73  ? 217 LYS A CA  1 
ATOM   994  C C   . LYS A 1 124 ? -13.617 -24.492 4.883   1.00 37.47  ? 217 LYS A C   1 
ATOM   995  O O   . LYS A 1 124 ? -12.887 -24.240 3.881   1.00 38.30  ? 217 LYS A O   1 
ATOM   996  C CB  . LYS A 1 124 ? -12.284 -25.510 6.746   1.00 44.88  ? 217 LYS A CB  1 
ATOM   997  C CG  . LYS A 1 124 ? -12.669 -24.558 7.858   1.00 53.80  ? 217 LYS A CG  1 
ATOM   998  C CD  . LYS A 1 124 ? -11.604 -24.615 8.971   1.00 59.54  ? 217 LYS A CD  1 
ATOM   999  N N   . LEU A 1 125 ? -14.630 -23.747 5.274   1.00 33.83  ? 218 LEU A N   1 
ATOM   1000 C CA  . LEU A 1 125 ? -14.945 -22.488 4.591   1.00 32.34  ? 218 LEU A CA  1 
ATOM   1001 C C   . LEU A 1 125 ? -14.018 -21.388 5.042   1.00 33.15  ? 218 LEU A C   1 
ATOM   1002 O O   . LEU A 1 125 ? -13.591 -21.363 6.173   1.00 36.40  ? 218 LEU A O   1 
ATOM   1003 C CB  . LEU A 1 125 ? -16.384 -22.056 4.828   1.00 32.19  ? 218 LEU A CB  1 
ATOM   1004 C CG  . LEU A 1 125 ? -17.362 -23.083 4.278   1.00 32.89  ? 218 LEU A CG  1 
ATOM   1005 C CD1 . LEU A 1 125 ? -18.719 -22.505 4.117   1.00 36.80  ? 218 LEU A CD1 1 
ATOM   1006 C CD2 . LEU A 1 125 ? -17.003 -23.735 2.943   1.00 37.61  ? 218 LEU A CD2 1 
ATOM   1007 N N   . GLY A 1 126 ? -13.780 -20.483 4.095   1.00 34.47  ? 219 GLY A N   1 
ATOM   1008 C CA  . GLY A 1 126 ? -13.149 -19.202 4.415   1.00 35.69  ? 219 GLY A CA  1 
ATOM   1009 C C   . GLY A 1 126 ? -11.771 -19.181 3.775   1.00 33.22  ? 219 GLY A C   1 
ATOM   1010 O O   . GLY A 1 126 ? -11.432 -19.927 2.847   1.00 34.80  ? 219 GLY A O   1 
ATOM   1011 N N   . LEU A 1 127 ? -11.001 -18.238 4.281   1.00 38.92  ? 220 LEU A N   1 
ATOM   1012 C CA  . LEU A 1 127 ? -9.588  -17.996 3.825   1.00 37.93  ? 220 LEU A CA  1 
ATOM   1013 C C   . LEU A 1 127 ? -8.568  -18.252 4.928   1.00 32.97  ? 220 LEU A C   1 
ATOM   1014 O O   . LEU A 1 127 ? -8.793  -17.864 6.061   1.00 35.68  ? 220 LEU A O   1 
ATOM   1015 C CB  . LEU A 1 127 ? -9.510  -16.522 3.396   1.00 37.29  ? 220 LEU A CB  1 
ATOM   1016 C CG  . LEU A 1 127 ? -10.420 -16.143 2.218   1.00 40.81  ? 220 LEU A CG  1 
ATOM   1017 C CD1 . LEU A 1 127 ? -10.389 -14.637 2.068   1.00 46.01  ? 220 LEU A CD1 1 
ATOM   1018 C CD2 . LEU A 1 127 ? -9.947  -16.862 0.961   1.00 41.89  ? 220 LEU A CD2 1 
ATOM   1019 N N   . ALA A 1 128 ? -7.432  -18.783 4.535   1.00 37.67  ? 221 ALA A N   1 
ATOM   1020 C CA  . ALA A 1 128 ? -6.249  -18.912 5.416   1.00 42.15  ? 221 ALA A CA  1 
ATOM   1021 C C   . ALA A 1 128 ? -5.726  -17.514 5.711   1.00 38.03  ? 221 ALA A C   1 
ATOM   1022 O O   . ALA A 1 128 ? -5.873  -16.645 4.838   1.00 38.45  ? 221 ALA A O   1 
ATOM   1023 C CB  . ALA A 1 128 ? -5.184  -19.740 4.715   1.00 45.86  ? 221 ALA A CB  1 
ATOM   1024 N N   . PRO A 1 129 ? -5.126  -17.311 6.879   1.00 45.52  ? 222 PRO A N   1 
ATOM   1025 C CA  . PRO A 1 129 ? -4.506  -16.048 7.272   1.00 41.85  ? 222 PRO A CA  1 
ATOM   1026 C C   . PRO A 1 129 ? -3.355  -15.794 6.322   1.00 37.17  ? 222 PRO A C   1 
ATOM   1027 O O   . PRO A 1 129 ? -2.801  -16.740 5.738   1.00 38.66  ? 222 PRO A O   1 
ATOM   1028 C CB  . PRO A 1 129 ? -3.988  -16.314 8.700   1.00 49.28  ? 222 PRO A CB  1 
ATOM   1029 C CG  . PRO A 1 129 ? -4.755  -17.511 9.200   1.00 52.39  ? 222 PRO A CG  1 
ATOM   1030 C CD  . PRO A 1 129 ? -4.965  -18.336 7.963   1.00 47.02  ? 222 PRO A CD  1 
ATOM   1031 N N   . ASN A 1 130 ? -3.110  -14.509 6.024   1.00 36.96  ? 223 ASN A N   1 
ATOM   1032 C CA  . ASN A 1 130 ? -2.032  -14.143 5.113   1.00 39.11  ? 223 ASN A CA  1 
ATOM   1033 C C   . ASN A 1 130 ? -1.564  -12.848 5.621   1.00 32.93  ? 223 ASN A C   1 
ATOM   1034 O O   . ASN A 1 130 ? -2.340  -11.962 5.828   1.00 35.03  ? 223 ASN A O   1 
ATOM   1035 C CB  . ASN A 1 130 ? -2.490  -13.986 3.684   1.00 44.11  ? 223 ASN A CB  1 
ATOM   1036 C CG  . ASN A 1 130 ? -1.330  -13.820 2.728   1.00 44.89  ? 223 ASN A CG  1 
ATOM   1037 O OD1 . ASN A 1 130 ? -0.658  -12.832 2.770   1.00 37.08  ? 223 ASN A OD1 1 
ATOM   1038 N ND2 . ASN A 1 130 ? -1.018  -14.829 1.958   1.00 44.26  ? 223 ASN A ND2 1 
ATOM   1039 N N   . LYS A 1 131 ? -0.266  -12.749 5.868   1.00 31.61  ? 224 LYS A N   1 
ATOM   1040 C CA  . LYS A 1 131 ? 0.270   -11.507 6.397   1.00 30.03  ? 224 LYS A CA  1 
ATOM   1041 C C   . LYS A 1 131 ? 0.208   -10.333 5.461   1.00 28.17  ? 224 LYS A C   1 
ATOM   1042 O O   . LYS A 1 131 ? 0.426   -9.231  5.900   1.00 28.76  ? 224 LYS A O   1 
ATOM   1043 C CB  . LYS A 1 131 ? 1.645   -11.703 6.923   1.00 30.84  ? 224 LYS A CB  1 
ATOM   1044 C CG  . LYS A 1 131 ? 2.656   -12.046 5.892   1.00 35.02  ? 224 LYS A CG  1 
ATOM   1045 C CD  . LYS A 1 131 ? 4.026   -12.186 6.540   1.00 37.39  ? 224 LYS A CD  1 
ATOM   1046 C CE  . LYS A 1 131 ? 5.100   -12.182 5.486   1.00 40.90  ? 224 LYS A CE  1 
ATOM   1047 N NZ  . LYS A 1 131 ? 6.404   -12.513 6.179   1.00 49.56  ? 224 LYS A NZ  1 
ATOM   1048 N N   . PHE A 1 132 ? -0.138  -10.579 4.222   1.00 28.39  ? 225 PHE A N   1 
ATOM   1049 C CA  . PHE A 1 132 ? -0.292  -9.468  3.257   1.00 27.52  ? 225 PHE A CA  1 
ATOM   1050 C C   . PHE A 1 132 ? -1.742  -9.115  2.946   1.00 31.82  ? 225 PHE A C   1 
ATOM   1051 O O   . PHE A 1 132 ? -2.031  -8.485  1.923   1.00 29.82  ? 225 PHE A O   1 
ATOM   1052 C CB  . PHE A 1 132 ? 0.409   -9.844  1.985   1.00 25.91  ? 225 PHE A CB  1 
ATOM   1053 C CG  . PHE A 1 132 ? 1.866   -10.081 2.166   1.00 27.30  ? 225 PHE A CG  1 
ATOM   1054 C CD1 . PHE A 1 132 ? 2.705   -9.075  2.307   1.00 28.33  ? 225 PHE A CD1 1 
ATOM   1055 C CD2 . PHE A 1 132 ? 2.393   -11.370 1.972   1.00 31.82  ? 225 PHE A CD2 1 
ATOM   1056 C CE1 . PHE A 1 132 ? 4.030   -9.268  2.470   1.00 29.02  ? 225 PHE A CE1 1 
ATOM   1057 C CE2 . PHE A 1 132 ? 3.723   -11.577 2.134   1.00 31.88  ? 225 PHE A CE2 1 
ATOM   1058 C CZ  . PHE A 1 132 ? 4.559   -10.526 2.357   1.00 31.72  ? 225 PHE A CZ  1 
ATOM   1059 N N   . PHE A 1 133 ? -2.671  -9.501  3.809   0.56 30.96  ? 226 PHE A N   1 
ATOM   1060 C CA  . PHE A 1 133 ? -4.074  -9.412  3.444   0.56 32.63  ? 226 PHE A CA  1 
ATOM   1061 C C   . PHE A 1 133 ? -4.540  -7.997  3.115   0.56 32.34  ? 226 PHE A C   1 
ATOM   1062 O O   . PHE A 1 133 ? -5.398  -7.850  2.252   0.56 33.55  ? 226 PHE A O   1 
ATOM   1063 C CB  . PHE A 1 133 ? -4.992  -10.066 4.488   0.56 36.74  ? 226 PHE A CB  1 
ATOM   1064 C CG  . PHE A 1 133 ? -5.218  -9.231  5.701   0.56 37.74  ? 226 PHE A CG  1 
ATOM   1065 C CD1 . PHE A 1 133 ? -6.313  -8.369  5.764   0.56 41.59  ? 226 PHE A CD1 1 
ATOM   1066 C CD2 . PHE A 1 133 ? -4.352  -9.312  6.798   0.56 45.63  ? 226 PHE A CD2 1 
ATOM   1067 C CE1 . PHE A 1 133 ? -6.526  -7.582  6.889   0.56 43.61  ? 226 PHE A CE1 1 
ATOM   1068 C CE2 . PHE A 1 133 ? -4.561  -8.532  7.933   0.56 45.53  ? 226 PHE A CE2 1 
ATOM   1069 C CZ  . PHE A 1 133 ? -5.655  -7.675  7.980   0.56 46.23  ? 226 PHE A CZ  1 
ATOM   1070 N N   . MET A 1 134 ? -3.970  -6.974  3.764   0.56 29.99  ? 227 MET A N   1 
ATOM   1071 C CA  . MET A 1 134 ? -4.317  -5.580  3.420   0.56 31.04  ? 227 MET A CA  1 
ATOM   1072 C C   . MET A 1 134 ? -3.747  -5.117  2.096   0.56 31.08  ? 227 MET A C   1 
ATOM   1073 O O   . MET A 1 134 ? -4.325  -4.251  1.450   0.56 35.54  ? 227 MET A O   1 
ATOM   1074 C CB  . MET A 1 134 ? -3.846  -4.592  4.479   0.56 30.90  ? 227 MET A CB  1 
ATOM   1075 C CG  . MET A 1 134 ? -4.620  -4.631  5.768   0.56 34.94  ? 227 MET A CG  1 
ATOM   1076 S SD  . MET A 1 134 ? -6.358  -4.206  5.679   0.56 35.02  ? 227 MET A SD  1 
ATOM   1077 C CE  . MET A 1 134 ? -6.395  -2.474  5.210   0.56 33.89  ? 227 MET A CE  1 
ATOM   1078 N N   . ALA A 1 135 ? -2.580  -5.630  1.713   1.00 30.28  ? 228 ALA A N   1 
ATOM   1079 C CA  . ALA A 1 135 ? -2.023  -5.305  0.408   1.00 28.11  ? 228 ALA A CA  1 
ATOM   1080 C C   . ALA A 1 135 ? -2.735  -5.992  -0.756  1.00 26.45  ? 228 ALA A C   1 
ATOM   1081 O O   . ALA A 1 135 ? -2.793  -5.441  -1.866  1.00 28.47  ? 228 ALA A O   1 
ATOM   1082 C CB  . ALA A 1 135 ? -0.554  -5.643  0.344   1.00 28.63  ? 228 ALA A CB  1 
ATOM   1083 N N   . ILE A 1 136 ? -3.113  -7.279  -0.519  1.00 28.58  ? 229 ILE A N   1 
ATOM   1084 C CA  . ILE A 1 136 ? -3.631  -8.155  -1.543  1.00 30.40  ? 229 ILE A CA  1 
ATOM   1085 C C   . ILE A 1 136 ? -4.673  -7.509  -2.473  1.00 27.89  ? 229 ILE A C   1 
ATOM   1086 O O   . ILE A 1 136 ? -4.529  -7.676  -3.675  1.00 30.34  ? 229 ILE A O   1 
ATOM   1087 C CB  . ILE A 1 136 ? -4.157  -9.446  -0.893  1.00 32.68  ? 229 ILE A CB  1 
ATOM   1088 C CG1 . ILE A 1 136 ? -2.900  -10.324 -0.682  1.00 33.89  ? 229 ILE A CG1 1 
ATOM   1089 C CG2 . ILE A 1 136 ? -5.230  -10.143 -1.747  1.00 35.37  ? 229 ILE A CG2 1 
ATOM   1090 C CD1 . ILE A 1 136 ? -3.184  -11.516 0.281   1.00 37.49  ? 229 ILE A CD1 1 
ATOM   1091 N N   . PRO A 1 137 ? -5.648  -6.758  -1.955  1.00 33.68  ? 230 PRO A N   1 
ATOM   1092 C CA  . PRO A 1 137 ? -6.696  -6.282  -2.891  1.00 34.03  ? 230 PRO A CA  1 
ATOM   1093 C C   . PRO A 1 137 ? -6.180  -5.296  -3.920  1.00 33.47  ? 230 PRO A C   1 
ATOM   1094 O O   . PRO A 1 137 ? -6.801  -5.113  -4.966  1.00 35.01  ? 230 PRO A O   1 
ATOM   1095 C CB  . PRO A 1 137 ? -7.735  -5.620  -1.991  1.00 35.90  ? 230 PRO A CB  1 
ATOM   1096 C CG  . PRO A 1 137 ? -7.514  -6.204  -0.625  1.00 38.61  ? 230 PRO A CG  1 
ATOM   1097 C CD  . PRO A 1 137 ? -6.011  -6.509  -0.563  1.00 37.71  ? 230 PRO A CD  1 
ATOM   1098 N N   . PHE A 1 138 ? -5.009  -4.701  -3.691  1.00 32.93  ? 231 PHE A N   1 
ATOM   1099 C CA  . PHE A 1 138 ? -4.426  -3.793  -4.663  1.00 28.01  ? 231 PHE A CA  1 
ATOM   1100 C C   . PHE A 1 138 ? -3.499  -4.401  -5.679  1.00 28.63  ? 231 PHE A C   1 
ATOM   1101 O O   . PHE A 1 138 ? -3.138  -3.710  -6.600  1.00 32.58  ? 231 PHE A O   1 
ATOM   1102 C CB  . PHE A 1 138 ? -3.678  -2.696  -3.890  1.00 27.70  ? 231 PHE A CB  1 
ATOM   1103 C CG  . PHE A 1 138 ? -4.566  -1.851  -3.026  1.00 30.06  ? 231 PHE A CG  1 
ATOM   1104 C CD1 . PHE A 1 138 ? -5.097  -0.687  -3.543  1.00 29.89  ? 231 PHE A CD1 1 
ATOM   1105 C CD2 . PHE A 1 138 ? -4.816  -2.187  -1.698  1.00 30.52  ? 231 PHE A CD2 1 
ATOM   1106 C CE1 . PHE A 1 138 ? -5.883  0.088   -2.737  1.00 31.91  ? 231 PHE A CE1 1 
ATOM   1107 C CE2 . PHE A 1 138 ? -5.562  -1.363  -0.882  1.00 33.76  ? 231 PHE A CE2 1 
ATOM   1108 C CZ  . PHE A 1 138 ? -6.157  -0.247  -1.456  1.00 31.28  ? 231 PHE A CZ  1 
ATOM   1109 N N   . ILE A 1 139 ? -3.096  -5.650  -5.537  1.00 28.69  ? 232 ILE A N   1 
ATOM   1110 C CA  . ILE A 1 139 ? -2.045  -6.202  -6.339  1.00 29.55  ? 232 ILE A CA  1 
ATOM   1111 C C   . ILE A 1 139 ? -2.439  -6.471  -7.812  1.00 37.37  ? 232 ILE A C   1 
ATOM   1112 O O   . ILE A 1 139 ? -1.699  -6.114  -8.726  1.00 35.91  ? 232 ILE A O   1 
ATOM   1113 C CB  . ILE A 1 139 ? -1.429  -7.440  -5.732  1.00 32.37  ? 232 ILE A CB  1 
ATOM   1114 C CG1 . ILE A 1 139 ? -0.867  -7.155  -4.331  1.00 31.90  ? 232 ILE A CG1 1 
ATOM   1115 C CG2 . ILE A 1 139 ? -0.302  -7.929  -6.602  1.00 35.07  ? 232 ILE A CG2 1 
ATOM   1116 C CD1 . ILE A 1 139 ? 0.171   -6.033  -4.242  1.00 35.95  ? 232 ILE A CD1 1 
ATOM   1117 N N   . ARG A 1 140 ? -3.624  -7.061  -8.029  1.00 34.85  ? 233 ARG A N   1 
ATOM   1118 C CA  . ARG A 1 140 ? -4.071  -7.292  -9.376  1.00 39.81  ? 233 ARG A CA  1 
ATOM   1119 C C   . ARG A 1 140 ? -4.351  -5.935  -10.085 1.00 34.90  ? 233 ARG A C   1 
ATOM   1120 O O   . ARG A 1 140 ? -3.793  -5.685  -11.174 1.00 38.71  ? 233 ARG A O   1 
ATOM   1121 C CB  . ARG A 1 140 ? -5.257  -8.293  -9.390  1.00 42.37  ? 233 ARG A CB  1 
ATOM   1122 C CG  . ARG A 1 140 ? -5.969  -8.451  -10.738 1.00 55.17  ? 233 ARG A CG  1 
ATOM   1123 C CD  . ARG A 1 140 ? -5.036  -8.713  -11.883 1.00 64.20  ? 233 ARG A CD  1 
ATOM   1124 N NE  . ARG A 1 140 ? -4.008  -9.689  -11.513 1.00 71.95  ? 233 ARG A NE  1 
ATOM   1125 C CZ  . ARG A 1 140 ? -2.926  -9.952  -12.248 1.00 82.07  ? 233 ARG A CZ  1 
ATOM   1126 N NH1 . ARG A 1 140 ? -2.698  -9.326  -13.429 1.00 72.16  ? 233 ARG A NH1 1 
ATOM   1127 N NH2 . ARG A 1 140 ? -2.063  -10.859 -11.787 1.00 81.26  ? 233 ARG A NH2 1 
ATOM   1128 N N   . PRO A 1 141 ? -5.079  -5.026  -9.429  1.00 33.12  ? 234 PRO A N   1 
ATOM   1129 C CA  . PRO A 1 141 ? -5.240  -3.711  -10.040 1.00 36.34  ? 234 PRO A CA  1 
ATOM   1130 C C   . PRO A 1 141 ? -3.916  -2.956  -10.296 1.00 40.99  ? 234 PRO A C   1 
ATOM   1131 O O   . PRO A 1 141 ? -3.794  -2.282  -11.338 1.00 38.96  ? 234 PRO A O   1 
ATOM   1132 C CB  . PRO A 1 141 ? -6.176  -2.968  -9.093  1.00 37.76  ? 234 PRO A CB  1 
ATOM   1133 C CG  . PRO A 1 141 ? -6.713  -3.964  -8.184  1.00 36.29  ? 234 PRO A CG  1 
ATOM   1134 C CD  . PRO A 1 141 ? -5.978  -5.231  -8.300  1.00 36.01  ? 234 PRO A CD  1 
ATOM   1135 N N   . LEU A 1 142 ? -2.896  -3.150  -9.468  1.00 33.97  ? 235 LEU A N   1 
ATOM   1136 C CA  . LEU A 1 142 ? -1.611  -2.505  -9.731  1.00 34.07  ? 235 LEU A CA  1 
ATOM   1137 C C   . LEU A 1 142 ? -0.917  -3.121  -10.891 1.00 34.86  ? 235 LEU A C   1 
ATOM   1138 O O   . LEU A 1 142 ? -0.335  -2.412  -11.700 1.00 36.14  ? 235 LEU A O   1 
ATOM   1139 C CB  . LEU A 1 142 ? -0.665  -2.597  -8.482  1.00 32.34  ? 235 LEU A CB  1 
ATOM   1140 C CG  . LEU A 1 142 ? 0.737   -2.162  -8.659  1.00 30.85  ? 235 LEU A CG  1 
ATOM   1141 C CD1 . LEU A 1 142 ? 0.826   -0.665  -8.896  1.00 29.27  ? 235 LEU A CD1 1 
ATOM   1142 C CD2 . LEU A 1 142 ? 1.613   -2.552  -7.424  1.00 31.92  ? 235 LEU A CD2 1 
ATOM   1143 N N   . ARG A 1 143 ? -0.972  -4.443  -10.964 1.00 34.73  ? 236 ARG A N   1 
ATOM   1144 C CA  . ARG A 1 143 ? -0.306  -5.166  -12.042 1.00 37.62  ? 236 ARG A CA  1 
ATOM   1145 C C   . ARG A 1 143 ? -0.925  -4.683  -13.366 1.00 37.67  ? 236 ARG A C   1 
ATOM   1146 O O   . ARG A 1 143 ? -0.199  -4.419  -14.320 1.00 39.02  ? 236 ARG A O   1 
ATOM   1147 C CB  . ARG A 1 143 ? -0.448  -6.653  -11.896 1.00 38.26  ? 236 ARG A CB  1 
ATOM   1148 C CG  . ARG A 1 143 ? 0.566   -7.274  -10.928 1.00 41.21  ? 236 ARG A CG  1 
ATOM   1149 C CD  . ARG A 1 143 ? 0.389   -8.792  -10.809 1.00 47.29  ? 236 ARG A CD  1 
ATOM   1150 N NE  . ARG A 1 143 ? 1.239   -9.337  -9.741  1.00 51.05  ? 236 ARG A NE  1 
ATOM   1151 C CZ  . ARG A 1 143 ? 0.980   -10.416 -8.950  1.00 51.24  ? 236 ARG A CZ  1 
ATOM   1152 N NH1 . ARG A 1 143 ? -0.144  -11.126 -9.053  1.00 49.26  ? 236 ARG A NH1 1 
ATOM   1153 N NH2 . ARG A 1 143 ? 1.857   -10.767 -7.989  1.00 43.58  ? 236 ARG A NH2 1 
ATOM   1154 N N   . ASP A 1 144 ? -2.241  -4.507  -13.375 1.00 40.29  ? 237 ASP A N   1 
ATOM   1155 C CA  . ASP A 1 144 ? -2.954  -4.144  -14.605 1.00 45.35  ? 237 ASP A CA  1 
ATOM   1156 C C   . ASP A 1 144 ? -2.691  -2.722  -14.931 1.00 46.06  ? 237 ASP A C   1 
ATOM   1157 O O   . ASP A 1 144 ? -2.597  -2.359  -16.082 1.00 47.53  ? 237 ASP A O   1 
ATOM   1158 C CB  . ASP A 1 144 ? -4.479  -4.357  -14.494 1.00 46.78  ? 237 ASP A CB  1 
ATOM   1159 C CG  . ASP A 1 144 ? -4.880  -5.869  -14.441 1.00 49.49  ? 237 ASP A CG  1 
ATOM   1160 O OD1 . ASP A 1 144 ? -4.029  -6.768  -14.702 1.00 53.56  ? 237 ASP A OD1 1 
ATOM   1161 O OD2 . ASP A 1 144 ? -6.037  -6.150  -14.043 1.00 62.45  ? 237 ASP A OD2 1 
ATOM   1162 N N   . TRP A 1 145 ? -2.615  -1.881  -13.913 1.00 41.82  ? 238 TRP A N   1 
ATOM   1163 C CA  . TRP A 1 145 ? -2.329  -0.482  -14.126 1.00 41.61  ? 238 TRP A CA  1 
ATOM   1164 C C   . TRP A 1 145 ? -0.910  -0.265  -14.646 1.00 40.61  ? 238 TRP A C   1 
ATOM   1165 O O   . TRP A 1 145 ? -0.731  0.556   -15.534 1.00 45.00  ? 238 TRP A O   1 
ATOM   1166 C CB  . TRP A 1 145 ? -2.584  0.297   -12.839 1.00 42.49  ? 238 TRP A CB  1 
ATOM   1167 C CG  . TRP A 1 145 ? -2.472  1.782   -12.914 1.00 37.50  ? 238 TRP A CG  1 
ATOM   1168 C CD1 . TRP A 1 145 ? -3.483  2.656   -12.854 1.00 39.24  ? 238 TRP A CD1 1 
ATOM   1169 C CD2 . TRP A 1 145 ? -1.265  2.573   -12.949 1.00 37.64  ? 238 TRP A CD2 1 
ATOM   1170 N NE1 . TRP A 1 145 ? -3.043  3.927   -12.930 1.00 39.75  ? 238 TRP A NE1 1 
ATOM   1171 C CE2 . TRP A 1 145 ? -1.679  3.926   -13.001 1.00 41.68  ? 238 TRP A CE2 1 
ATOM   1172 C CE3 . TRP A 1 145 ? 0.090   2.287   -12.956 1.00 37.74  ? 238 TRP A CE3 1 
ATOM   1173 C CZ2 . TRP A 1 145 ? -0.784  4.972   -13.036 1.00 41.34  ? 238 TRP A CZ2 1 
ATOM   1174 C CZ3 . TRP A 1 145 ? 1.007   3.335   -12.993 1.00 41.71  ? 238 TRP A CZ3 1 
ATOM   1175 C CH2 . TRP A 1 145 ? 0.557   4.666   -13.034 1.00 40.37  ? 238 TRP A CH2 1 
ATOM   1176 N N   . LEU A 1 146 ? 0.084   -1.017  -14.167 1.00 37.64  ? 239 LEU A N   1 
ATOM   1177 C CA  . LEU A 1 146 ? 1.451   -0.926  -14.684 1.00 38.29  ? 239 LEU A CA  1 
ATOM   1178 C C   . LEU A 1 146 ? 1.600   -1.408  -16.153 1.00 45.38  ? 239 LEU A C   1 
ATOM   1179 O O   . LEU A 1 146 ? 2.287   -0.771  -16.932 1.00 41.67  ? 239 LEU A O   1 
ATOM   1180 C CB  . LEU A 1 146 ? 2.416   -1.719  -13.828 1.00 37.62  ? 239 LEU A CB  1 
ATOM   1181 C CG  . LEU A 1 146 ? 2.547   -1.177  -12.393 1.00 36.43  ? 239 LEU A CG  1 
ATOM   1182 C CD1 . LEU A 1 146 ? 3.277   -2.185  -11.522 1.00 35.06  ? 239 LEU A CD1 1 
ATOM   1183 C CD2 . LEU A 1 146 ? 3.252   0.186   -12.417 1.00 34.04  ? 239 LEU A CD2 1 
ATOM   1184 N N   . SER A 1 147 ? 0.937   -2.514  -16.484 1.00 44.64  ? 240 SER A N   1 
ATOM   1185 C CA  . SER A 1 147 ? 0.717   -2.911  -17.905 1.00 49.46  ? 240 SER A CA  1 
ATOM   1186 C C   . SER A 1 147 ? 0.165   -1.799  -18.793 1.00 49.04  ? 240 SER A C   1 
ATOM   1187 O O   . SER A 1 147 ? 0.775   -1.468  -19.791 1.00 52.86  ? 240 SER A O   1 
ATOM   1188 C CB  . SER A 1 147 ? -0.243  -4.087  -17.972 1.00 50.56  ? 240 SER A CB  1 
ATOM   1189 O OG  . SER A 1 147 ? 0.460   -5.200  -17.518 1.00 57.75  ? 240 SER A OG  1 
ATOM   1190 N N   . ARG A 1 148 ? -0.948  -1.184  -18.424 1.00 50.43  ? 241 ARG A N   1 
ATOM   1191 C CA  . ARG A 1 148 ? -1.474  -0.055  -19.192 1.00 55.04  ? 241 ARG A CA  1 
ATOM   1192 C C   . ARG A 1 148 ? -0.712  1.324   -19.219 1.00 63.54  ? 241 ARG A C   1 
ATOM   1193 O O   . ARG A 1 148 ? -1.069  2.163   -20.027 1.00 76.26  ? 241 ARG A O   1 
ATOM   1194 C CB  . ARG A 1 148 ? -2.953  0.222   -18.816 1.00 60.88  ? 241 ARG A CB  1 
ATOM   1195 C CG  . ARG A 1 148 ? -3.905  -0.967  -18.879 1.00 64.46  ? 241 ARG A CG  1 
ATOM   1196 N N   . ARG A 1 149 ? 0.287   1.528   -18.357 0.50 67.64  ? 242 ARG A N   1 
ATOM   1197 C CA  . ARG A 1 149 ? 1.046   2.793   -18.316 0.50 66.52  ? 242 ARG A CA  1 
ATOM   1198 C C   . ARG A 1 149 ? 2.532   2.685   -18.635 0.50 67.56  ? 242 ARG A C   1 
ATOM   1199 O O   . ARG A 1 149 ? 3.154   3.691   -18.976 0.50 74.54  ? 242 ARG A O   1 
ATOM   1200 C CB  . ARG A 1 149 ? 0.874   3.457   -16.959 0.50 71.00  ? 242 ARG A CB  1 
ATOM   1201 C CG  . ARG A 1 149 ? -0.546  3.931   -16.722 0.50 73.21  ? 242 ARG A CG  1 
ATOM   1202 C CD  . ARG A 1 149 ? -0.930  5.068   -17.660 0.50 74.73  ? 242 ARG A CD  1 
ATOM   1203 N NE  . ARG A 1 149 ? -2.321  5.451   -17.452 0.50 71.82  ? 242 ARG A NE  1 
ATOM   1204 C CZ  . ARG A 1 149 ? -3.197  4.679   -16.823 0.50 68.43  ? 242 ARG A CZ  1 
ATOM   1205 N NH1 . ARG A 1 149 ? -4.444  5.085   -16.661 0.50 72.60  ? 242 ARG A NH1 1 
ATOM   1206 N NH2 . ARG A 1 149 ? -2.822  3.496   -16.362 0.50 66.28  ? 242 ARG A NH2 1 
ATOM   1207 N N   . PHE A 1 150 ? 3.106   1.492   -18.511 1.00 62.73  ? 243 PHE A N   1 
ATOM   1208 C CA  . PHE A 1 150 ? 4.478   1.249   -18.887 1.00 58.70  ? 243 PHE A CA  1 
ATOM   1209 C C   . PHE A 1 150 ? 4.586   0.222   -20.014 1.00 72.59  ? 243 PHE A C   1 
ATOM   1210 O O   . PHE A 1 150 ? 5.402   0.416   -20.919 1.00 84.29  ? 243 PHE A O   1 
ATOM   1211 C CB  . PHE A 1 150 ? 5.263   0.841   -17.636 1.00 58.64  ? 243 PHE A CB  1 
ATOM   1212 C CG  . PHE A 1 150 ? 5.352   1.946   -16.591 1.00 64.70  ? 243 PHE A CG  1 
ATOM   1213 C CD1 . PHE A 1 150 ? 6.360   2.901   -16.656 1.00 67.43  ? 243 PHE A CD1 1 
ATOM   1214 C CD2 . PHE A 1 150 ? 4.442   2.054   -15.574 1.00 54.65  ? 243 PHE A CD2 1 
ATOM   1215 C CE1 . PHE A 1 150 ? 6.473   3.934   -15.744 1.00 59.30  ? 243 PHE A CE1 1 
ATOM   1216 C CE2 . PHE A 1 150 ? 4.534   3.104   -14.660 1.00 59.33  ? 243 PHE A CE2 1 
ATOM   1217 C CZ  . PHE A 1 150 ? 5.540   4.050   -14.753 1.00 56.41  ? 243 PHE A CZ  1 
ATOM   1218 N N   . GLY A 1 151 ? 3.814   -0.867  -19.972 1.00 83.06  ? 244 GLY A N   1 
ATOM   1219 C CA  . GLY A 1 151 ? 3.891   -1.930  -20.993 1.00 81.44  ? 244 GLY A CA  1 
ATOM   1220 C C   . GLY A 1 151 ? 3.828   -3.312  -20.375 1.00 82.20  ? 244 GLY A C   1 
ATOM   1221 O O   . GLY A 1 151 ? 4.748   -4.114  -20.536 1.00 82.79  ? 244 GLY A O   1 
HETATM 1222 C C1  . EDO B 2 .   ? 3.526   15.883  4.163   1.00 56.02  ? 301 EDO A C1  1 
HETATM 1223 O O1  . EDO B 2 .   ? 4.053   15.855  5.509   1.00 76.20  ? 301 EDO A O1  1 
HETATM 1224 C C2  . EDO B 2 .   ? 4.682   15.697  3.165   1.00 61.80  ? 301 EDO A C2  1 
HETATM 1225 O O2  . EDO B 2 .   ? 4.622   16.763  2.185   1.00 62.45  ? 301 EDO A O2  1 
HETATM 1226 C C1  . EDO C 2 .   ? -0.719  -13.331 9.628   1.00 71.21  ? 302 EDO A C1  1 
HETATM 1227 O O1  . EDO C 2 .   ? -2.010  -12.892 9.139   1.00 60.48  ? 302 EDO A O1  1 
HETATM 1228 C C2  . EDO C 2 .   ? -0.590  -14.858 9.689   1.00 63.97  ? 302 EDO A C2  1 
HETATM 1229 O O2  . EDO C 2 .   ? -0.209  -15.428 8.426   1.00 74.70  ? 302 EDO A O2  1 
HETATM 1230 S S   . DMS D 3 .   ? 13.999  -6.252  -2.511  1.00 113.67 ? 303 DMS A S   1 
HETATM 1231 O O   . DMS D 3 .   ? 12.760  -7.044  -2.345  1.00 79.68  ? 303 DMS A O   1 
HETATM 1232 C C1  . DMS D 3 .   ? 14.742  -5.855  -1.014  1.00 97.49  ? 303 DMS A C1  1 
HETATM 1233 C C2  . DMS D 3 .   ? 15.201  -7.232  -3.231  1.00 106.36 ? 303 DMS A C2  1 
HETATM 1234 C C   . ACT E 4 .   ? 0.843   -9.719  17.058  1.00 68.68  ? 304 ACT A C   1 
HETATM 1235 O O   . ACT E 4 .   ? -0.331  -9.247  17.160  1.00 69.30  ? 304 ACT A O   1 
HETATM 1236 O OXT . ACT E 4 .   ? 1.653   -9.041  16.440  1.00 55.54  ? 304 ACT A OXT 1 
HETATM 1237 C CH3 . ACT E 4 .   ? 1.337   -11.047 17.680  1.00 70.38  ? 304 ACT A CH3 1 
HETATM 1238 C C   . ACT F 4 .   ? -7.548  -11.445 8.114   1.00 92.96  ? 305 ACT A C   1 
HETATM 1239 O O   . ACT F 4 .   ? -8.138  -12.090 7.233   1.00 97.15  ? 305 ACT A O   1 
HETATM 1240 O OXT . ACT F 4 .   ? -6.325  -11.683 8.322   1.00 87.32  ? 305 ACT A OXT 1 
HETATM 1241 C CH3 . ACT F 4 .   ? -8.351  -10.405 8.878   1.00 84.66  ? 305 ACT A CH3 1 
HETATM 1242 C C13 . JH1 G 5 .   ? -0.457  1.060   7.549   0.56 37.74  ? 306 JH1 A C13 1 
HETATM 1243 C C15 . JH1 G 5 .   ? -0.048  1.989   9.683   0.56 37.83  ? 306 JH1 A C15 1 
HETATM 1244 C C17 . JH1 G 5 .   ? 0.186   -0.336  9.365   0.56 32.15  ? 306 JH1 A C17 1 
HETATM 1245 C C01 . JH1 G 5 .   ? -6.781  -3.359  11.167  0.56 49.28  ? 306 JH1 A C01 1 
HETATM 1246 C C02 . JH1 G 5 .   ? -6.600  -4.066  9.856   0.56 47.60  ? 306 JH1 A C02 1 
HETATM 1247 N N03 . JH1 G 5 .   ? -5.273  -3.818  9.291   0.56 44.61  ? 306 JH1 A N03 1 
HETATM 1248 C C04 . JH1 G 5 .   ? -4.790  -2.678  8.777   0.56 42.54  ? 306 JH1 A C04 1 
HETATM 1249 C C05 . JH1 G 5 .   ? -3.469  -2.931  8.412   0.56 43.12  ? 306 JH1 A C05 1 
HETATM 1250 C C06 . JH1 G 5 .   ? -3.255  -4.275  8.750   0.56 41.79  ? 306 JH1 A C06 1 
HETATM 1251 N N07 . JH1 G 5 .   ? -4.343  -4.803  9.281   0.56 40.35  ? 306 JH1 A N07 1 
HETATM 1252 C C08 . JH1 G 5 .   ? -2.562  -1.973  7.752   0.56 40.90  ? 306 JH1 A C08 1 
HETATM 1253 O O09 . JH1 G 5 .   ? -2.988  -0.873  7.361   0.56 38.54  ? 306 JH1 A O09 1 
HETATM 1254 N N10 . JH1 G 5 .   ? -1.287  -2.358  7.570   0.56 36.11  ? 306 JH1 A N10 1 
HETATM 1255 C C11 . JH1 G 5 .   ? -0.253  -1.420  7.138   0.56 38.53  ? 306 JH1 A C11 1 
HETATM 1256 C C12 . JH1 G 5 .   ? -0.181  -0.208  8.038   0.56 37.63  ? 306 JH1 A C12 1 
HETATM 1257 C C14 . JH1 G 5 .   ? -0.405  2.164   8.378   0.56 37.87  ? 306 JH1 A C14 1 
HETATM 1258 C C16 . JH1 G 5 .   ? 0.245   0.761   10.209  0.56 33.84  ? 306 JH1 A C16 1 
HETATM 1259 F F18 . JH1 G 5 .   ? 0.015   3.084   10.489  0.56 39.82  ? 306 JH1 A F18 1 
HETATM 1260 O O   . HOH H 6 .   ? -5.235  6.273   -12.324 1.00 50.54  ? 401 HOH A O   1 
HETATM 1261 O O   . HOH H 6 .   ? 2.047   -5.386  -14.663 1.00 47.38  ? 402 HOH A O   1 
HETATM 1262 O O   . HOH H 6 .   ? 15.476  1.186   1.058   1.00 54.23  ? 403 HOH A O   1 
HETATM 1263 O O   . HOH H 6 .   ? 0.192   7.583   10.102  1.00 51.59  ? 404 HOH A O   1 
HETATM 1264 O O   . HOH H 6 .   ? 6.361   -4.737  -12.427 1.00 44.93  ? 405 HOH A O   1 
HETATM 1265 O O   . HOH H 6 .   ? 3.473   16.186  -7.374  1.00 46.89  ? 406 HOH A O   1 
HETATM 1266 O O   . HOH H 6 .   ? -1.737  -18.705 6.903   1.00 65.24  ? 407 HOH A O   1 
HETATM 1267 O O   . HOH H 6 .   ? 9.571   -7.026  10.569  1.00 46.21  ? 408 HOH A O   1 
HETATM 1268 O O   . HOH H 6 .   ? 1.951   -6.726  17.413  1.00 39.93  ? 409 HOH A O   1 
HETATM 1269 O O   . HOH H 6 .   ? -2.641  17.921  5.451   1.00 54.91  ? 410 HOH A O   1 
HETATM 1270 O O   . HOH H 6 .   ? -5.223  19.797  2.514   1.00 51.47  ? 411 HOH A O   1 
HETATM 1271 O O   . HOH H 6 .   ? -11.936 12.437  1.141   1.00 48.72  ? 412 HOH A O   1 
HETATM 1272 O O   . HOH H 6 .   ? 1.367   5.497   12.083  1.00 48.54  ? 413 HOH A O   1 
HETATM 1273 O O   . HOH H 6 .   ? -7.533  -9.155  1.492   1.00 47.96  ? 414 HOH A O   1 
HETATM 1274 O O   . HOH H 6 .   ? 0.348   -0.036  14.121  1.00 35.55  ? 415 HOH A O   1 
HETATM 1275 O O   . HOH H 6 .   ? 3.643   -6.540  14.005  1.00 33.83  ? 416 HOH A O   1 
HETATM 1276 O O   . HOH H 6 .   ? -5.925  -1.366  -12.579 1.00 44.45  ? 417 HOH A O   1 
HETATM 1277 O O   . HOH H 6 .   ? -6.049  13.289  -7.231  1.00 52.88  ? 418 HOH A O   1 
HETATM 1278 O O   . HOH H 6 .   ? -1.828  -7.207  5.909   1.00 31.54  ? 419 HOH A O   1 
HETATM 1279 O O   . HOH H 6 .   ? 4.460   9.601   -9.593  1.00 31.02  ? 420 HOH A O   1 
HETATM 1280 O O   . HOH H 6 .   ? -12.036 -22.384 2.010   1.00 43.70  ? 421 HOH A O   1 
HETATM 1281 O O   . HOH H 6 .   ? 10.935  -7.955  2.043   1.00 36.72  ? 422 HOH A O   1 
HETATM 1282 O O   . HOH H 6 .   ? -18.224 -7.694  3.556   1.00 55.64  ? 423 HOH A O   1 
HETATM 1283 O O   . HOH H 6 .   ? -9.536  -16.354 -2.812  1.00 62.59  ? 424 HOH A O   1 
HETATM 1284 O O   . HOH H 6 .   ? 9.851   -4.213  -14.745 1.00 50.66  ? 425 HOH A O   1 
HETATM 1285 O O   . HOH H 6 .   ? -5.409  -8.353  -6.138  1.00 34.78  ? 426 HOH A O   1 
HETATM 1286 O O   . HOH H 6 .   ? -9.728  16.113  11.279  1.00 61.60  ? 427 HOH A O   1 
HETATM 1287 O O   . HOH H 6 .   ? 5.007   11.622  1.760   1.00 37.61  ? 428 HOH A O   1 
HETATM 1288 O O   . HOH H 6 .   ? -18.347 -1.476  -0.665  1.00 52.00  ? 429 HOH A O   1 
HETATM 1289 O O   . HOH H 6 .   ? 2.657   8.190   -11.016 1.00 38.81  ? 430 HOH A O   1 
HETATM 1290 O O   . HOH H 6 .   ? 0.716   16.669  3.399   1.00 40.77  ? 431 HOH A O   1 
HETATM 1291 O O   . HOH H 6 .   ? 11.240  13.097  -1.059  1.00 39.86  ? 432 HOH A O   1 
HETATM 1292 O O   . HOH H 6 .   ? 15.401  -8.898  -12.463 1.00 54.40  ? 433 HOH A O   1 
HETATM 1293 O O   . HOH H 6 .   ? 14.307  -6.362  -7.578  1.00 71.15  ? 434 HOH A O   1 
HETATM 1294 O O   . HOH H 6 .   ? 8.169   -8.276  -9.383  1.00 37.25  ? 435 HOH A O   1 
HETATM 1295 O O   . HOH H 6 .   ? 15.294  8.675   -2.657  1.00 44.59  ? 436 HOH A O   1 
HETATM 1296 O O   . HOH H 6 .   ? 3.965   4.368   27.069  1.00 43.46  ? 437 HOH A O   1 
HETATM 1297 O O   . HOH H 6 .   ? 18.871  2.132   -5.043  1.00 60.58  ? 438 HOH A O   1 
HETATM 1298 O O   . HOH H 6 .   ? -9.459  -5.860  -5.357  1.00 42.07  ? 439 HOH A O   1 
HETATM 1299 O O   . HOH H 6 .   ? 8.494   15.335  -2.301  1.00 41.88  ? 440 HOH A O   1 
HETATM 1300 O O   . HOH H 6 .   ? -1.537  -7.505  -15.754 1.00 59.91  ? 441 HOH A O   1 
HETATM 1301 O O   . HOH H 6 .   ? 4.114   2.077   -0.814  1.00 26.77  ? 442 HOH A O   1 
HETATM 1302 O O   . HOH H 6 .   ? 11.715  12.445  1.527   1.00 39.63  ? 443 HOH A O   1 
HETATM 1303 O O   . HOH H 6 .   ? -2.616  -0.606  4.554   1.00 31.49  ? 444 HOH A O   1 
HETATM 1304 O O   . HOH H 6 .   ? -6.949  3.092   -11.162 1.00 48.08  ? 445 HOH A O   1 
HETATM 1305 O O   . HOH H 6 .   ? -12.253 13.382  7.959   1.00 64.41  ? 446 HOH A O   1 
HETATM 1306 O O   . HOH H 6 .   ? -6.997  -3.483  1.962   1.00 56.17  ? 447 HOH A O   1 
HETATM 1307 O O   . HOH H 6 .   ? 1.865   17.397  -3.555  1.00 55.43  ? 448 HOH A O   1 
HETATM 1308 O O   . HOH H 6 .   ? -7.456  -5.421  -11.700 1.00 58.88  ? 449 HOH A O   1 
HETATM 1309 O O   . HOH H 6 .   ? 12.001  -8.194  -7.289  1.00 59.53  ? 450 HOH A O   1 
HETATM 1310 O O   . HOH H 6 .   ? 10.617  -9.354  7.871   1.00 45.35  ? 451 HOH A O   1 
HETATM 1311 O O   . HOH H 6 .   ? 0.609   9.489   -8.060  1.00 33.54  ? 452 HOH A O   1 
HETATM 1312 O O   . HOH H 6 .   ? 6.775   -10.647 8.319   1.00 39.90  ? 453 HOH A O   1 
HETATM 1313 O O   . HOH H 6 .   ? -5.641  6.356   10.044  1.00 43.97  ? 454 HOH A O   1 
HETATM 1314 O O   . HOH H 6 .   ? 5.498   20.108  -4.578  1.00 56.20  ? 455 HOH A O   1 
HETATM 1315 O O   . HOH H 6 .   ? -8.893  2.868   -9.176  1.00 51.21  ? 456 HOH A O   1 
HETATM 1316 O O   . HOH H 6 .   ? -2.763  -1.790  2.003   1.00 30.21  ? 457 HOH A O   1 
HETATM 1317 O O   . HOH H 6 .   ? -10.293 -14.361 7.061   1.00 62.06  ? 458 HOH A O   1 
HETATM 1318 O O   . HOH H 6 .   ? 1.356   -15.239 5.788   1.00 42.62  ? 459 HOH A O   1 
HETATM 1319 O O   . HOH H 6 .   ? 9.881   -10.167 -1.978  1.00 32.39  ? 460 HOH A O   1 
HETATM 1320 O O   . HOH H 6 .   ? -4.300  -3.749  -18.119 1.00 69.16  ? 461 HOH A O   1 
HETATM 1321 O O   . HOH H 6 .   ? -13.928 -1.230  -5.190  1.00 48.99  ? 462 HOH A O   1 
HETATM 1322 O O   . HOH H 6 .   ? 10.627  20.922  -3.489  1.00 60.19  ? 463 HOH A O   1 
HETATM 1323 O O   . HOH H 6 .   ? 13.749  -3.981  2.012   1.00 38.69  ? 464 HOH A O   1 
HETATM 1324 O O   . HOH H 6 .   ? 17.721  8.282   1.647   1.00 53.80  ? 465 HOH A O   1 
HETATM 1325 O O   . HOH H 6 .   ? 1.957   17.727  1.014   1.00 56.09  ? 466 HOH A O   1 
HETATM 1326 O O   . HOH H 6 .   ? -6.261  16.008  -4.002  1.00 45.58  ? 467 HOH A O   1 
HETATM 1327 O O   . HOH H 6 .   ? -0.242  15.899  -11.156 1.00 57.96  ? 468 HOH A O   1 
HETATM 1328 O O   . HOH H 6 .   ? 3.377   -10.026 9.671   1.00 53.57  ? 469 HOH A O   1 
HETATM 1329 O O   . HOH H 6 .   ? 0.933   16.269  -1.581  1.00 51.82  ? 470 HOH A O   1 
HETATM 1330 O O   . HOH H 6 .   ? -9.013  -0.038  -8.763  1.00 61.24  ? 471 HOH A O   1 
HETATM 1331 O O   . HOH H 6 .   ? 20.012  7.065   0.581   1.00 67.77  ? 472 HOH A O   1 
HETATM 1332 O O   . HOH H 6 .   ? -15.243 6.735   2.017   1.00 59.88  ? 473 HOH A O   1 
HETATM 1333 O O   . HOH H 6 .   ? -6.624  -25.874 3.884   1.00 72.83  ? 474 HOH A O   1 
HETATM 1334 O O   . HOH H 6 .   ? 2.157   -15.069 0.529   1.00 40.77  ? 475 HOH A O   1 
HETATM 1335 O O   . HOH H 6 .   ? -8.107  -10.566 -3.105  1.00 66.59  ? 476 HOH A O   1 
HETATM 1336 O O   . HOH H 6 .   ? -8.048  -3.211  -12.786 1.00 58.43  ? 477 HOH A O   1 
HETATM 1337 O O   . HOH H 6 .   ? 13.923  10.707  1.853   1.00 50.65  ? 478 HOH A O   1 
HETATM 1338 O O   . HOH H 6 .   ? 15.205  -3.887  5.491   1.00 65.80  ? 479 HOH A O   1 
HETATM 1339 O O   . HOH H 6 .   ? -7.349  0.438   -11.174 1.00 57.11  ? 480 HOH A O   1 
HETATM 1340 O O   . HOH H 6 .   ? 6.775   -12.493 0.124   1.00 64.17  ? 481 HOH A O   1 
HETATM 1341 O O   . HOH H 6 .   ? 12.293  14.923  3.062   1.00 55.80  ? 482 HOH A O   1 
# 
